data_2OCT
# 
_entry.id   2OCT 
# 
_audit_conform.dict_name       mmcif_pdbx.dic 
_audit_conform.dict_version    5.377 
_audit_conform.dict_location   http://mmcif.pdb.org/dictionaries/ascii/mmcif_pdbx.dic 
# 
loop_
_database_2.database_id 
_database_2.database_code 
_database_2.pdbx_database_accession 
_database_2.pdbx_DOI 
PDB   2OCT         pdb_00002oct 10.2210/pdb2oct/pdb 
RCSB  RCSB040973   ?            ?                   
WWPDB D_1000040973 ?            ?                   
# 
_pdbx_database_status.status_code                     REL 
_pdbx_database_status.entry_id                        2OCT 
_pdbx_database_status.recvd_initial_deposition_date   2006-12-21 
_pdbx_database_status.deposit_site                    RCSB 
_pdbx_database_status.process_site                    RCSB 
_pdbx_database_status.status_code_sf                  REL 
_pdbx_database_status.status_code_mr                  ? 
_pdbx_database_status.SG_entry                        ? 
_pdbx_database_status.pdb_format_compatible           Y 
_pdbx_database_status.status_code_cs                  ? 
_pdbx_database_status.status_code_nmr_data            ? 
_pdbx_database_status.methods_development_category    ? 
# 
loop_
_audit_author.name 
_audit_author.pdbx_ordinal 
'Jenko Kokalj, S.' 1 
'Guncar, G.'       2 
'Turk, D.'         3 
# 
_citation.id                        primary 
_citation.title                     'Essential role of proline isomerization in stefin B tetramer formation.' 
_citation.journal_abbrev            J.Mol.Biol. 
_citation.journal_volume            366 
_citation.page_first                1569 
_citation.page_last                 1579 
_citation.year                      2007 
_citation.journal_id_ASTM           JMOBAK 
_citation.country                   UK 
_citation.journal_id_ISSN           0022-2836 
_citation.journal_id_CSD            0070 
_citation.book_publisher            ? 
_citation.pdbx_database_id_PubMed   17217964 
_citation.pdbx_database_id_DOI      10.1016/j.jmb.2006.12.025 
# 
loop_
_citation_author.citation_id 
_citation_author.name 
_citation_author.ordinal 
_citation_author.identifier_ORCID 
primary 'Jenko Kokalj, S.' 1  ? 
primary 'Guncar, G.'       2  ? 
primary 'Stern, I.'        3  ? 
primary 'Morgan, G.'       4  ? 
primary 'Rabzelj, S.'      5  ? 
primary 'Kenig, M.'        6  ? 
primary 'Staniforth, R.A.' 7  ? 
primary 'Waltho, J.P.'     8  ? 
primary 'Zerovnik, E.'     9  ? 
primary 'Turk, D.'         10 ? 
# 
_cell.entry_id           2OCT 
_cell.length_a           120.123 
_cell.length_b           30.857 
_cell.length_c           51.349 
_cell.angle_alpha        90.00 
_cell.angle_beta         95.81 
_cell.angle_gamma        90.00 
_cell.Z_PDB              8 
_cell.pdbx_unique_axis   ? 
_cell.length_a_esd       ? 
_cell.length_b_esd       ? 
_cell.length_c_esd       ? 
_cell.angle_alpha_esd    ? 
_cell.angle_beta_esd     ? 
_cell.angle_gamma_esd    ? 
# 
_symmetry.entry_id                         2OCT 
_symmetry.space_group_name_H-M             'C 1 2 1' 
_symmetry.pdbx_full_space_group_name_H-M   ? 
_symmetry.cell_setting                     ? 
_symmetry.Int_Tables_number                5 
_symmetry.space_group_name_Hall            ? 
# 
loop_
_entity.id 
_entity.type 
_entity.src_method 
_entity.pdbx_description 
_entity.formula_weight 
_entity.pdbx_number_of_molecules 
_entity.pdbx_ec 
_entity.pdbx_mutation 
_entity.pdbx_fragment 
_entity.details 
1 polymer man 'Cystatin B' 11163.533 2   ? 'C3S, P79S' ? ? 
2 water   nat water        18.015    172 ? ?           ? ? 
# 
_entity_name_com.entity_id   1 
_entity_name_com.name        'Liver thiol proteinase inhibitor, CPI-B, Stefin B' 
# 
_entity_poly.entity_id                      1 
_entity_poly.type                           'polypeptide(L)' 
_entity_poly.nstd_linkage                   no 
_entity_poly.nstd_monomer                   no 
_entity_poly.pdbx_seq_one_letter_code       
;MMSGAPSATQPATAETQHIADQVRSQLEEKYNKKFPVFKAVSFKSQVVAGTNYFIKVHVGDEDFVHLRVFQSLPHENKSL
TLSNYQTNKAKHDELTYF
;
_entity_poly.pdbx_seq_one_letter_code_can   
;MMSGAPSATQPATAETQHIADQVRSQLEEKYNKKFPVFKAVSFKSQVVAGTNYFIKVHVGDEDFVHLRVFQSLPHENKSL
TLSNYQTNKAKHDELTYF
;
_entity_poly.pdbx_strand_id                 A,B 
_entity_poly.pdbx_target_identifier         ? 
# 
loop_
_entity_poly_seq.entity_id 
_entity_poly_seq.num 
_entity_poly_seq.mon_id 
_entity_poly_seq.hetero 
1 1  MET n 
1 2  MET n 
1 3  SER n 
1 4  GLY n 
1 5  ALA n 
1 6  PRO n 
1 7  SER n 
1 8  ALA n 
1 9  THR n 
1 10 GLN n 
1 11 PRO n 
1 12 ALA n 
1 13 THR n 
1 14 ALA n 
1 15 GLU n 
1 16 THR n 
1 17 GLN n 
1 18 HIS n 
1 19 ILE n 
1 20 ALA n 
1 21 ASP n 
1 22 GLN n 
1 23 VAL n 
1 24 ARG n 
1 25 SER n 
1 26 GLN n 
1 27 LEU n 
1 28 GLU n 
1 29 GLU n 
1 30 LYS n 
1 31 TYR n 
1 32 ASN n 
1 33 LYS n 
1 34 LYS n 
1 35 PHE n 
1 36 PRO n 
1 37 VAL n 
1 38 PHE n 
1 39 LYS n 
1 40 ALA n 
1 41 VAL n 
1 42 SER n 
1 43 PHE n 
1 44 LYS n 
1 45 SER n 
1 46 GLN n 
1 47 VAL n 
1 48 VAL n 
1 49 ALA n 
1 50 GLY n 
1 51 THR n 
1 52 ASN n 
1 53 TYR n 
1 54 PHE n 
1 55 ILE n 
1 56 LYS n 
1 57 VAL n 
1 58 HIS n 
1 59 VAL n 
1 60 GLY n 
1 61 ASP n 
1 62 GLU n 
1 63 ASP n 
1 64 PHE n 
1 65 VAL n 
1 66 HIS n 
1 67 LEU n 
1 68 ARG n 
1 69 VAL n 
1 70 PHE n 
1 71 GLN n 
1 72 SER n 
1 73 LEU n 
1 74 PRO n 
1 75 HIS n 
1 76 GLU n 
1 77 ASN n 
1 78 LYS n 
1 79 SER n 
1 80 LEU n 
1 81 THR n 
1 82 LEU n 
1 83 SER n 
1 84 ASN n 
1 85 TYR n 
1 86 GLN n 
1 87 THR n 
1 88 ASN n 
1 89 LYS n 
1 90 ALA n 
1 91 LYS n 
1 92 HIS n 
1 93 ASP n 
1 94 GLU n 
1 95 LEU n 
1 96 THR n 
1 97 TYR n 
1 98 PHE n 
# 
_entity_src_gen.entity_id                          1 
_entity_src_gen.pdbx_src_id                        1 
_entity_src_gen.pdbx_alt_source_flag               sample 
_entity_src_gen.pdbx_seq_type                      ? 
_entity_src_gen.pdbx_beg_seq_num                   ? 
_entity_src_gen.pdbx_end_seq_num                   ? 
_entity_src_gen.gene_src_common_name               human 
_entity_src_gen.gene_src_genus                     Homo 
_entity_src_gen.pdbx_gene_src_gene                 CSTB 
_entity_src_gen.gene_src_species                   ? 
_entity_src_gen.gene_src_strain                    ? 
_entity_src_gen.gene_src_tissue                    ? 
_entity_src_gen.gene_src_tissue_fraction           ? 
_entity_src_gen.gene_src_details                   ? 
_entity_src_gen.pdbx_gene_src_fragment             ? 
_entity_src_gen.pdbx_gene_src_scientific_name      'Homo sapiens' 
_entity_src_gen.pdbx_gene_src_ncbi_taxonomy_id     9606 
_entity_src_gen.pdbx_gene_src_variant              ? 
_entity_src_gen.pdbx_gene_src_cell_line            ? 
_entity_src_gen.pdbx_gene_src_atcc                 ? 
_entity_src_gen.pdbx_gene_src_organ                ? 
_entity_src_gen.pdbx_gene_src_organelle            ? 
_entity_src_gen.pdbx_gene_src_cell                 ? 
_entity_src_gen.pdbx_gene_src_cellular_location    ? 
_entity_src_gen.host_org_common_name               ? 
_entity_src_gen.pdbx_host_org_scientific_name      'Escherichia coli' 
_entity_src_gen.pdbx_host_org_ncbi_taxonomy_id     562 
_entity_src_gen.host_org_genus                     Escherichia 
_entity_src_gen.pdbx_host_org_gene                 ? 
_entity_src_gen.pdbx_host_org_organ                ? 
_entity_src_gen.host_org_species                   ? 
_entity_src_gen.pdbx_host_org_tissue               ? 
_entity_src_gen.pdbx_host_org_tissue_fraction      ? 
_entity_src_gen.pdbx_host_org_strain               'BL21(DE3)pLysS' 
_entity_src_gen.pdbx_host_org_variant              ? 
_entity_src_gen.pdbx_host_org_cell_line            ? 
_entity_src_gen.pdbx_host_org_atcc                 ? 
_entity_src_gen.pdbx_host_org_culture_collection   ? 
_entity_src_gen.pdbx_host_org_cell                 ? 
_entity_src_gen.pdbx_host_org_organelle            ? 
_entity_src_gen.pdbx_host_org_cellular_location    ? 
_entity_src_gen.pdbx_host_org_vector_type          Plasmid 
_entity_src_gen.pdbx_host_org_vector               ? 
_entity_src_gen.host_org_details                   ? 
_entity_src_gen.expression_system_id               ? 
_entity_src_gen.plasmid_name                       pET-11a 
_entity_src_gen.plasmid_details                    ? 
_entity_src_gen.pdbx_description                   ? 
# 
_struct_ref.id                         1 
_struct_ref.db_name                    UNP 
_struct_ref.db_code                    CYTB_HUMAN 
_struct_ref.pdbx_db_accession          P04080 
_struct_ref.entity_id                  1 
_struct_ref.pdbx_seq_one_letter_code   
;MMCGAPSATQPATAETQHIADQVRSQLEEKENKKFPVFKAVSFKSQVVAGTNYFIKVHVGDEDFVHLRVFQSLPHENKPL
TLSNYQTNKAKHDELTYF
;
_struct_ref.pdbx_align_begin           1 
_struct_ref.pdbx_db_isoform            ? 
# 
loop_
_struct_ref_seq.align_id 
_struct_ref_seq.ref_id 
_struct_ref_seq.pdbx_PDB_id_code 
_struct_ref_seq.pdbx_strand_id 
_struct_ref_seq.seq_align_beg 
_struct_ref_seq.pdbx_seq_align_beg_ins_code 
_struct_ref_seq.seq_align_end 
_struct_ref_seq.pdbx_seq_align_end_ins_code 
_struct_ref_seq.pdbx_db_accession 
_struct_ref_seq.db_align_beg 
_struct_ref_seq.pdbx_db_align_beg_ins_code 
_struct_ref_seq.db_align_end 
_struct_ref_seq.pdbx_db_align_end_ins_code 
_struct_ref_seq.pdbx_auth_seq_align_beg 
_struct_ref_seq.pdbx_auth_seq_align_end 
1 1 2OCT A 1 ? 98 ? P04080 1 ? 98 ? 1 98 
2 1 2OCT B 1 ? 98 ? P04080 1 ? 98 ? 1 98 
# 
loop_
_struct_ref_seq_dif.align_id 
_struct_ref_seq_dif.pdbx_pdb_id_code 
_struct_ref_seq_dif.mon_id 
_struct_ref_seq_dif.pdbx_pdb_strand_id 
_struct_ref_seq_dif.seq_num 
_struct_ref_seq_dif.pdbx_pdb_ins_code 
_struct_ref_seq_dif.pdbx_seq_db_name 
_struct_ref_seq_dif.pdbx_seq_db_accession_code 
_struct_ref_seq_dif.db_mon_id 
_struct_ref_seq_dif.pdbx_seq_db_seq_num 
_struct_ref_seq_dif.details 
_struct_ref_seq_dif.pdbx_auth_seq_num 
_struct_ref_seq_dif.pdbx_ordinal 
1 2OCT SER A 3  ? UNP P04080 CYS 3  'engineered mutation' 3  1 
1 2OCT TYR A 31 ? UNP P04080 GLU 31 variant               31 2 
1 2OCT SER A 79 ? UNP P04080 PRO 79 'engineered mutation' 79 3 
2 2OCT SER B 3  ? UNP P04080 CYS 3  'engineered mutation' 3  4 
2 2OCT TYR B 31 ? UNP P04080 GLU 31 variant               31 5 
2 2OCT SER B 79 ? UNP P04080 PRO 79 'engineered mutation' 79 6 
# 
loop_
_chem_comp.id 
_chem_comp.type 
_chem_comp.mon_nstd_flag 
_chem_comp.name 
_chem_comp.pdbx_synonyms 
_chem_comp.formula 
_chem_comp.formula_weight 
ALA 'L-peptide linking' y ALANINE         ? 'C3 H7 N O2'     89.093  
ARG 'L-peptide linking' y ARGININE        ? 'C6 H15 N4 O2 1' 175.209 
ASN 'L-peptide linking' y ASPARAGINE      ? 'C4 H8 N2 O3'    132.118 
ASP 'L-peptide linking' y 'ASPARTIC ACID' ? 'C4 H7 N O4'     133.103 
CYS 'L-peptide linking' y CYSTEINE        ? 'C3 H7 N O2 S'   121.158 
GLN 'L-peptide linking' y GLUTAMINE       ? 'C5 H10 N2 O3'   146.144 
GLU 'L-peptide linking' y 'GLUTAMIC ACID' ? 'C5 H9 N O4'     147.129 
GLY 'peptide linking'   y GLYCINE         ? 'C2 H5 N O2'     75.067  
HIS 'L-peptide linking' y HISTIDINE       ? 'C6 H10 N3 O2 1' 156.162 
HOH non-polymer         . WATER           ? 'H2 O'           18.015  
ILE 'L-peptide linking' y ISOLEUCINE      ? 'C6 H13 N O2'    131.173 
LEU 'L-peptide linking' y LEUCINE         ? 'C6 H13 N O2'    131.173 
LYS 'L-peptide linking' y LYSINE          ? 'C6 H15 N2 O2 1' 147.195 
MET 'L-peptide linking' y METHIONINE      ? 'C5 H11 N O2 S'  149.211 
PHE 'L-peptide linking' y PHENYLALANINE   ? 'C9 H11 N O2'    165.189 
PRO 'L-peptide linking' y PROLINE         ? 'C5 H9 N O2'     115.130 
SER 'L-peptide linking' y SERINE          ? 'C3 H7 N O3'     105.093 
THR 'L-peptide linking' y THREONINE       ? 'C4 H9 N O3'     119.119 
TYR 'L-peptide linking' y TYROSINE        ? 'C9 H11 N O3'    181.189 
VAL 'L-peptide linking' y VALINE          ? 'C5 H11 N O2'    117.146 
# 
_exptl.entry_id          2OCT 
_exptl.method            'X-RAY DIFFRACTION' 
_exptl.crystals_number   1 
# 
_exptl_crystal.id                    1 
_exptl_crystal.density_meas          ? 
_exptl_crystal.density_Matthews      2.12 
_exptl_crystal.density_percent_sol   41.97 
_exptl_crystal.description           ? 
_exptl_crystal.F_000                 ? 
_exptl_crystal.preparation           ? 
# 
_exptl_crystal_grow.crystal_id      1 
_exptl_crystal_grow.method          'VAPOR DIFFUSION, SITTING DROP' 
_exptl_crystal_grow.temp            295 
_exptl_crystal_grow.temp_details    ? 
_exptl_crystal_grow.pH              7.5 
_exptl_crystal_grow.pdbx_details    
'30 % MPD, 0.1 M HEPES, 1.4-butanediol as additive, pH 7.5, VAPOR DIFFUSION, SITTING DROP, temperature 295K' 
_exptl_crystal_grow.pdbx_pH_range   . 
# 
_diffrn.id                     1 
_diffrn.ambient_temp           110 
_diffrn.ambient_temp_details   ? 
_diffrn.crystal_id             1 
# 
_diffrn_radiation.diffrn_id                        1 
_diffrn_radiation.wavelength_id                    1 
_diffrn_radiation.pdbx_monochromatic_or_laue_m_l   M 
_diffrn_radiation.monochromator                    ? 
_diffrn_radiation.pdbx_diffrn_protocol             'SINGLE WAVELENGTH' 
_diffrn_radiation.pdbx_scattering_type             x-ray 
# 
_diffrn_radiation_wavelength.id           1 
_diffrn_radiation_wavelength.wavelength   1.0000 
_diffrn_radiation_wavelength.wt           1.0 
# 
_diffrn_source.diffrn_id                   1 
_diffrn_source.source                      SYNCHROTRON 
_diffrn_source.type                        'ELETTRA BEAMLINE 5.2R' 
_diffrn_source.pdbx_synchrotron_site       ELETTRA 
_diffrn_source.pdbx_synchrotron_beamline   5.2R 
_diffrn_source.pdbx_wavelength             ? 
_diffrn_source.pdbx_wavelength_list        1.0000 
# 
_reflns.entry_id                     2OCT 
_reflns.observed_criterion_sigma_F   ? 
_reflns.observed_criterion_sigma_I   ? 
_reflns.d_resolution_high            1.4 
_reflns.d_resolution_low             100 
_reflns.number_all                   ? 
_reflns.number_obs                   37806 
_reflns.percent_possible_obs         ? 
_reflns.pdbx_Rmerge_I_obs            0.11 
_reflns.pdbx_Rsym_value              ? 
_reflns.pdbx_netI_over_sigmaI        ? 
_reflns.B_iso_Wilson_estimate        ? 
_reflns.pdbx_redundancy              ? 
_reflns.R_free_details               ? 
_reflns.limit_h_max                  ? 
_reflns.limit_h_min                  ? 
_reflns.limit_k_max                  ? 
_reflns.limit_k_min                  ? 
_reflns.limit_l_max                  ? 
_reflns.limit_l_min                  ? 
_reflns.observed_criterion_F_max     ? 
_reflns.observed_criterion_F_min     ? 
_reflns.pdbx_chi_squared             ? 
_reflns.pdbx_scaling_rejects         ? 
_reflns.pdbx_ordinal                 1 
_reflns.pdbx_diffrn_id               1 
# 
_reflns_shell.d_res_high             1.4 
_reflns_shell.d_res_low              1.45 
_reflns_shell.percent_possible_all   100 
_reflns_shell.Rmerge_I_obs           0.587 
_reflns_shell.pdbx_Rsym_value        ? 
_reflns_shell.meanI_over_sigI_obs    ? 
_reflns_shell.pdbx_redundancy        ? 
_reflns_shell.percent_possible_obs   ? 
_reflns_shell.number_unique_all      3709 
_reflns_shell.number_measured_all    ? 
_reflns_shell.number_measured_obs    ? 
_reflns_shell.number_unique_obs      ? 
_reflns_shell.pdbx_chi_squared       ? 
_reflns_shell.pdbx_ordinal           1 
_reflns_shell.pdbx_diffrn_id         1 
# 
_refine.entry_id                                 2OCT 
_refine.ls_d_res_high                            1.4 
_refine.ls_d_res_low                             10 
_refine.pdbx_ls_sigma_F                          2.0 
_refine.pdbx_ls_sigma_I                          2.0 
_refine.ls_number_reflns_all                     75962 
_refine.ls_number_reflns_obs                     35894 
_refine.ls_number_reflns_R_free                  1818 
_refine.ls_percent_reflns_obs                    ? 
_refine.ls_R_factor_all                          ? 
_refine.ls_R_factor_obs                          0.18 
_refine.ls_R_factor_R_work                       0.176 
_refine.ls_R_factor_R_free                       0.189 
_refine.ls_redundancy_reflns_obs                 ? 
_refine.pdbx_data_cutoff_high_absF               ? 
_refine.pdbx_data_cutoff_low_absF                ? 
_refine.ls_number_parameters                     ? 
_refine.ls_number_restraints                     ? 
_refine.ls_percent_reflns_R_free                 ? 
_refine.ls_R_factor_R_free_error                 ? 
_refine.ls_R_factor_R_free_error_details         ? 
_refine.pdbx_method_to_determine_struct          'MOLECULAR REPLACEMENT' 
_refine.pdbx_starting_model                      'PDB ENTRY 1STF' 
_refine.pdbx_ls_cross_valid_method               THROUGHOUT 
_refine.pdbx_R_Free_selection_details            RANDOM 
_refine.pdbx_stereochem_target_val_spec_case     ? 
_refine.pdbx_stereochemistry_target_values       'Engh & Huber' 
_refine.solvent_model_details                    ? 
_refine.solvent_model_param_bsol                 ? 
_refine.solvent_model_param_ksol                 ? 
_refine.occupancy_max                            ? 
_refine.occupancy_min                            ? 
_refine.pdbx_isotropic_thermal_model             Overall 
_refine.B_iso_mean                               32.4 
_refine.aniso_B[1][1]                            ? 
_refine.aniso_B[1][2]                            ? 
_refine.aniso_B[1][3]                            ? 
_refine.aniso_B[2][2]                            ? 
_refine.aniso_B[2][3]                            ? 
_refine.aniso_B[3][3]                            ? 
_refine.details                                  ? 
_refine.B_iso_min                                ? 
_refine.B_iso_max                                ? 
_refine.correlation_coeff_Fo_to_Fc               ? 
_refine.correlation_coeff_Fo_to_Fc_free          ? 
_refine.pdbx_solvent_vdw_probe_radii             ? 
_refine.pdbx_solvent_ion_probe_radii             ? 
_refine.pdbx_solvent_shrinkage_radii             ? 
_refine.overall_SU_R_Cruickshank_DPI             ? 
_refine.overall_SU_R_free                        ? 
_refine.overall_SU_ML                            ? 
_refine.overall_SU_B                             ? 
_refine.pdbx_overall_ESU_R_Free                  ? 
_refine.pdbx_data_cutoff_high_rms_absF           ? 
_refine.pdbx_overall_ESU_R                       ? 
_refine.ls_wR_factor_R_free                      ? 
_refine.ls_wR_factor_R_work                      ? 
_refine.overall_FOM_free_R_set                   ? 
_refine.overall_FOM_work_R_set                   ? 
_refine.pdbx_refine_id                           'X-RAY DIFFRACTION' 
_refine.pdbx_diffrn_id                           1 
_refine.pdbx_TLS_residual_ADP_flag               ? 
_refine.pdbx_overall_phase_error                 ? 
_refine.pdbx_overall_SU_R_free_Cruickshank_DPI   ? 
_refine.pdbx_overall_SU_R_Blow_DPI               ? 
_refine.pdbx_overall_SU_R_free_Blow_DPI          ? 
# 
_refine_hist.pdbx_refine_id                   'X-RAY DIFFRACTION' 
_refine_hist.cycle_id                         LAST 
_refine_hist.pdbx_number_atoms_protein        1546 
_refine_hist.pdbx_number_atoms_nucleic_acid   0 
_refine_hist.pdbx_number_atoms_ligand         0 
_refine_hist.number_atoms_solvent             172 
_refine_hist.number_atoms_total               1718 
_refine_hist.d_res_high                       1.4 
_refine_hist.d_res_low                        10 
# 
loop_
_refine_ls_restr.type 
_refine_ls_restr.dev_ideal 
_refine_ls_restr.dev_ideal_target 
_refine_ls_restr.weight 
_refine_ls_restr.number 
_refine_ls_restr.pdbx_refine_id 
_refine_ls_restr.pdbx_restraint_function 
c_bond_d    0.0145 ? ? ? 'X-RAY DIFFRACTION' ? 
c_angle_deg 2.28   ? ? ? 'X-RAY DIFFRACTION' ? 
# 
_struct.entry_id                  2OCT 
_struct.title                     'Stefin B (Cystatin B) tetramer' 
_struct.pdbx_model_details        ? 
_struct.pdbx_CASP_flag            ? 
_struct.pdbx_model_type_details   ? 
# 
_struct_keywords.entry_id        2OCT 
_struct_keywords.pdbx_keywords   'PROTEIN BINDING' 
_struct_keywords.text            'stefin, cystatin, amyloid, domain-swapping, hand shaking, proline isomerization, PROTEIN BINDING' 
# 
loop_
_struct_asym.id 
_struct_asym.pdbx_blank_PDB_chainid_flag 
_struct_asym.pdbx_modified 
_struct_asym.entity_id 
_struct_asym.details 
A N N 1 ? 
B N N 1 ? 
C N N 2 ? 
D N N 2 ? 
# 
_struct_biol.id                    1 
_struct_biol.details               
;The second part of the biological assembly is generated 
by the two fold axis:  -x, y, -z+1.
;
_struct_biol.pdbx_parent_biol_id   ? 
# 
loop_
_struct_conf.conf_type_id 
_struct_conf.id 
_struct_conf.pdbx_PDB_helix_id 
_struct_conf.beg_label_comp_id 
_struct_conf.beg_label_asym_id 
_struct_conf.beg_label_seq_id 
_struct_conf.pdbx_beg_PDB_ins_code 
_struct_conf.end_label_comp_id 
_struct_conf.end_label_asym_id 
_struct_conf.end_label_seq_id 
_struct_conf.pdbx_end_PDB_ins_code 
_struct_conf.beg_auth_comp_id 
_struct_conf.beg_auth_asym_id 
_struct_conf.beg_auth_seq_id 
_struct_conf.end_auth_comp_id 
_struct_conf.end_auth_asym_id 
_struct_conf.end_auth_seq_id 
_struct_conf.pdbx_PDB_helix_class 
_struct_conf.details 
_struct_conf.pdbx_PDB_helix_length 
HELX_P HELX_P1 1 THR A 13 ? ASN A 32 ? THR A 13 ASN A 32 1 ? 20 
HELX_P HELX_P2 2 THR B 13 ? ASN B 32 ? THR B 13 ASN B 32 1 ? 20 
# 
_struct_conf_type.id          HELX_P 
_struct_conf_type.criteria    ? 
_struct_conf_type.reference   ? 
# 
loop_
_struct_mon_prot_cis.pdbx_id 
_struct_mon_prot_cis.label_comp_id 
_struct_mon_prot_cis.label_seq_id 
_struct_mon_prot_cis.label_asym_id 
_struct_mon_prot_cis.label_alt_id 
_struct_mon_prot_cis.pdbx_PDB_ins_code 
_struct_mon_prot_cis.auth_comp_id 
_struct_mon_prot_cis.auth_seq_id 
_struct_mon_prot_cis.auth_asym_id 
_struct_mon_prot_cis.pdbx_label_comp_id_2 
_struct_mon_prot_cis.pdbx_label_seq_id_2 
_struct_mon_prot_cis.pdbx_label_asym_id_2 
_struct_mon_prot_cis.pdbx_PDB_ins_code_2 
_struct_mon_prot_cis.pdbx_auth_comp_id_2 
_struct_mon_prot_cis.pdbx_auth_seq_id_2 
_struct_mon_prot_cis.pdbx_auth_asym_id_2 
_struct_mon_prot_cis.pdbx_PDB_model_num 
_struct_mon_prot_cis.pdbx_omega_angle 
1 LEU 73 A . ? LEU 73 A PRO 74 A ? PRO 74 A 1 0.48 
2 LEU 73 B . ? LEU 73 B PRO 74 B ? PRO 74 B 1 0.50 
# 
loop_
_struct_sheet.id 
_struct_sheet.type 
_struct_sheet.number_strands 
_struct_sheet.details 
A ? 4 ? 
B ? 6 ? 
# 
loop_
_struct_sheet_order.sheet_id 
_struct_sheet_order.range_id_1 
_struct_sheet_order.range_id_2 
_struct_sheet_order.offset 
_struct_sheet_order.sense 
A 1 2 ? anti-parallel 
A 2 3 ? anti-parallel 
A 3 4 ? anti-parallel 
B 1 2 ? anti-parallel 
B 2 3 ? anti-parallel 
B 3 4 ? anti-parallel 
B 4 5 ? anti-parallel 
B 5 6 ? anti-parallel 
# 
loop_
_struct_sheet_range.sheet_id 
_struct_sheet_range.id 
_struct_sheet_range.beg_label_comp_id 
_struct_sheet_range.beg_label_asym_id 
_struct_sheet_range.beg_label_seq_id 
_struct_sheet_range.pdbx_beg_PDB_ins_code 
_struct_sheet_range.end_label_comp_id 
_struct_sheet_range.end_label_asym_id 
_struct_sheet_range.end_label_seq_id 
_struct_sheet_range.pdbx_end_PDB_ins_code 
_struct_sheet_range.beg_auth_comp_id 
_struct_sheet_range.beg_auth_asym_id 
_struct_sheet_range.beg_auth_seq_id 
_struct_sheet_range.end_auth_comp_id 
_struct_sheet_range.end_auth_asym_id 
_struct_sheet_range.end_auth_seq_id 
A 1 GLN A 10 ? PRO A 11 ? GLN A 10 PRO A 11 
A 2 LYS A 39 ? HIS A 58 ? LYS A 39 HIS A 58 
A 3 LYS B 39 ? GLY B 60 ? LYS B 39 GLY B 60 
A 4 GLN B 10 ? PRO B 11 ? GLN B 10 PRO B 11 
B 1 LEU A 80 ? LYS A 89 ? LEU A 80 LYS A 89 
B 2 PHE A 64 ? SER A 72 ? PHE A 64 SER A 72 
B 3 LYS A 39 ? HIS A 58 ? LYS A 39 HIS A 58 
B 4 LYS B 39 ? GLY B 60 ? LYS B 39 GLY B 60 
B 5 ASP B 63 ? SER B 72 ? ASP B 63 SER B 72 
B 6 LEU B 80 ? LYS B 89 ? LEU B 80 LYS B 89 
# 
loop_
_pdbx_struct_sheet_hbond.sheet_id 
_pdbx_struct_sheet_hbond.range_id_1 
_pdbx_struct_sheet_hbond.range_id_2 
_pdbx_struct_sheet_hbond.range_1_label_atom_id 
_pdbx_struct_sheet_hbond.range_1_label_comp_id 
_pdbx_struct_sheet_hbond.range_1_label_asym_id 
_pdbx_struct_sheet_hbond.range_1_label_seq_id 
_pdbx_struct_sheet_hbond.range_1_PDB_ins_code 
_pdbx_struct_sheet_hbond.range_1_auth_atom_id 
_pdbx_struct_sheet_hbond.range_1_auth_comp_id 
_pdbx_struct_sheet_hbond.range_1_auth_asym_id 
_pdbx_struct_sheet_hbond.range_1_auth_seq_id 
_pdbx_struct_sheet_hbond.range_2_label_atom_id 
_pdbx_struct_sheet_hbond.range_2_label_comp_id 
_pdbx_struct_sheet_hbond.range_2_label_asym_id 
_pdbx_struct_sheet_hbond.range_2_label_seq_id 
_pdbx_struct_sheet_hbond.range_2_PDB_ins_code 
_pdbx_struct_sheet_hbond.range_2_auth_atom_id 
_pdbx_struct_sheet_hbond.range_2_auth_comp_id 
_pdbx_struct_sheet_hbond.range_2_auth_asym_id 
_pdbx_struct_sheet_hbond.range_2_auth_seq_id 
A 1 2 N GLN A 10 ? N GLN A 10 O PHE A 43 ? O PHE A 43 
A 2 3 N ASN A 52 ? N ASN A 52 O GLN B 46 ? O GLN B 46 
A 3 4 O PHE B 43 ? O PHE B 43 N GLN B 10 ? N GLN B 10 
B 1 2 O SER A 83 ? O SER A 83 N ARG A 68 ? N ARG A 68 
B 2 3 O VAL A 65 ? O VAL A 65 N VAL A 57 ? N VAL A 57 
B 3 4 N ASN A 52 ? N ASN A 52 O GLN B 46 ? O GLN B 46 
B 4 5 N TYR B 53 ? N TYR B 53 O VAL B 69 ? O VAL B 69 
B 5 6 N PHE B 70 ? N PHE B 70 O THR B 81 ? O THR B 81 
# 
_atom_sites.entry_id                    2OCT 
_atom_sites.fract_transf_matrix[1][1]   -0.00776825 
_atom_sites.fract_transf_matrix[1][2]   0.00010044 
_atom_sites.fract_transf_matrix[1][3]   0.00310921 
_atom_sites.fract_transf_matrix[2][1]   0.01068219 
_atom_sites.fract_transf_matrix[2][2]   -0.01411763 
_atom_sites.fract_transf_matrix[2][3]   0.02714520 
_atom_sites.fract_transf_matrix[3][1]   0.00150857 
_atom_sites.fract_transf_matrix[3][2]   0.01755177 
_atom_sites.fract_transf_matrix[3][3]   0.00853465 
_atom_sites.fract_transf_vector[1]      0.125911 
_atom_sites.fract_transf_vector[2]      0.142738 
_atom_sites.fract_transf_vector[3]      0.590102 
# 
loop_
_atom_type.symbol 
C 
H 
N 
O 
S 
# 
loop_
_atom_site.group_PDB 
_atom_site.id 
_atom_site.type_symbol 
_atom_site.label_atom_id 
_atom_site.label_alt_id 
_atom_site.label_comp_id 
_atom_site.label_asym_id 
_atom_site.label_entity_id 
_atom_site.label_seq_id 
_atom_site.pdbx_PDB_ins_code 
_atom_site.Cartn_x 
_atom_site.Cartn_y 
_atom_site.Cartn_z 
_atom_site.occupancy 
_atom_site.B_iso_or_equiv 
_atom_site.pdbx_formal_charge 
_atom_site.auth_seq_id 
_atom_site.auth_comp_id 
_atom_site.auth_asym_id 
_atom_site.auth_atom_id 
_atom_site.pdbx_PDB_model_num 
ATOM   1    N N   . MET A 1 2  ? 11.201  -1.064  -17.825 1.00 78.06  ? 2   MET A N   1 
ATOM   2    C CA  . MET A 1 2  ? 10.229  -1.962  -17.204 1.00 81.80  ? 2   MET A CA  1 
ATOM   3    C C   . MET A 1 2  ? 9.408   -1.042  -16.460 1.00 80.98  ? 2   MET A C   1 
ATOM   4    O O   . MET A 1 2  ? 8.987   -1.355  -15.347 1.00 84.09  ? 2   MET A O   1 
ATOM   5    C CB  . MET A 1 2  ? 10.873  -2.814  -16.109 1.00 84.31  ? 2   MET A CB  1 
ATOM   6    C CG  . MET A 1 2  ? 10.776  -2.209  -14.715 1.00 82.67  ? 2   MET A CG  1 
ATOM   7    S SD  . MET A 1 2  ? 11.924  -3.002  -13.570 1.00 47.84  ? 2   MET A SD  1 
ATOM   8    C CE  . MET A 1 2  ? 12.464  -1.563  -12.631 1.00 89.30  ? 2   MET A CE  1 
ATOM   9    N N   . SER A 1 3  ? 9.063   0.155   -16.921 1.00 83.90  ? 3   SER A N   1 
ATOM   10   C CA  . SER A 1 3  ? 8.254   1.173   -16.280 1.00 79.01  ? 3   SER A CA  1 
ATOM   11   C C   . SER A 1 3  ? 7.710   0.907   -14.885 1.00 71.98  ? 3   SER A C   1 
ATOM   12   O O   . SER A 1 3  ? 7.831   -0.190  -14.344 1.00 65.88  ? 3   SER A O   1 
ATOM   13   C CB  . SER A 1 3  ? 7.200   1.378   -17.380 0.00 78.28  ? 3   SER A CB  1 
ATOM   14   O OG  . SER A 1 3  ? 6.728   2.715   -17.377 0.00 78.42  ? 3   SER A OG  1 
ATOM   15   N N   . GLY A 1 4  ? 7.086   1.915   -14.282 1.00 70.40  ? 4   GLY A N   1 
ATOM   16   C CA  . GLY A 1 4  ? 6.407   1.717   -12.995 1.00 61.73  ? 4   GLY A CA  1 
ATOM   17   C C   . GLY A 1 4  ? 4.948   1.924   -13.386 1.00 52.55  ? 4   GLY A C   1 
ATOM   18   O O   . GLY A 1 4  ? 3.999   1.822   -12.616 1.00 52.54  ? 4   GLY A O   1 
ATOM   19   N N   . ALA A 1 5  ? 4.810   2.232   -14.682 1.00 51.32  ? 5   ALA A N   1 
ATOM   20   C CA  . ALA A 1 5  ? 3.459   2.398   -15.219 1.00 45.64  ? 5   ALA A CA  1 
ATOM   21   C C   . ALA A 1 5  ? 2.743   1.062   -15.150 1.00 42.75  ? 5   ALA A C   1 
ATOM   22   O O   . ALA A 1 5  ? 3.353   0.026   -15.398 1.00 38.12  ? 5   ALA A O   1 
ATOM   23   C CB  . ALA A 1 5  ? 3.514   2.945   -16.634 1.00 49.75  ? 5   ALA A CB  1 
ATOM   24   N N   . PRO A 1 6  ? 1.469   1.034   -14.813 1.00 39.87  ? 6   PRO A N   1 
ATOM   25   C CA  . PRO A 1 6  ? 0.760   -0.251  -14.850 1.00 37.82  ? 6   PRO A CA  1 
ATOM   26   C C   . PRO A 1 6  ? 0.721   -0.776  -16.280 1.00 38.86  ? 6   PRO A C   1 
ATOM   27   O O   . PRO A 1 6  ? 0.510   -0.043  -17.243 1.00 40.24  ? 6   PRO A O   1 
ATOM   28   C CB  . PRO A 1 6  ? -0.646  0.087   -14.368 1.00 41.99  ? 6   PRO A CB  1 
ATOM   29   C CG  . PRO A 1 6  ? -0.603  1.452   -13.779 1.00 42.73  ? 6   PRO A CG  1 
ATOM   30   C CD  . PRO A 1 6  ? 0.598   2.136   -14.371 1.00 44.11  ? 6   PRO A CD  1 
ATOM   31   N N   . SER A 1 7  ? 0.929   -2.079  -16.441 0.58 36.72  ? 7   SER A N   1 
ATOM   32   C CA  . SER A 1 7  ? 0.864   -2.676  -17.762 0.58 35.61  ? 7   SER A CA  1 
ATOM   33   C C   . SER A 1 7  ? -0.517  -2.467  -18.378 0.58 38.33  ? 7   SER A C   1 
ATOM   34   O O   . SER A 1 7  ? -1.443  -1.998  -17.721 0.58 36.26  ? 7   SER A O   1 
ATOM   35   C CB  . SER A 1 7  ? 1.156   -4.178  -17.690 0.58 32.68  ? 7   SER A CB  1 
ATOM   36   O OG  . SER A 1 7  ? 0.018   -4.864  -17.192 0.58 25.01  ? 7   SER A OG  1 
ATOM   37   N N   . ALA A 1 8  ? -0.622  -2.843  -19.646 1.00 41.01  ? 8   ALA A N   1 
ATOM   38   C CA  . ALA A 1 8  ? -1.933  -2.935  -20.290 1.00 40.24  ? 8   ALA A CA  1 
ATOM   39   C C   . ALA A 1 8  ? -2.669  -4.118  -19.687 1.00 38.58  ? 8   ALA A C   1 
ATOM   40   O O   . ALA A 1 8  ? -2.072  -4.956  -18.999 1.00 35.67  ? 8   ALA A O   1 
ATOM   41   C CB  . ALA A 1 8  ? -1.760  -3.078  -21.793 1.00 51.90  ? 8   ALA A CB  1 
ATOM   42   N N   . THR A 1 9  ? -3.963  -4.264  -19.890 1.00 35.76  ? 9   THR A N   1 
ATOM   43   C CA  . THR A 1 9  ? -4.643  -5.420  -19.312 1.00 34.70  ? 9   THR A CA  1 
ATOM   44   C C   . THR A 1 9  ? -4.265  -6.708  -20.031 1.00 32.70  ? 9   THR A C   1 
ATOM   45   O O   . THR A 1 9  ? -4.281  -6.809  -21.255 1.00 40.09  ? 9   THR A O   1 
ATOM   46   C CB  . THR A 1 9  ? -6.166  -5.172  -19.358 1.00 37.63  ? 9   THR A CB  1 
ATOM   47   O OG1 . THR A 1 9  ? -6.419  -3.968  -18.614 1.00 43.88  ? 9   THR A OG1 1 
ATOM   48   C CG2 . THR A 1 9  ? -6.920  -6.328  -18.708 1.00 36.55  ? 9   THR A CG2 1 
ATOM   49   N N   . GLN A 1 10 ? -3.923  -7.726  -19.277 1.00 30.25  ? 10  GLN A N   1 
ATOM   50   C CA  . GLN A 1 10 ? -3.422  -9.000  -19.743 1.00 30.31  ? 10  GLN A CA  1 
ATOM   51   C C   . GLN A 1 10 ? -4.447  -10.060 -19.359 1.00 27.99  ? 10  GLN A C   1 
ATOM   52   O O   . GLN A 1 10 ? -5.016  -10.019 -18.267 1.00 25.17  ? 10  GLN A O   1 
ATOM   53   C CB  . GLN A 1 10 ? -2.074  -9.307  -19.087 1.00 28.93  ? 10  GLN A CB  1 
ATOM   54   C CG  . GLN A 1 10 ? -0.953  -8.312  -19.363 1.00 30.48  ? 10  GLN A CG  1 
ATOM   55   C CD  . GLN A 1 10 ? 0.421   -8.621  -18.820 1.00 33.74  ? 10  GLN A CD  1 
ATOM   56   O OE1 . GLN A 1 10 ? 1.050   -9.598  -19.233 1.00 44.42  ? 10  GLN A OE1 1 
ATOM   57   N NE2 . GLN A 1 10 ? 1.017   -7.847  -17.904 1.00 36.52  ? 10  GLN A NE2 1 
ATOM   58   N N   . PRO A 1 11 ? -4.735  -11.061 -20.155 1.00 30.55  ? 11  PRO A N   1 
ATOM   59   C CA  . PRO A 1 11 ? -5.641  -12.132 -19.697 1.00 28.33  ? 11  PRO A CA  1 
ATOM   60   C C   . PRO A 1 11 ? -4.983  -12.963 -18.598 1.00 25.46  ? 11  PRO A C   1 
ATOM   61   O O   . PRO A 1 11 ? -3.760  -13.167 -18.557 1.00 27.78  ? 11  PRO A O   1 
ATOM   62   C CB  . PRO A 1 11 ? -5.883  -12.985 -20.945 1.00 30.36  ? 11  PRO A CB  1 
ATOM   63   C CG  . PRO A 1 11 ? -4.709  -12.708 -21.810 1.00 34.59  ? 11  PRO A CG  1 
ATOM   64   C CD  . PRO A 1 11 ? -4.271  -11.285 -21.526 1.00 35.52  ? 11  PRO A CD  1 
ATOM   65   N N   . ALA A 1 12 ? -5.810  -13.440 -17.685 1.00 23.71  ? 12  ALA A N   1 
ATOM   66   C CA  . ALA A 1 12 ? -5.333  -14.285 -16.615 1.00 25.35  ? 12  ALA A CA  1 
ATOM   67   C C   . ALA A 1 12 ? -4.612  -15.548 -17.122 1.00 25.37  ? 12  ALA A C   1 
ATOM   68   O O   . ALA A 1 12 ? -5.029  -16.164 -18.109 1.00 27.84  ? 12  ALA A O   1 
ATOM   69   C CB  . ALA A 1 12 ? -6.465  -14.753 -15.683 1.00 25.02  ? 12  ALA A CB  1 
ATOM   70   N N   . THR A 1 13 ? -3.565  -15.902 -16.391 1.00 22.91  ? 13  THR A N   1 
ATOM   71   C CA  . THR A 1 13 ? -2.828  -17.144 -16.584 1.00 24.33  ? 13  THR A CA  1 
ATOM   72   C C   . THR A 1 13 ? -3.022  -18.023 -15.352 1.00 23.64  ? 13  THR A C   1 
ATOM   73   O O   . THR A 1 13 ? -3.620  -17.572 -14.371 1.00 24.12  ? 13  THR A O   1 
ATOM   74   C CB  . THR A 1 13 ? -1.310  -16.948 -16.739 1.00 26.15  ? 13  THR A CB  1 
ATOM   75   O OG1 . THR A 1 13 ? -0.840  -16.342 -15.521 1.00 24.50  ? 13  THR A OG1 1 
ATOM   76   C CG2 . THR A 1 13 ? -0.954  -16.048 -17.907 1.00 27.14  ? 13  THR A CG2 1 
ATOM   77   N N   . ALA A 1 14 ? -2.522  -19.255 -15.385 1.00 25.69  ? 14  ALA A N   1 
ATOM   78   C CA  . ALA A 1 14 ? -2.506  -20.051 -14.159 1.00 27.90  ? 14  ALA A CA  1 
ATOM   79   C C   . ALA A 1 14 ? -1.827  -19.332 -13.001 1.00 26.78  ? 14  ALA A C   1 
ATOM   80   O O   . ALA A 1 14 ? -2.224  -19.458 -11.841 1.00 29.07  ? 14  ALA A O   1 
ATOM   81   C CB  . ALA A 1 14 ? -1.820  -21.391 -14.397 1.00 34.34  ? 14  ALA A CB  1 
ATOM   82   N N   . GLU A 1 15 ? -0.766  -18.552 -13.220 1.00 27.54  ? 15  GLU A N   1 
ATOM   83   C CA  . GLU A 1 15 ? -0.153  -17.829 -12.120 1.00 28.35  ? 15  GLU A CA  1 
ATOM   84   C C   . GLU A 1 15 ? -1.122  -16.783 -11.584 1.00 26.56  ? 15  GLU A C   1 
ATOM   85   O O   . GLU A 1 15 ? -1.173  -16.612 -10.361 1.00 26.65  ? 15  GLU A O   1 
ATOM   86   C CB  . GLU A 1 15 ? 1.161   -17.124 -12.496 1.00 32.87  ? 15  GLU A CB  1 
ATOM   87   C CG  . GLU A 1 15 ? 2.350   -17.794 -11.814 1.00 48.06  ? 15  GLU A CG  1 
ATOM   88   C CD  . GLU A 1 15 ? 2.150   -18.124 -10.348 1.00 56.95  ? 15  GLU A CD  1 
ATOM   89   O OE1 . GLU A 1 15 ? 1.989   -19.324 -10.012 1.00 63.86  ? 15  GLU A OE1 1 
ATOM   90   O OE2 . GLU A 1 15 ? 2.166   -17.197 -9.493  1.00 63.47  ? 15  GLU A OE2 1 
ATOM   91   N N   . THR A 1 16 ? -1.889  -16.132 -12.449 1.00 21.92  ? 16  THR A N   1 
ATOM   92   C CA  . THR A 1 16 ? -2.875  -15.183 -11.891 1.00 19.75  ? 16  THR A CA  1 
ATOM   93   C C   . THR A 1 16 ? -3.875  -15.917 -11.011 1.00 17.40  ? 16  THR A C   1 
ATOM   94   O O   . THR A 1 16 ? -4.322  -15.458 -9.953  1.00 19.05  ? 16  THR A O   1 
ATOM   95   C CB  . THR A 1 16 ? -3.652  -14.484 -13.033 1.00 18.24  ? 16  THR A CB  1 
ATOM   96   O OG1 . THR A 1 16 ? -2.756  -14.199 -14.097 1.00 20.97  ? 16  THR A OG1 1 
ATOM   97   C CG2 . THR A 1 16 ? -4.266  -13.177 -12.585 1.00 20.81  ? 16  THR A CG2 1 
ATOM   98   N N   . GLN A 1 17 ? -4.312  -17.083 -11.472 1.00 18.01  ? 17  GLN A N   1 
ATOM   99   C CA  . GLN A 1 17 ? -5.231  -17.877 -10.663 1.00 19.53  ? 17  GLN A CA  1 
ATOM   100  C C   . GLN A 1 17 ? -4.614  -18.358 -9.352  1.00 19.03  ? 17  GLN A C   1 
ATOM   101  O O   . GLN A 1 17 ? -5.309  -18.384 -8.293  1.00 21.06  ? 17  GLN A O   1 
ATOM   102  C CB  . GLN A 1 17 ? -5.752  -19.092 -11.465 1.00 19.95  ? 17  GLN A CB  1 
ATOM   103  C CG  . GLN A 1 17 ? -6.770  -19.860 -10.596 1.00 20.95  ? 17  GLN A CG  1 
ATOM   104  C CD  . GLN A 1 17 ? -8.048  -19.034 -10.423 1.00 20.99  ? 17  GLN A CD  1 
ATOM   105  O OE1 . GLN A 1 17 ? -8.537  -18.405 -11.381 1.00 21.62  ? 17  GLN A OE1 1 
ATOM   106  N NE2 . GLN A 1 17 ? -8.582  -19.067 -9.210  1.00 20.26  ? 17  GLN A NE2 1 
ATOM   107  N N   . HIS A 1 18 ? -3.364  -18.782 -9.393  1.00 21.00  ? 18  HIS A N   1 
ATOM   108  C CA  . HIS A 1 18 ? -2.680  -19.167 -8.138  1.00 25.13  ? 18  HIS A CA  1 
ATOM   109  C C   . HIS A 1 18 ? -2.697  -17.985 -7.181  1.00 23.50  ? 18  HIS A C   1 
ATOM   110  O O   . HIS A 1 18 ? -2.924  -18.052 -5.972  1.00 26.79  ? 18  HIS A O   1 
ATOM   111  C CB  . HIS A 1 18 ? -1.287  -19.698 -8.508  1.00 26.93  ? 18  HIS A CB  1 
ATOM   112  C CG  . HIS A 1 18 ? -1.269  -20.937 -9.384  1.00 34.87  ? 18  HIS A CG  1 
ATOM   113  N ND1 . HIS A 1 18 ? -2.357  -21.701 -9.789  1.00 32.82  ? 18  HIS A ND1 1 
ATOM   114  C CD2 . HIS A 1 18 ? -0.186  -21.532 -9.941  1.00 40.55  ? 18  HIS A CD2 1 
ATOM   115  C CE1 . HIS A 1 18 ? -1.918  -22.704 -10.544 1.00 41.30  ? 18  HIS A CE1 1 
ATOM   116  N NE2 . HIS A 1 18 ? -0.606  -22.632 -10.659 1.00 42.69  ? 18  HIS A NE2 1 
ATOM   117  N N   . ILE A 1 19 ? -2.502  -16.740 -7.655  1.00 24.23  ? 19  ILE A N   1 
ATOM   118  C CA  . ILE A 1 19 ? -2.595  -15.593 -6.734  1.00 23.32  ? 19  ILE A CA  1 
ATOM   119  C C   . ILE A 1 19 ? -3.993  -15.439 -6.156  1.00 24.17  ? 19  ILE A C   1 
ATOM   120  O O   . ILE A 1 19 ? -4.189  -15.276 -4.933  1.00 25.95  ? 19  ILE A O   1 
ATOM   121  C CB  . ILE A 1 19 ? -2.173  -14.316 -7.472  1.00 26.25  ? 19  ILE A CB  1 
ATOM   122  C CG1 . ILE A 1 19 ? -0.690  -14.302 -7.868  1.00 28.53  ? 19  ILE A CG1 1 
ATOM   123  C CG2 . ILE A 1 19 ? -2.489  -13.070 -6.663  1.00 32.87  ? 19  ILE A CG2 1 
ATOM   124  C CD1 . ILE A 1 19 ? -0.311  -13.127 -8.749  1.00 34.91  ? 19  ILE A CD1 1 
ATOM   125  N N   . ALA A 1 20 ? -4.991  -15.499 -7.026  1.00 21.60  ? 20  ALA A N   1 
ATOM   126  C CA  . ALA A 1 20 ? -6.374  -15.436 -6.514  1.00 20.84  ? 20  ALA A CA  1 
ATOM   127  C C   . ALA A 1 20 ? -6.665  -16.528 -5.484  1.00 21.42  ? 20  ALA A C   1 
ATOM   128  O O   . ALA A 1 20 ? -7.284  -16.281 -4.424  1.00 23.47  ? 20  ALA A O   1 
ATOM   129  C CB  . ALA A 1 20 ? -7.424  -15.545 -7.611  1.00 19.35  ? 20  ALA A CB  1 
ATOM   130  N N   . ASP A 1 21 ? -6.244  -17.758 -5.758  1.00 21.24  ? 21  ASP A N   1 
ATOM   131  C CA  . ASP A 1 21 ? -6.493  -18.846 -4.794  1.00 21.80  ? 21  ASP A CA  1 
ATOM   132  C C   . ASP A 1 21 ? -5.854  -18.498 -3.459  1.00 23.13  ? 21  ASP A C   1 
ATOM   133  O O   . ASP A 1 21 ? -6.413  -18.829 -2.398  1.00 25.81  ? 21  ASP A O   1 
ATOM   134  C CB  . ASP A 1 21 ? -5.914  -20.161 -5.299  1.00 21.11  ? 21  ASP A CB  1 
ATOM   135  C CG  . ASP A 1 21 ? -6.507  -20.734 -6.558  1.00 21.05  ? 21  ASP A CG  1 
ATOM   136  O OD1 . ASP A 1 21 ? -7.665  -20.439 -6.908  1.00 22.19  ? 21  ASP A OD1 1 
ATOM   137  O OD2 . ASP A 1 21 ? -5.792  -21.548 -7.237  1.00 21.41  ? 21  ASP A OD2 1 
ATOM   138  N N   . GLN A 1 22 ? -4.656  -17.893 -3.505  1.00 24.32  ? 22  GLN A N   1 
ATOM   139  C CA  . GLN A 1 22 ? -3.914  -17.750 -2.250  1.00 26.61  ? 22  GLN A CA  1 
ATOM   140  C C   . GLN A 1 22 ? -4.554  -16.668 -1.409  1.00 26.39  ? 22  GLN A C   1 
ATOM   141  O O   . GLN A 1 22 ? -4.417  -16.624 -0.171  1.00 35.21  ? 22  GLN A O   1 
ATOM   142  C CB  . GLN A 1 22 ? -2.419  -17.474 -2.526  1.00 28.58  ? 22  GLN A CB  1 
ATOM   143  C CG  . GLN A 1 22 ? -1.417  -18.297 -1.772  1.00 43.00  ? 22  GLN A CG  1 
ATOM   144  C CD  . GLN A 1 22 ? 0.018   -17.923 -2.067  1.00 47.71  ? 22  GLN A CD  1 
ATOM   145  O OE1 . GLN A 1 22 ? 0.620   -18.421 -3.028  1.00 61.87  ? 22  GLN A OE1 1 
ATOM   146  N NE2 . GLN A 1 22 ? 0.622   -17.046 -1.275  1.00 52.15  ? 22  GLN A NE2 1 
ATOM   147  N N   . VAL A 1 23 ? -5.299  -15.733 -2.033  1.00 28.71  ? 23  VAL A N   1 
ATOM   148  C CA  . VAL A 1 23 ? -5.766  -14.657 -1.151  1.00 30.63  ? 23  VAL A CA  1 
ATOM   149  C C   . VAL A 1 23 ? -7.250  -14.737 -0.841  1.00 30.62  ? 23  VAL A C   1 
ATOM   150  O O   . VAL A 1 23 ? -7.811  -13.950 -0.057  1.00 34.60  ? 23  VAL A O   1 
ATOM   151  C CB  . VAL A 1 23 ? -5.411  -13.281 -1.756  1.00 31.23  ? 23  VAL A CB  1 
ATOM   152  C CG1 . VAL A 1 23 ? -3.900  -13.156 -1.871  1.00 32.03  ? 23  VAL A CG1 1 
ATOM   153  C CG2 . VAL A 1 23 ? -6.116  -13.057 -3.088  1.00 29.75  ? 23  VAL A CG2 1 
ATOM   154  N N   . ARG A 1 24 ? -7.905  -15.694 -1.450  1.00 28.68  ? 24  ARG A N   1 
ATOM   155  C CA  . ARG A 1 24 ? -9.343  -15.863 -1.430  1.00 28.39  ? 24  ARG A CA  1 
ATOM   156  C C   . ARG A 1 24 ? -9.900  -15.951 -0.017  1.00 33.01  ? 24  ARG A C   1 
ATOM   157  O O   . ARG A 1 24 ? -10.914 -15.292 0.238   1.00 32.20  ? 24  ARG A O   1 
ATOM   158  C CB  . ARG A 1 24 ? -9.685  -17.133 -2.221  1.00 25.76  ? 24  ARG A CB  1 
ATOM   159  C CG  . ARG A 1 24 ? -11.187 -17.362 -2.394  1.00 28.04  ? 24  ARG A CG  1 
ATOM   160  C CD  . ARG A 1 24 ? -11.415 -18.802 -2.862  1.00 31.68  ? 24  ARG A CD  1 
ATOM   161  N NE  . ARG A 1 24 ? -12.867 -19.065 -2.838  1.00 34.09  ? 24  ARG A NE  1 
ATOM   162  C CZ  . ARG A 1 24 ? -13.390 -20.084 -3.559  1.00 36.82  ? 24  ARG A CZ  1 
ATOM   163  N NH1 . ARG A 1 24 ? -12.567 -20.828 -4.285  1.00 36.31  ? 24  ARG A NH1 1 
ATOM   164  N NH2 . ARG A 1 24 ? -14.696 -20.324 -3.547  1.00 36.40  ? 24  ARG A NH2 1 
ATOM   165  N N   . SER A 1 25 ? -9.306  -16.750 0.865   1.00 33.77  ? 25  SER A N   1 
ATOM   166  C CA  . SER A 1 25 ? -9.920  -16.969 2.178   1.00 30.63  ? 25  SER A CA  1 
ATOM   167  C C   . SER A 1 25 ? -9.943  -15.702 3.023   1.00 34.17  ? 25  SER A C   1 
ATOM   168  O O   . SER A 1 25 ? -10.830 -15.398 3.829   1.00 40.69  ? 25  SER A O   1 
ATOM   169  C CB  . SER A 1 25 ? -9.183  -18.062 2.942   1.00 35.37  ? 25  SER A CB  1 
ATOM   170  O OG  . SER A 1 25 ? -9.529  -19.373 2.482   1.00 48.33  ? 25  SER A OG  1 
ATOM   171  N N   . GLN A 1 26 ? -8.856  -14.942 2.849   1.00 39.44  ? 26  GLN A N   1 
ATOM   172  C CA  . GLN A 1 26 ? -8.797  -13.671 3.565   1.00 38.73  ? 26  GLN A CA  1 
ATOM   173  C C   . GLN A 1 26 ? -9.959  -12.788 3.137   1.00 41.68  ? 26  GLN A C   1 
ATOM   174  O O   . GLN A 1 26 ? -10.658 -12.173 3.944   1.00 51.01  ? 26  GLN A O   1 
ATOM   175  C CB  . GLN A 1 26 ? -7.450  -13.004 3.269   1.00 39.56  ? 26  GLN A CB  1 
ATOM   176  C CG  . GLN A 1 26 ? -7.066  -11.932 4.257   1.00 44.36  ? 26  GLN A CG  1 
ATOM   177  C CD  . GLN A 1 26 ? -5.843  -11.165 3.728   1.00 47.12  ? 26  GLN A CD  1 
ATOM   178  O OE1 . GLN A 1 26 ? -5.653  -9.975  3.987   1.00 59.72  ? 26  GLN A OE1 1 
ATOM   179  N NE2 . GLN A 1 26 ? -5.028  -11.899 2.970   1.00 43.28  ? 26  GLN A NE2 1 
ATOM   180  N N   . LEU A 1 27 ? -10.223 -12.703 1.840   1.00 44.87  ? 27  LEU A N   1 
ATOM   181  C CA  . LEU A 1 27 ? -11.293 -11.840 1.357   1.00 44.26  ? 27  LEU A CA  1 
ATOM   182  C C   . LEU A 1 27 ? -12.674 -12.327 1.790   1.00 47.52  ? 27  LEU A C   1 
ATOM   183  O O   . LEU A 1 27 ? -13.492 -11.473 2.169   1.00 50.32  ? 27  LEU A O   1 
ATOM   184  C CB  . LEU A 1 27 ? -11.256 -11.724 -0.170  1.00 41.58  ? 27  LEU A CB  1 
ATOM   185  C CG  . LEU A 1 27 ? -12.225 -10.686 -0.758  1.00 40.94  ? 27  LEU A CG  1 
ATOM   186  C CD1 . LEU A 1 27 ? -12.022 -9.321  -0.119  1.00 34.62  ? 27  LEU A CD1 1 
ATOM   187  C CD2 . LEU A 1 27 ? -12.048 -10.607 -2.267  1.00 34.47  ? 27  LEU A CD2 1 
ATOM   188  N N   . GLU A 1 28 ? -12.871 -13.634 1.715   1.00 45.70  ? 28  GLU A N   1 
ATOM   189  C CA  . GLU A 1 28 ? -14.091 -14.317 2.118   1.00 43.56  ? 28  GLU A CA  1 
ATOM   190  C C   . GLU A 1 28 ? -14.401 -14.047 3.584   1.00 44.69  ? 28  GLU A C   1 
ATOM   191  O O   . GLU A 1 28 ? -15.557 -14.121 4.027   1.00 48.07  ? 28  GLU A O   1 
ATOM   192  C CB  . GLU A 1 28 ? -13.979 -15.827 1.862   1.00 38.59  ? 28  GLU A CB  1 
ATOM   193  C CG  . GLU A 1 28 ? -14.071 -16.213 0.397   1.00 33.07  ? 28  GLU A CG  1 
ATOM   194  C CD  . GLU A 1 28 ? -14.013 -17.688 0.121   1.00 31.06  ? 28  GLU A CD  1 
ATOM   195  O OE1 . GLU A 1 28 ? -13.486 -18.414 0.982   1.00 34.38  ? 28  GLU A OE1 1 
ATOM   196  O OE2 . GLU A 1 28 ? -14.463 -18.190 -0.938  1.00 39.86  ? 28  GLU A OE2 1 
ATOM   197  N N   . GLU A 1 29 ? -13.377 -13.723 4.380   1.00 43.74  ? 29  GLU A N   1 
ATOM   198  C CA  . GLU A 1 29 ? -13.690 -13.325 5.771   1.00 48.90  ? 29  GLU A CA  1 
ATOM   199  C C   . GLU A 1 29 ? -14.467 -12.008 5.783   1.00 52.38  ? 29  GLU A C   1 
ATOM   200  O O   . GLU A 1 29 ? -15.416 -11.763 6.537   1.00 52.86  ? 29  GLU A O   1 
ATOM   201  C CB  . GLU A 1 29 ? -12.418 -13.230 6.606   1.00 56.25  ? 29  GLU A CB  1 
ATOM   202  C CG  . GLU A 1 29 ? -12.434 -12.233 7.764   1.00 60.73  ? 29  GLU A CG  1 
ATOM   203  C CD  . GLU A 1 29 ? -11.322 -12.453 8.777   1.00 65.92  ? 29  GLU A CD  1 
ATOM   204  O OE1 . GLU A 1 29 ? -10.495 -13.361 8.521   1.00 66.77  ? 29  GLU A OE1 1 
ATOM   205  O OE2 . GLU A 1 29 ? -11.231 -11.764 9.824   1.00 71.51  ? 29  GLU A OE2 1 
ATOM   206  N N   . LYS A 1 30 ? -14.012 -11.127 4.892   1.00 51.97  ? 30  LYS A N   1 
ATOM   207  C CA  . LYS A 1 30 ? -14.571 -9.801  4.736   1.00 51.93  ? 30  LYS A CA  1 
ATOM   208  C C   . LYS A 1 30 ? -16.081 -9.898  4.557   1.00 50.01  ? 30  LYS A C   1 
ATOM   209  O O   . LYS A 1 30 ? -16.782 -9.279  5.348   1.00 48.00  ? 30  LYS A O   1 
ATOM   210  C CB  . LYS A 1 30 ? -13.956 -9.078  3.539   1.00 55.38  ? 30  LYS A CB  1 
ATOM   211  C CG  . LYS A 1 30 ? -12.495 -8.718  3.724   1.00 55.76  ? 30  LYS A CG  1 
ATOM   212  C CD  . LYS A 1 30 ? -12.081 -8.852  5.182   1.00 57.07  ? 30  LYS A CD  1 
ATOM   213  C CE  . LYS A 1 30 ? -10.627 -9.273  5.288   1.00 56.43  ? 30  LYS A CE  1 
ATOM   214  N NZ  . LYS A 1 30 ? -10.442 -10.561 6.022   1.00 59.02  ? 30  LYS A NZ  1 
ATOM   215  N N   . TYR A 1 31 ? -16.531 -10.644 3.555   0.72 47.46  ? 31  TYR A N   1 
ATOM   216  C CA  . TYR A 1 31 ? -17.935 -10.676 3.199   0.72 47.92  ? 31  TYR A CA  1 
ATOM   217  C C   . TYR A 1 31 ? -18.701 -11.674 4.070   0.72 51.74  ? 31  TYR A C   1 
ATOM   218  O O   . TYR A 1 31 ? -19.909 -11.825 3.870   0.72 48.70  ? 31  TYR A O   1 
ATOM   219  C CB  . TYR A 1 31 ? -18.194 -11.110 1.766   0.72 51.13  ? 31  TYR A CB  1 
ATOM   220  C CG  . TYR A 1 31 ? -17.719 -10.364 0.565   0.72 50.30  ? 31  TYR A CG  1 
ATOM   221  C CD1 . TYR A 1 31 ? -16.421 -9.879  0.427   0.72 48.27  ? 31  TYR A CD1 1 
ATOM   222  C CD2 . TYR A 1 31 ? -18.621 -10.151 -0.479  0.72 49.51  ? 31  TYR A CD2 1 
ATOM   223  C CE1 . TYR A 1 31 ? -16.046 -9.197  -0.716  0.72 43.88  ? 31  TYR A CE1 1 
ATOM   224  C CE2 . TYR A 1 31 ? -18.256 -9.473  -1.622  0.72 46.87  ? 31  TYR A CE2 1 
ATOM   225  C CZ  . TYR A 1 31 ? -16.962 -9.003  -1.725  0.72 45.75  ? 31  TYR A CZ  1 
ATOM   226  O OH  . TYR A 1 31 ? -16.607 -8.327  -2.866  0.72 52.45  ? 31  TYR A OH  1 
ATOM   227  N N   . ASN A 1 32 ? -18.030 -12.360 4.986   1.00 53.87  ? 32  ASN A N   1 
ATOM   228  C CA  . ASN A 1 32 ? -18.766 -13.274 5.878   1.00 51.97  ? 32  ASN A CA  1 
ATOM   229  C C   . ASN A 1 32 ? -19.317 -14.467 5.114   1.00 53.09  ? 32  ASN A C   1 
ATOM   230  O O   . ASN A 1 32 ? -20.106 -15.227 5.698   1.00 61.01  ? 32  ASN A O   1 
ATOM   231  C CB  . ASN A 1 32 ? -19.875 -12.506 6.583   1.00 54.17  ? 32  ASN A CB  1 
ATOM   232  C CG  . ASN A 1 32 ? -20.422 -12.948 7.905   1.00 55.32  ? 32  ASN A CG  1 
ATOM   233  O OD1 . ASN A 1 32 ? -19.737 -12.986 8.940   1.00 67.65  ? 32  ASN A OD1 1 
ATOM   234  N ND2 . ASN A 1 32 ? -21.720 -13.273 7.947   1.00 52.10  ? 32  ASN A ND2 1 
ATOM   235  N N   . LYS A 1 33 ? -18.959 -14.710 3.860   1.00 52.08  ? 33  LYS A N   1 
ATOM   236  C CA  . LYS A 1 33 ? -19.453 -15.865 3.110   1.00 49.30  ? 33  LYS A CA  1 
ATOM   237  C C   . LYS A 1 33 ? -18.429 -16.418 2.114   1.00 45.71  ? 33  LYS A C   1 
ATOM   238  O O   . LYS A 1 33 ? -17.531 -15.715 1.668   1.00 40.98  ? 33  LYS A O   1 
ATOM   239  C CB  . LYS A 1 33 ? -20.733 -15.514 2.336   1.00 56.80  ? 33  LYS A CB  1 
ATOM   240  C CG  . LYS A 1 33 ? -20.593 -14.208 1.565   1.00 60.99  ? 33  LYS A CG  1 
ATOM   241  C CD  . LYS A 1 33 ? -21.108 -14.340 0.146   1.00 62.80  ? 33  LYS A CD  1 
ATOM   242  C CE  . LYS A 1 33 ? -21.305 -12.966 -0.485  1.00 63.87  ? 33  LYS A CE  1 
ATOM   243  N NZ  . LYS A 1 33 ? -20.804 -12.922 -1.883  1.00 74.98  ? 33  LYS A NZ  1 
ATOM   244  N N   . LYS A 1 34 ? -18.579 -17.698 1.771   0.72 43.10  ? 34  LYS A N   1 
ATOM   245  C CA  . LYS A 1 34 ? -17.765 -18.340 0.746   0.72 37.44  ? 34  LYS A CA  1 
ATOM   246  C C   . LYS A 1 34 ? -18.230 -17.872 -0.624  0.72 33.12  ? 34  LYS A C   1 
ATOM   247  O O   . LYS A 1 34 ? -19.434 -17.718 -0.860  0.72 36.01  ? 34  LYS A O   1 
ATOM   248  C CB  . LYS A 1 34 ? -17.862 -19.859 0.831   0.72 42.52  ? 34  LYS A CB  1 
ATOM   249  C CG  . LYS A 1 34 ? -17.104 -20.484 1.991   0.72 47.41  ? 34  LYS A CG  1 
ATOM   250  C CD  . LYS A 1 34 ? -16.307 -21.698 1.517   0.72 51.14  ? 34  LYS A CD  1 
ATOM   251  C CE  . LYS A 1 34 ? -15.169 -22.033 2.460   0.72 51.33  ? 34  LYS A CE  1 
ATOM   252  N NZ  . LYS A 1 34 ? -14.144 -22.936 1.865   0.72 62.31  ? 34  LYS A NZ  1 
ATOM   253  N N   . PHE A 1 35 ? -17.262 -17.632 -1.516  1.00 35.45  ? 35  PHE A N   1 
ATOM   254  C CA  . PHE A 1 35 ? -17.648 -17.349 -2.887  1.00 33.97  ? 35  PHE A CA  1 
ATOM   255  C C   . PHE A 1 35 ? -17.940 -18.668 -3.576  1.00 32.15  ? 35  PHE A C   1 
ATOM   256  O O   . PHE A 1 35 ? -17.186 -19.639 -3.479  1.00 44.05  ? 35  PHE A O   1 
ATOM   257  C CB  . PHE A 1 35 ? -16.539 -16.577 -3.602  1.00 32.13  ? 35  PHE A CB  1 
ATOM   258  C CG  . PHE A 1 35 ? -16.414 -15.139 -3.114  1.00 35.63  ? 35  PHE A CG  1 
ATOM   259  C CD1 . PHE A 1 35 ? -15.366 -14.770 -2.285  1.00 36.93  ? 35  PHE A CD1 1 
ATOM   260  C CD2 . PHE A 1 35 ? -17.347 -14.201 -3.500  1.00 37.64  ? 35  PHE A CD2 1 
ATOM   261  C CE1 . PHE A 1 35 ? -15.268 -13.462 -1.843  1.00 37.92  ? 35  PHE A CE1 1 
ATOM   262  C CE2 . PHE A 1 35 ? -17.280 -12.898 -3.039  1.00 39.86  ? 35  PHE A CE2 1 
ATOM   263  C CZ  . PHE A 1 35 ? -16.253 -12.551 -2.193  1.00 41.45  ? 35  PHE A CZ  1 
ATOM   264  N N   . PRO A 1 36 ? -19.022 -18.763 -4.322  1.00 36.13  ? 36  PRO A N   1 
ATOM   265  C CA  . PRO A 1 36 ? -19.198 -20.046 -5.013  1.00 35.24  ? 36  PRO A CA  1 
ATOM   266  C C   . PRO A 1 36 ? -18.087 -20.288 -6.044  1.00 33.77  ? 36  PRO A C   1 
ATOM   267  O O   . PRO A 1 36 ? -17.893 -21.486 -6.263  1.00 36.88  ? 36  PRO A O   1 
ATOM   268  C CB  . PRO A 1 36 ? -20.538 -19.895 -5.707  1.00 35.75  ? 36  PRO A CB  1 
ATOM   269  C CG  . PRO A 1 36 ? -20.723 -18.427 -5.847  1.00 36.76  ? 36  PRO A CG  1 
ATOM   270  C CD  . PRO A 1 36 ? -20.097 -17.812 -4.611  1.00 37.60  ? 36  PRO A CD  1 
ATOM   271  N N   . VAL A 1 37 ? -17.475 -19.244 -6.582  1.00 28.71  ? 37  VAL A N   1 
ATOM   272  C CA  . VAL A 1 37 ? -16.509 -19.153 -7.665  1.00 26.36  ? 37  VAL A CA  1 
ATOM   273  C C   . VAL A 1 37 ? -15.507 -18.046 -7.353  1.00 22.89  ? 37  VAL A C   1 
ATOM   274  O O   . VAL A 1 37 ? -15.828 -17.113 -6.623  1.00 26.81  ? 37  VAL A O   1 
ATOM   275  C CB  . VAL A 1 37 ? -17.246 -18.872 -8.994  1.00 32.29  ? 37  VAL A CB  1 
ATOM   276  C CG1 . VAL A 1 37 ? -16.332 -18.470 -10.128 1.00 45.07  ? 37  VAL A CG1 1 
ATOM   277  C CG2 . VAL A 1 37 ? -18.043 -20.144 -9.340  1.00 36.85  ? 37  VAL A CG2 1 
ATOM   278  N N   . PHE A 1 38 ? -14.287 -18.144 -7.910  1.00 21.96  ? 38  PHE A N   1 
ATOM   279  C CA  . PHE A 1 38 ? -13.251 -17.175 -7.578  1.00 19.83  ? 38  PHE A CA  1 
ATOM   280  C C   . PHE A 1 38 ? -12.213 -17.303 -8.685  1.00 18.38  ? 38  PHE A C   1 
ATOM   281  O O   . PHE A 1 38 ? -11.094 -17.777 -8.430  1.00 21.05  ? 38  PHE A O   1 
ATOM   282  C CB  . PHE A 1 38 ? -12.612 -17.380 -6.204  1.00 21.55  ? 38  PHE A CB  1 
ATOM   283  C CG  . PHE A 1 38 ? -12.070 -16.082 -5.594  1.00 21.94  ? 38  PHE A CG  1 
ATOM   284  C CD1 . PHE A 1 38 ? -12.928 -15.094 -5.127  1.00 22.14  ? 38  PHE A CD1 1 
ATOM   285  C CD2 . PHE A 1 38 ? -10.692 -15.886 -5.487  1.00 20.55  ? 38  PHE A CD2 1 
ATOM   286  C CE1 . PHE A 1 38 ? -12.419 -13.935 -4.579  1.00 22.38  ? 38  PHE A CE1 1 
ATOM   287  C CE2 . PHE A 1 38 ? -10.173 -14.710 -4.987  1.00 22.60  ? 38  PHE A CE2 1 
ATOM   288  C CZ  . PHE A 1 38 ? -11.050 -13.728 -4.543  1.00 24.08  ? 38  PHE A CZ  1 
ATOM   289  N N   . LYS A 1 39 ? -12.648 -16.872 -9.870  1.00 20.99  ? 39  LYS A N   1 
ATOM   290  C CA  . LYS A 1 39 ? -11.896 -17.149 -11.095 1.00 20.27  ? 39  LYS A CA  1 
ATOM   291  C C   . LYS A 1 39 ? -11.198 -15.885 -11.597 1.00 19.16  ? 39  LYS A C   1 
ATOM   292  O O   . LYS A 1 39 ? -11.847 -14.897 -11.953 1.00 20.46  ? 39  LYS A O   1 
ATOM   293  C CB  . LYS A 1 39 ? -12.843 -17.684 -12.192 1.00 21.81  ? 39  LYS A CB  1 
ATOM   294  C CG  . LYS A 1 39 ? -12.126 -18.097 -13.458 1.00 24.42  ? 39  LYS A CG  1 
ATOM   295  C CD  . LYS A 1 39 ? -13.069 -18.659 -14.516 1.00 37.01  ? 39  LYS A CD  1 
ATOM   296  C CE  . LYS A 1 39 ? -12.612 -20.016 -15.009 1.00 46.75  ? 39  LYS A CE  1 
ATOM   297  N NZ  . LYS A 1 39 ? -13.670 -20.806 -15.722 1.00 48.86  ? 39  LYS A NZ  1 
ATOM   298  N N   . ALA A 1 40 ? -9.881  -15.910 -11.678 1.00 18.78  ? 40  ALA A N   1 
ATOM   299  C CA  . ALA A 1 40 ? -9.141  -14.756 -12.205 1.00 19.39  ? 40  ALA A CA  1 
ATOM   300  C C   . ALA A 1 40 ? -9.473  -14.615 -13.690 1.00 20.66  ? 40  ALA A C   1 
ATOM   301  O O   . ALA A 1 40 ? -9.520  -15.617 -14.415 1.00 24.01  ? 40  ALA A O   1 
ATOM   302  C CB  . ALA A 1 40 ? -7.661  -14.929 -11.994 1.00 20.39  ? 40  ALA A CB  1 
ATOM   303  N N   . VAL A 1 41 ? -9.707  -13.403 -14.115 1.00 21.66  ? 41  VAL A N   1 
ATOM   304  C CA  . VAL A 1 41 ? -10.101 -13.112 -15.481 1.00 23.04  ? 41  VAL A CA  1 
ATOM   305  C C   . VAL A 1 41 ? -9.036  -12.360 -16.261 1.00 22.38  ? 41  VAL A C   1 
ATOM   306  O O   . VAL A 1 41 ? -8.750  -12.632 -17.434 1.00 25.02  ? 41  VAL A O   1 
ATOM   307  C CB  . VAL A 1 41 ? -11.396 -12.249 -15.440 1.00 27.67  ? 41  VAL A CB  1 
ATOM   308  C CG1 . VAL A 1 41 ? -11.712 -11.818 -16.860 1.00 30.75  ? 41  VAL A CG1 1 
ATOM   309  C CG2 . VAL A 1 41 ? -12.546 -12.989 -14.790 1.00 29.04  ? 41  VAL A CG2 1 
ATOM   310  N N   . SER A 1 42 ? -8.464  -11.364 -15.576 1.00 21.63  ? 42  SER A N   1 
ATOM   311  C CA  . SER A 1 42 ? -7.537  -10.431 -16.206 1.00 21.67  ? 42  SER A CA  1 
ATOM   312  C C   . SER A 1 42 ? -6.734  -9.730  -15.138 1.00 20.76  ? 42  SER A C   1 
ATOM   313  O O   . SER A 1 42 ? -7.142  -9.720  -13.979 1.00 19.81  ? 42  SER A O   1 
ATOM   314  C CB  . SER A 1 42 ? -8.336  -9.423  -17.052 1.00 23.29  ? 42  SER A CB  1 
ATOM   315  O OG  . SER A 1 42 ? -9.233  -8.718  -16.205 1.00 25.41  ? 42  SER A OG  1 
ATOM   316  N N   . PHE A 1 43 ? -5.586  -9.160  -15.551 1.00 21.32  ? 43  PHE A N   1 
ATOM   317  C CA  . PHE A 1 43 ? -4.783  -8.405  -14.599 1.00 21.04  ? 43  PHE A CA  1 
ATOM   318  C C   . PHE A 1 43 ? -3.971  -7.326  -15.284 1.00 22.08  ? 43  PHE A C   1 
ATOM   319  O O   . PHE A 1 43 ? -3.732  -7.334  -16.492 1.00 23.44  ? 43  PHE A O   1 
ATOM   320  C CB  . PHE A 1 43 ? -3.850  -9.367  -13.847 1.00 20.22  ? 43  PHE A CB  1 
ATOM   321  C CG  . PHE A 1 43 ? -2.678  -9.919  -14.657 1.00 21.87  ? 43  PHE A CG  1 
ATOM   322  C CD1 . PHE A 1 43 ? -2.821  -11.038 -15.455 1.00 21.63  ? 43  PHE A CD1 1 
ATOM   323  C CD2 . PHE A 1 43 ? -1.402  -9.314  -14.603 1.00 20.34  ? 43  PHE A CD2 1 
ATOM   324  C CE1 . PHE A 1 43 ? -1.764  -11.555 -16.191 1.00 22.66  ? 43  PHE A CE1 1 
ATOM   325  C CE2 . PHE A 1 43 ? -0.354  -9.794  -15.346 1.00 22.56  ? 43  PHE A CE2 1 
ATOM   326  C CZ  . PHE A 1 43 ? -0.541  -10.908 -16.167 1.00 22.22  ? 43  PHE A CZ  1 
ATOM   327  N N   . LYS A 1 44 ? -3.529  -6.381  -14.476 1.00 22.48  ? 44  LYS A N   1 
ATOM   328  C CA  . LYS A 1 44 ? -2.455  -5.444  -14.775 1.00 22.43  ? 44  LYS A CA  1 
ATOM   329  C C   . LYS A 1 44 ? -1.321  -5.638  -13.775 1.00 20.89  ? 44  LYS A C   1 
ATOM   330  O O   . LYS A 1 44 ? -1.612  -5.904  -12.634 1.00 22.72  ? 44  LYS A O   1 
ATOM   331  C CB  . LYS A 1 44 ? -2.964  -4.006  -14.678 1.00 26.61  ? 44  LYS A CB  1 
ATOM   332  C CG  . LYS A 1 44 ? -3.972  -3.647  -15.774 1.00 28.87  ? 44  LYS A CG  1 
ATOM   333  C CD  . LYS A 1 44 ? -4.287  -2.155  -15.736 1.00 31.24  ? 44  LYS A CD  1 
ATOM   334  C CE  . LYS A 1 44 ? -5.320  -1.846  -16.815 1.00 34.96  ? 44  LYS A CE  1 
ATOM   335  N NZ  . LYS A 1 44 ? -4.760  -1.245  -18.039 1.00 42.89  ? 44  LYS A NZ  1 
ATOM   336  N N   . SER A 1 45 ? -0.066  -5.500  -14.168 1.00 20.38  ? 45  SER A N   1 
ATOM   337  C CA  . SER A 1 45 ? 1.070   -5.532  -13.266 1.00 19.49  ? 45  SER A CA  1 
ATOM   338  C C   . SER A 1 45 ? 1.700   -4.136  -13.202 1.00 17.89  ? 45  SER A C   1 
ATOM   339  O O   . SER A 1 45 ? 1.667   -3.368  -14.175 1.00 21.44  ? 45  SER A O   1 
ATOM   340  C CB  . SER A 1 45 ? 2.133   -6.565  -13.660 1.00 21.75  ? 45  SER A CB  1 
ATOM   341  O OG  . SER A 1 45 ? 2.696   -6.364  -14.924 1.00 25.84  ? 45  SER A OG  1 
ATOM   342  N N   . GLN A 1 46 ? 2.284   -3.847  -12.049 1.00 18.93  ? 46  GLN A N   1 
ATOM   343  C CA  . GLN A 1 46 ? 2.997   -2.602  -11.817 1.00 21.15  ? 46  GLN A CA  1 
ATOM   344  C C   . GLN A 1 46 ? 4.240   -2.885  -11.010 1.00 18.49  ? 46  GLN A C   1 
ATOM   345  O O   . GLN A 1 46 ? 4.177   -3.412  -9.909  1.00 19.95  ? 46  GLN A O   1 
ATOM   346  C CB  . GLN A 1 46 ? 2.065   -1.642  -11.051 1.00 24.83  ? 46  GLN A CB  1 
ATOM   347  C CG  . GLN A 1 46 ? 2.687   -0.334  -10.576 1.00 29.55  ? 46  GLN A CG  1 
ATOM   348  C CD  . GLN A 1 46 ? 1.767   0.429   -9.609  1.00 34.95  ? 46  GLN A CD  1 
ATOM   349  O OE1 . GLN A 1 46 ? 1.507   1.627   -9.754  1.00 53.45  ? 46  GLN A OE1 1 
ATOM   350  N NE2 . GLN A 1 46 ? 1.228   -0.235  -8.584  1.00 34.16  ? 46  GLN A NE2 1 
ATOM   351  N N   . VAL A 1 47 ? 5.400   -2.550  -11.565 1.00 18.64  ? 47  VAL A N   1 
ATOM   352  C CA  . VAL A 1 47 ? 6.652   -2.738  -10.866 1.00 18.23  ? 47  VAL A CA  1 
ATOM   353  C C   . VAL A 1 47 ? 6.711   -1.653  -9.791  1.00 17.99  ? 47  VAL A C   1 
ATOM   354  O O   . VAL A 1 47 ? 6.406   -0.481  -10.086 1.00 20.69  ? 47  VAL A O   1 
ATOM   355  C CB  . VAL A 1 47 ? 7.863   -2.610  -11.831 1.00 18.54  ? 47  VAL A CB  1 
ATOM   356  C CG1 . VAL A 1 47 ? 9.146   -2.563  -11.054 1.00 18.57  ? 47  VAL A CG1 1 
ATOM   357  C CG2 . VAL A 1 47 ? 7.918   -3.762  -12.855 1.00 20.26  ? 47  VAL A CG2 1 
ATOM   358  N N   . VAL A 1 48 ? 7.075   -2.057  -8.585  1.00 17.25  ? 48  VAL A N   1 
ATOM   359  C CA  . VAL A 1 48 ? 7.284   -1.172  -7.471  1.00 18.35  ? 48  VAL A CA  1 
ATOM   360  C C   . VAL A 1 48 ? 8.700   -1.372  -6.953  1.00 16.85  ? 48  VAL A C   1 
ATOM   361  O O   . VAL A 1 48 ? 9.075   -2.506  -6.645  1.00 20.23  ? 48  VAL A O   1 
ATOM   362  C CB  . VAL A 1 48 ? 6.268   -1.471  -6.349  1.00 20.71  ? 48  VAL A CB  1 
ATOM   363  C CG1 . VAL A 1 48 ? 6.448   -0.542  -5.163  1.00 28.87  ? 48  VAL A CG1 1 
ATOM   364  C CG2 . VAL A 1 48 ? 4.836   -1.320  -6.872  1.00 29.37  ? 48  VAL A CG2 1 
ATOM   365  N N   . ALA A 1 49 ? 9.457   -0.282  -6.858  1.00 15.96  ? 49  ALA A N   1 
ATOM   366  C CA  . ALA A 1 49 ? 10.811  -0.422  -6.304  1.00 15.05  ? 49  ALA A CA  1 
ATOM   367  C C   . ALA A 1 49 ? 11.210  0.918   -5.704  1.00 15.19  ? 49  ALA A C   1 
ATOM   368  O O   . ALA A 1 49 ? 11.275  1.943   -6.395  1.00 17.17  ? 49  ALA A O   1 
ATOM   369  C CB  . ALA A 1 49 ? 11.810  -0.879  -7.357  1.00 16.68  ? 49  ALA A CB  1 
ATOM   370  N N   . GLY A 1 50 ? 11.469  0.920   -4.395  1.00 15.25  ? 50  GLY A N   1 
ATOM   371  C CA  . GLY A 1 50 ? 11.765  2.214   -3.734  1.00 15.18  ? 50  GLY A CA  1 
ATOM   372  C C   . GLY A 1 50 ? 11.892  2.001   -2.245  1.00 14.32  ? 50  GLY A C   1 
ATOM   373  O O   . GLY A 1 50 ? 12.114  0.867   -1.801  1.00 16.67  ? 50  GLY A O   1 
ATOM   374  N N   . THR A 1 51 ? 11.777  3.060   -1.484  1.00 14.75  ? 51  THR A N   1 
ATOM   375  C CA  . THR A 1 51 ? 11.934  2.997   -0.052  1.00 15.43  ? 51  THR A CA  1 
ATOM   376  C C   . THR A 1 51 ? 10.651  3.480   0.642   1.00 16.67  ? 51  THR A C   1 
ATOM   377  O O   . THR A 1 51 ? 10.191  4.588   0.376   1.00 17.65  ? 51  THR A O   1 
ATOM   378  C CB  . THR A 1 51 ? 13.105  3.906   0.414   1.00 17.19  ? 51  THR A CB  1 
ATOM   379  O OG1 . THR A 1 51 ? 14.286  3.615   -0.365  1.00 16.52  ? 51  THR A OG1 1 
ATOM   380  C CG2 . THR A 1 51 ? 13.420  3.651   1.875   1.00 17.38  ? 51  THR A CG2 1 
ATOM   381  N N   . ASN A 1 52 ? 10.145  2.638   1.539   1.00 16.15  ? 52  ASN A N   1 
ATOM   382  C CA  . ASN A 1 52 ? 9.097   3.079   2.457   1.00 16.00  ? 52  ASN A CA  1 
ATOM   383  C C   . ASN A 1 52 ? 9.775   3.748   3.648   1.00 15.40  ? 52  ASN A C   1 
ATOM   384  O O   . ASN A 1 52 ? 10.810  3.273   4.126   1.00 19.06  ? 52  ASN A O   1 
ATOM   385  C CB  . ASN A 1 52 ? 8.272   1.899   2.962   1.00 18.87  ? 52  ASN A CB  1 
ATOM   386  C CG  . ASN A 1 52 ? 7.003   1.575   2.203   1.00 18.29  ? 52  ASN A CG  1 
ATOM   387  O OD1 . ASN A 1 52 ? 6.536   2.400   1.408   1.00 22.20  ? 52  ASN A OD1 1 
ATOM   388  N ND2 . ASN A 1 52 ? 6.477   0.376   2.428   1.00 20.33  ? 52  ASN A ND2 1 
ATOM   389  N N   . TYR A 1 53 ? 9.173   4.823   4.123   1.00 16.23  ? 53  TYR A N   1 
ATOM   390  C CA  . TYR A 1 53 ? 9.598   5.414   5.377   1.00 17.78  ? 53  TYR A CA  1 
ATOM   391  C C   . TYR A 1 53 ? 8.444   5.464   6.343   1.00 18.04  ? 53  TYR A C   1 
ATOM   392  O O   . TYR A 1 53 ? 7.344   5.885   5.941   1.00 19.69  ? 53  TYR A O   1 
ATOM   393  C CB  . TYR A 1 53 ? 10.099  6.862   5.155   1.00 19.30  ? 53  TYR A CB  1 
ATOM   394  C CG  . TYR A 1 53 ? 11.346  6.910   4.306   1.00 17.52  ? 53  TYR A CG  1 
ATOM   395  C CD1 . TYR A 1 53 ? 12.567  6.614   4.916   1.00 18.14  ? 53  TYR A CD1 1 
ATOM   396  C CD2 . TYR A 1 53 ? 11.342  7.246   2.955   1.00 21.20  ? 53  TYR A CD2 1 
ATOM   397  C CE1 . TYR A 1 53 ? 13.745  6.656   4.171   1.00 20.55  ? 53  TYR A CE1 1 
ATOM   398  C CE2 . TYR A 1 53 ? 12.540  7.279   2.197   1.00 20.55  ? 53  TYR A CE2 1 
ATOM   399  C CZ  . TYR A 1 53 ? 13.732  6.974   2.835   1.00 21.54  ? 53  TYR A CZ  1 
ATOM   400  O OH  . TYR A 1 53 ? 14.965  6.988   2.155   1.00 27.85  ? 53  TYR A OH  1 
ATOM   401  N N   . PHE A 1 54 ? 8.725   5.070   7.562   1.00 19.51  ? 54  PHE A N   1 
ATOM   402  C CA  . PHE A 1 54 ? 7.741   5.150   8.654   1.00 18.53  ? 54  PHE A CA  1 
ATOM   403  C C   . PHE A 1 54 ? 8.204   6.299   9.526   1.00 17.72  ? 54  PHE A C   1 
ATOM   404  O O   . PHE A 1 54 ? 9.350   6.218   9.999   1.00 21.11  ? 54  PHE A O   1 
ATOM   405  C CB  . PHE A 1 54 ? 7.701   3.815   9.427   1.00 22.87  ? 54  PHE A CB  1 
ATOM   406  C CG  . PHE A 1 54 ? 7.233   2.704   8.476   1.00 30.17  ? 54  PHE A CG  1 
ATOM   407  C CD1 . PHE A 1 54 ? 5.903   2.354   8.387   1.00 35.16  ? 54  PHE A CD1 1 
ATOM   408  C CD2 . PHE A 1 54 ? 8.182   2.081   7.691   1.00 36.31  ? 54  PHE A CD2 1 
ATOM   409  C CE1 . PHE A 1 54 ? 5.549   1.357   7.482   1.00 38.37  ? 54  PHE A CE1 1 
ATOM   410  C CE2 . PHE A 1 54 ? 7.835   1.084   6.793   1.00 37.11  ? 54  PHE A CE2 1 
ATOM   411  C CZ  . PHE A 1 54 ? 6.507   0.755   6.692   1.00 38.49  ? 54  PHE A CZ  1 
ATOM   412  N N   . ILE A 1 55 ? 7.379   7.339   9.663   1.00 18.11  ? 55  ILE A N   1 
ATOM   413  C CA  . ILE A 1 55 ? 7.834   8.569   10.318  1.00 18.58  ? 55  ILE A CA  1 
ATOM   414  C C   . ILE A 1 55 ? 7.007   8.867   11.553  1.00 19.58  ? 55  ILE A C   1 
ATOM   415  O O   . ILE A 1 55 ? 5.790   8.872   11.428  1.00 21.31  ? 55  ILE A O   1 
ATOM   416  C CB  . ILE A 1 55 ? 7.720   9.765   9.359   1.00 17.80  ? 55  ILE A CB  1 
ATOM   417  C CG1 . ILE A 1 55 ? 8.468   9.553   8.026   1.00 17.39  ? 55  ILE A CG1 1 
ATOM   418  C CG2 . ILE A 1 55 ? 8.207   11.033  10.051  1.00 17.97  ? 55  ILE A CG2 1 
ATOM   419  C CD1 . ILE A 1 55 ? 8.154   10.605  6.964   1.00 19.20  ? 55  ILE A CD1 1 
ATOM   420  N N   . LYS A 1 56 ? 7.668   9.103   12.682  0.58 20.31  ? 56  LYS A N   1 
ATOM   421  C CA  . LYS A 1 56 ? 7.001   9.494   13.913  0.58 20.56  ? 56  LYS A CA  1 
ATOM   422  C C   . LYS A 1 56 ? 6.973   11.028  13.976  0.58 19.55  ? 56  LYS A C   1 
ATOM   423  O O   . LYS A 1 56 ? 8.038   11.651  13.802  0.58 21.39  ? 56  LYS A O   1 
ATOM   424  C CB  . LYS A 1 56 ? 7.706   8.932   15.147  0.58 21.78  ? 56  LYS A CB  1 
ATOM   425  C CG  . LYS A 1 56 ? 7.052   9.386   16.460  0.58 25.17  ? 56  LYS A CG  1 
ATOM   426  C CD  . LYS A 1 56 ? 7.731   8.710   17.643  0.58 27.21  ? 56  LYS A CD  1 
ATOM   427  C CE  . LYS A 1 56 ? 7.677   7.190   17.529  0.58 29.80  ? 56  LYS A CE  1 
ATOM   428  N NZ  . LYS A 1 56 ? 6.898   6.566   18.626  0.58 34.50  ? 56  LYS A NZ  1 
ATOM   429  N N   . VAL A 1 57 ? 5.773   11.563  14.208  1.00 20.83  ? 57  VAL A N   1 
ATOM   430  C CA  . VAL A 1 57 ? 5.576   13.024  14.235  1.00 20.41  ? 57  VAL A CA  1 
ATOM   431  C C   . VAL A 1 57 ? 4.940   13.435  15.551  1.00 21.96  ? 57  VAL A C   1 
ATOM   432  O O   . VAL A 1 57 ? 3.965   12.798  15.952  1.00 25.59  ? 57  VAL A O   1 
ATOM   433  C CB  . VAL A 1 57 ? 4.654   13.445  13.064  1.00 18.89  ? 57  VAL A CB  1 
ATOM   434  C CG1 . VAL A 1 57 ? 4.355   14.936  13.090  1.00 20.29  ? 57  VAL A CG1 1 
ATOM   435  C CG2 . VAL A 1 57 ? 5.239   13.052  11.727  1.00 18.44  ? 57  VAL A CG2 1 
ATOM   436  N N   . HIS A 1 58 ? 5.475   14.439  16.229  1.00 21.68  ? 58  HIS A N   1 
ATOM   437  C CA  . HIS A 1 58 ? 4.844   14.991  17.429  1.00 22.93  ? 58  HIS A CA  1 
ATOM   438  C C   . HIS A 1 58 ? 3.760   16.014  17.056  1.00 21.17  ? 58  HIS A C   1 
ATOM   439  O O   . HIS A 1 58 ? 4.030   16.949  16.286  1.00 21.34  ? 58  HIS A O   1 
ATOM   440  C CB  . HIS A 1 58 ? 5.887   15.644  18.327  1.00 25.16  ? 58  HIS A CB  1 
ATOM   441  C CG  . HIS A 1 58 ? 5.307   16.243  19.562  1.00 28.33  ? 58  HIS A CG  1 
ATOM   442  N ND1 . HIS A 1 58 ? 5.527   17.545  19.939  1.00 33.56  ? 58  HIS A ND1 1 
ATOM   443  C CD2 . HIS A 1 58 ? 4.531   15.663  20.497  1.00 27.77  ? 58  HIS A CD2 1 
ATOM   444  C CE1 . HIS A 1 58 ? 4.880   17.762  21.090  1.00 36.23  ? 58  HIS A CE1 1 
ATOM   445  N NE2 . HIS A 1 58 ? 4.273   16.631  21.440  1.00 31.13  ? 58  HIS A NE2 1 
ATOM   446  N N   . VAL A 1 59 ? 2.556   15.787  17.598  1.00 21.90  ? 59  VAL A N   1 
ATOM   447  C CA  . VAL A 1 59 ? 1.472   16.732  17.254  1.00 21.37  ? 59  VAL A CA  1 
ATOM   448  C C   . VAL A 1 59 ? 0.951   17.467  18.486  1.00 23.13  ? 59  VAL A C   1 
ATOM   449  O O   . VAL A 1 59 ? -0.158  18.005  18.454  1.00 24.75  ? 59  VAL A O   1 
ATOM   450  C CB  . VAL A 1 59 ? 0.347   16.044  16.453  1.00 21.04  ? 59  VAL A CB  1 
ATOM   451  C CG1 . VAL A 1 59 ? 0.925   15.472  15.146  1.00 21.55  ? 59  VAL A CG1 1 
ATOM   452  C CG2 . VAL A 1 59 ? -0.355  14.938  17.210  1.00 23.06  ? 59  VAL A CG2 1 
ATOM   453  N N   . GLY A 1 60 ? 1.784   17.537  19.524  1.00 26.12  ? 60  GLY A N   1 
ATOM   454  C CA  . GLY A 1 60 ? 1.556   18.375  20.683  1.00 28.68  ? 60  GLY A CA  1 
ATOM   455  C C   . GLY A 1 60 ? 1.245   17.548  21.906  1.00 27.87  ? 60  GLY A C   1 
ATOM   456  O O   . GLY A 1 60 ? 0.714   16.436  21.803  1.00 30.05  ? 60  GLY A O   1 
ATOM   457  N N   . ASP A 1 61 ? 1.589   18.074  23.061  1.00 34.43  ? 61  ASP A N   1 
ATOM   458  C CA  . ASP A 1 61 ? 1.453   17.363  24.335  1.00 35.50  ? 61  ASP A CA  1 
ATOM   459  C C   . ASP A 1 61 ? 2.029   15.958  24.229  1.00 37.60  ? 61  ASP A C   1 
ATOM   460  O O   . ASP A 1 61 ? 3.197   15.801  23.842  1.00 36.68  ? 61  ASP A O   1 
ATOM   461  C CB  . ASP A 1 61 ? -0.016  17.381  24.784  1.00 37.73  ? 61  ASP A CB  1 
ATOM   462  C CG  . ASP A 1 61 ? -0.438  18.820  25.040  1.00 41.88  ? 61  ASP A CG  1 
ATOM   463  O OD1 . ASP A 1 61 ? 0.374   19.625  25.546  1.00 49.97  ? 61  ASP A OD1 1 
ATOM   464  O OD2 . ASP A 1 61 ? -1.589  19.169  24.727  1.00 51.77  ? 61  ASP A OD2 1 
ATOM   465  N N   . GLU A 1 62 ? 1.275   14.911  24.562  1.00 35.18  ? 62  GLU A N   1 
ATOM   466  C CA  . GLU A 1 62 ? 1.845   13.560  24.488  1.00 33.97  ? 62  GLU A CA  1 
ATOM   467  C C   . GLU A 1 62 ? 1.349   12.841  23.231  1.00 31.33  ? 62  GLU A C   1 
ATOM   468  O O   . GLU A 1 62 ? 1.424   11.614  23.162  1.00 34.04  ? 62  GLU A O   1 
ATOM   469  C CB  . GLU A 1 62 ? 1.490   12.722  25.708  1.00 37.92  ? 62  GLU A CB  1 
ATOM   470  C CG  . GLU A 1 62 ? 1.982   13.260  27.046  1.00 49.47  ? 62  GLU A CG  1 
ATOM   471  C CD  . GLU A 1 62 ? 1.538   12.453  28.244  1.00 58.11  ? 62  GLU A CD  1 
ATOM   472  O OE1 . GLU A 1 62 ? 2.378   12.211  29.143  1.00 77.19  ? 62  GLU A OE1 1 
ATOM   473  O OE2 . GLU A 1 62 ? 0.359   12.035  28.351  1.00 64.26  ? 62  GLU A OE2 1 
ATOM   474  N N   . ASP A 1 63 ? 0.841   13.615  22.284  1.00 30.15  ? 63  ASP A N   1 
ATOM   475  C CA  . ASP A 1 63 ? 0.195   13.048  21.103  1.00 28.33  ? 63  ASP A CA  1 
ATOM   476  C C   . ASP A 1 63 ? 1.119   12.940  19.905  1.00 26.40  ? 63  ASP A C   1 
ATOM   477  O O   . ASP A 1 63 ? 1.846   13.882  19.613  1.00 27.40  ? 63  ASP A O   1 
ATOM   478  C CB  . ASP A 1 63 ? -1.003  13.907  20.664  0.72 27.35  ? 63  ASP A CB  1 
ATOM   479  C CG  . ASP A 1 63 ? -2.119  13.976  21.681  0.72 33.50  ? 63  ASP A CG  1 
ATOM   480  O OD1 . ASP A 1 63 ? -2.465  12.926  22.262  0.72 42.22  ? 63  ASP A OD1 1 
ATOM   481  O OD2 . ASP A 1 63 ? -2.676  15.080  21.906  0.72 40.84  ? 63  ASP A OD2 1 
ATOM   482  N N   . PHE A 1 64 ? 1.085   11.785  19.237  1.00 25.34  ? 64  PHE A N   1 
ATOM   483  C CA  . PHE A 1 64 ? 1.923   11.554  18.080  1.00 26.56  ? 64  PHE A CA  1 
ATOM   484  C C   . PHE A 1 64 ? 1.113   11.007  16.906  1.00 26.64  ? 64  PHE A C   1 
ATOM   485  O O   . PHE A 1 64 ? 0.027   10.471  17.067  1.00 27.94  ? 64  PHE A O   1 
ATOM   486  C CB  . PHE A 1 64 ? 3.060   10.568  18.453  1.00 27.57  ? 64  PHE A CB  1 
ATOM   487  C CG  . PHE A 1 64 ? 4.068   11.181  19.415  1.00 28.67  ? 64  PHE A CG  1 
ATOM   488  C CD1 . PHE A 1 64 ? 3.808   11.280  20.779  1.00 31.07  ? 64  PHE A CD1 1 
ATOM   489  C CD2 . PHE A 1 64 ? 5.278   11.685  18.966  1.00 26.13  ? 64  PHE A CD2 1 
ATOM   490  C CE1 . PHE A 1 64 ? 4.700   11.872  21.637  1.00 31.47  ? 64  PHE A CE1 1 
ATOM   491  C CE2 . PHE A 1 64 ? 6.196   12.243  19.819  1.00 28.18  ? 64  PHE A CE2 1 
ATOM   492  C CZ  . PHE A 1 64 ? 5.917   12.331  21.173  1.00 31.93  ? 64  PHE A CZ  1 
ATOM   493  N N   . VAL A 1 65 ? 1.686   11.151  15.709  1.00 24.84  ? 65  VAL A N   1 
ATOM   494  C CA  . VAL A 1 65 ? 1.145   10.563  14.479  1.00 24.40  ? 65  VAL A CA  1 
ATOM   495  C C   . VAL A 1 65 ? 2.236   9.727   13.834  1.00 20.68  ? 65  VAL A C   1 
ATOM   496  O O   . VAL A 1 65 ? 3.392   10.169  13.881  1.00 23.95  ? 65  VAL A O   1 
ATOM   497  C CB  . VAL A 1 65 ? 0.607   11.658  13.545  1.00 24.52  ? 65  VAL A CB  1 
ATOM   498  C CG1 . VAL A 1 65 ? 0.205   11.127  12.176  1.00 33.98  ? 65  VAL A CG1 1 
ATOM   499  C CG2 . VAL A 1 65 ? -0.612  12.330  14.211  1.00 25.50  ? 65  VAL A CG2 1 
ATOM   500  N N   . HIS A 1 66 ? 1.886   8.572   13.264  1.00 21.34  ? 66  HIS A N   1 
ATOM   501  C CA  . HIS A 1 66 ? 2.828   7.825   12.422  1.00 22.54  ? 66  HIS A CA  1 
ATOM   502  C C   . HIS A 1 66 ? 2.403   7.938   10.966  1.00 20.46  ? 66  HIS A C   1 
ATOM   503  O O   . HIS A 1 66 ? 1.202   7.856   10.688  1.00 22.76  ? 66  HIS A O   1 
ATOM   504  C CB  . HIS A 1 66 ? 2.908   6.338   12.818  1.00 25.93  ? 66  HIS A CB  1 
ATOM   505  C CG  . HIS A 1 66 ? 3.632   6.133   14.104  1.00 27.03  ? 66  HIS A CG  1 
ATOM   506  N ND1 . HIS A 1 66 ? 3.995   4.900   14.580  1.00 27.75  ? 66  HIS A ND1 1 
ATOM   507  C CD2 . HIS A 1 66 ? 4.052   7.026   15.042  1.00 26.83  ? 66  HIS A CD2 1 
ATOM   508  C CE1 . HIS A 1 66 ? 4.604   5.020   15.733  1.00 28.26  ? 66  HIS A CE1 1 
ATOM   509  N NE2 . HIS A 1 66 ? 4.663   6.308   16.055  1.00 27.64  ? 66  HIS A NE2 1 
ATOM   510  N N   . LEU A 1 67 ? 3.361   8.143   10.081  1.00 19.26  ? 67  LEU A N   1 
ATOM   511  C CA  . LEU A 1 67 ? 3.155   8.209   8.642   1.00 17.16  ? 67  LEU A CA  1 
ATOM   512  C C   . LEU A 1 67 ? 3.878   7.077   7.930   1.00 16.74  ? 67  LEU A C   1 
ATOM   513  O O   . LEU A 1 67 ? 4.962   6.678   8.374   1.00 19.68  ? 67  LEU A O   1 
ATOM   514  C CB  . LEU A 1 67 ? 3.718   9.524   8.076   1.00 19.24  ? 67  LEU A CB  1 
ATOM   515  C CG  . LEU A 1 67 ? 3.305   10.798  8.806   1.00 17.89  ? 67  LEU A CG  1 
ATOM   516  C CD1 . LEU A 1 67 ? 3.991   11.992  8.170   1.00 18.77  ? 67  LEU A CD1 1 
ATOM   517  C CD2 . LEU A 1 67 ? 1.774   10.915  8.748   1.00 21.21  ? 67  LEU A CD2 1 
ATOM   518  N N   . ARG A 1 68 ? 3.304   6.598   6.834   1.00 19.25  ? 68  ARG A N   1 
ATOM   519  C CA  . ARG A 1 68 ? 4.018   5.772   5.875   1.00 19.74  ? 68  ARG A CA  1 
ATOM   520  C C   . ARG A 1 68 ? 4.073   6.514   4.548   1.00 18.85  ? 68  ARG A C   1 
ATOM   521  O O   . ARG A 1 68 ? 2.990   6.843   4.021   1.00 20.71  ? 68  ARG A O   1 
ATOM   522  C CB  . ARG A 1 68 ? 3.379   4.388   5.666   0.72 17.66  ? 68  ARG A CB  1 
ATOM   523  C CG  . ARG A 1 68 ? 4.252   3.533   4.748   0.72 19.36  ? 68  ARG A CG  1 
ATOM   524  C CD  . ARG A 1 68 ? 3.859   2.070   4.743   0.72 26.35  ? 68  ARG A CD  1 
ATOM   525  N NE  . ARG A 1 68 ? 2.535   1.988   4.154   0.72 35.70  ? 68  ARG A NE  1 
ATOM   526  C CZ  . ARG A 1 68 ? 2.107   0.996   3.406   0.72 41.71  ? 68  ARG A CZ  1 
ATOM   527  N NH1 . ARG A 1 68 ? 2.912   -0.027  3.149   0.72 46.80  ? 68  ARG A NH1 1 
ATOM   528  N NH2 . ARG A 1 68 ? 0.874   1.074   2.945   0.72 50.10  ? 68  ARG A NH2 1 
ATOM   529  N N   . VAL A 1 69 ? 5.298   6.767   4.086   1.00 17.03  ? 69  VAL A N   1 
ATOM   530  C CA  . VAL A 1 69 ? 5.422   7.470   2.781   1.00 16.37  ? 69  VAL A CA  1 
ATOM   531  C C   . VAL A 1 69 ? 6.326   6.627   1.896   1.00 17.89  ? 69  VAL A C   1 
ATOM   532  O O   . VAL A 1 69 ? 7.153   5.861   2.431   1.00 19.52  ? 69  VAL A O   1 
ATOM   533  C CB  . VAL A 1 69 ? 5.971   8.883   2.975   1.00 16.89  ? 69  VAL A CB  1 
ATOM   534  C CG1 . VAL A 1 69 ? 5.034   9.777   3.791   1.00 20.93  ? 69  VAL A CG1 1 
ATOM   535  C CG2 . VAL A 1 69 ? 7.338   8.852   3.675   1.00 22.26  ? 69  VAL A CG2 1 
ATOM   536  N N   . PHE A 1 70 ? 6.207   6.764   0.589   1.00 18.10  ? 70  PHE A N   1 
ATOM   537  C CA  . PHE A 1 70 ? 7.010   5.986   -0.329  1.00 17.06  ? 70  PHE A CA  1 
ATOM   538  C C   . PHE A 1 70 ? 7.794   6.874   -1.278  1.00 17.85  ? 70  PHE A C   1 
ATOM   539  O O   . PHE A 1 70 ? 7.252   7.865   -1.825  1.00 19.70  ? 70  PHE A O   1 
ATOM   540  C CB  . PHE A 1 70 ? 6.107   5.048   -1.134  1.00 18.20  ? 70  PHE A CB  1 
ATOM   541  C CG  . PHE A 1 70 ? 6.846   4.192   -2.156  1.00 18.73  ? 70  PHE A CG  1 
ATOM   542  C CD1 . PHE A 1 70 ? 7.645   3.134   -1.749  1.00 20.08  ? 70  PHE A CD1 1 
ATOM   543  C CD2 . PHE A 1 70 ? 6.741   4.462   -3.521  1.00 18.63  ? 70  PHE A CD2 1 
ATOM   544  C CE1 . PHE A 1 70 ? 8.299   2.342   -2.700  1.00 17.87  ? 70  PHE A CE1 1 
ATOM   545  C CE2 . PHE A 1 70 ? 7.389   3.683   -4.473  1.00 19.13  ? 70  PHE A CE2 1 
ATOM   546  C CZ  . PHE A 1 70 ? 8.184   2.633   -4.031  1.00 18.22  ? 70  PHE A CZ  1 
ATOM   547  N N   . GLN A 1 71 ? 9.064   6.488   -1.440  1.00 17.16  ? 71  GLN A N   1 
ATOM   548  C CA  . GLN A 1 71 ? 9.962   7.174   -2.386  1.00 17.49  ? 71  GLN A CA  1 
ATOM   549  C C   . GLN A 1 71 ? 10.372  6.191   -3.465  1.00 16.60  ? 71  GLN A C   1 
ATOM   550  O O   . GLN A 1 71 ? 11.091  5.234   -3.165  1.00 16.31  ? 71  GLN A O   1 
ATOM   551  C CB  . GLN A 1 71 ? 11.173  7.735   -1.633  1.00 18.04  ? 71  GLN A CB  1 
ATOM   552  C CG  . GLN A 1 71 ? 12.090  8.649   -2.449  1.00 19.34  ? 71  GLN A CG  1 
ATOM   553  C CD  . GLN A 1 71 ? 13.246  9.216   -1.652  1.00 22.30  ? 71  GLN A CD  1 
ATOM   554  O OE1 . GLN A 1 71 ? 13.428  8.814   -0.492  1.00 27.27  ? 71  GLN A OE1 1 
ATOM   555  N NE2 . GLN A 1 71 ? 14.036  10.132  -2.215  1.00 23.20  ? 71  GLN A NE2 1 
ATOM   556  N N   . SER A 1 72 ? 9.928   6.395   -4.703  1.00 15.55  ? 72  SER A N   1 
ATOM   557  C CA  . SER A 1 72 ? 10.317  5.472   -5.773  1.00 15.50  ? 72  SER A CA  1 
ATOM   558  C C   . SER A 1 72 ? 11.768  5.624   -6.191  1.00 15.64  ? 72  SER A C   1 
ATOM   559  O O   . SER A 1 72 ? 12.316  6.731   -6.129  1.00 16.88  ? 72  SER A O   1 
ATOM   560  C CB  . SER A 1 72 ? 9.427   5.771   -7.008  1.00 16.81  ? 72  SER A CB  1 
ATOM   561  O OG  . SER A 1 72 ? 9.709   4.855   -8.056  1.00 18.11  ? 72  SER A OG  1 
ATOM   562  N N   . LEU A 1 73 ? 12.394  4.561   -6.668  1.00 14.97  ? 73  LEU A N   1 
ATOM   563  C CA  . LEU A 1 73 ? 13.613  4.728   -7.480  1.00 14.23  ? 73  LEU A CA  1 
ATOM   564  C C   . LEU A 1 73 ? 13.315  5.627   -8.659  1.00 16.07  ? 73  LEU A C   1 
ATOM   565  O O   . LEU A 1 73 ? 12.120  5.779   -9.043  1.00 18.41  ? 73  LEU A O   1 
ATOM   566  C CB  . LEU A 1 73 ? 14.115  3.361   -7.936  1.00 14.36  ? 73  LEU A CB  1 
ATOM   567  C CG  . LEU A 1 73 ? 14.838  2.527   -6.867  1.00 14.95  ? 73  LEU A CG  1 
ATOM   568  C CD1 . LEU A 1 73 ? 15.075  1.101   -7.378  1.00 16.53  ? 73  LEU A CD1 1 
ATOM   569  C CD2 . LEU A 1 73 ? 16.149  3.182   -6.421  1.00 15.96  ? 73  LEU A CD2 1 
ATOM   570  N N   . PRO A 1 74 ? 14.301  6.247   -9.301  1.00 16.32  ? 74  PRO A N   1 
ATOM   571  C CA  . PRO A 1 74 ? 15.727  6.140   -8.977  1.00 16.57  ? 74  PRO A CA  1 
ATOM   572  C C   . PRO A 1 74 ? 16.146  6.929   -7.761  1.00 17.86  ? 74  PRO A C   1 
ATOM   573  O O   . PRO A 1 74 ? 15.351  7.628   -7.135  1.00 17.38  ? 74  PRO A O   1 
ATOM   574  C CB  . PRO A 1 74 ? 16.370  6.746   -10.244 1.00 16.78  ? 74  PRO A CB  1 
ATOM   575  C CG  . PRO A 1 74 ? 15.376  7.802   -10.665 1.00 17.19  ? 74  PRO A CG  1 
ATOM   576  C CD  . PRO A 1 74 ? 14.029  7.121   -10.471 1.00 16.17  ? 74  PRO A CD  1 
ATOM   577  N N   . HIS A 1 75 ? 17.427  6.815   -7.363  1.00 16.60  ? 75  HIS A N   1 
ATOM   578  C CA  . HIS A 1 75 ? 17.863  7.433   -6.125  1.00 17.53  ? 75  HIS A CA  1 
ATOM   579  C C   . HIS A 1 75 ? 17.742  8.956   -6.189  1.00 18.10  ? 75  HIS A C   1 
ATOM   580  O O   . HIS A 1 75 ? 17.658  9.606   -5.147  1.00 21.36  ? 75  HIS A O   1 
ATOM   581  C CB  . HIS A 1 75 ? 19.340  7.073   -5.820  1.00 18.21  ? 75  HIS A CB  1 
ATOM   582  C CG  . HIS A 1 75 ? 19.420  5.739   -5.113  1.00 17.65  ? 75  HIS A CG  1 
ATOM   583  N ND1 . HIS A 1 75 ? 19.761  5.512   -3.812  1.00 20.47  ? 75  HIS A ND1 1 
ATOM   584  C CD2 . HIS A 1 75 ? 19.162  4.519   -5.639  1.00 14.16  ? 75  HIS A CD2 1 
ATOM   585  C CE1 . HIS A 1 75 ? 19.699  4.197   -3.535  1.00 15.89  ? 75  HIS A CE1 1 
ATOM   586  N NE2 . HIS A 1 75 ? 19.346  3.597   -4.656  1.00 17.96  ? 75  HIS A NE2 1 
ATOM   587  N N   . GLU A 1 76 ? 17.753  9.549   -7.395  1.00 18.79  ? 76  GLU A N   1 
ATOM   588  C CA  . GLU A 1 76 ? 17.704  11.015  -7.442  1.00 21.11  ? 76  GLU A CA  1 
ATOM   589  C C   . GLU A 1 76 ? 16.276  11.528  -7.416  1.00 19.93  ? 76  GLU A C   1 
ATOM   590  O O   . GLU A 1 76 ? 16.064  12.747  -7.405  1.00 22.16  ? 76  GLU A O   1 
ATOM   591  C CB  . GLU A 1 76 ? 18.476  11.565  -8.660  1.00 21.66  ? 76  GLU A CB  1 
ATOM   592  C CG  . GLU A 1 76 ? 17.780  11.318  -9.997  1.00 23.83  ? 76  GLU A CG  1 
ATOM   593  C CD  . GLU A 1 76 ? 18.151  10.064  -10.737 1.00 24.80  ? 76  GLU A CD  1 
ATOM   594  O OE1 . GLU A 1 76 ? 18.681  9.120   -10.113 1.00 23.52  ? 76  GLU A OE1 1 
ATOM   595  O OE2 . GLU A 1 76 ? 17.895  10.022  -11.981 1.00 26.26  ? 76  GLU A OE2 1 
ATOM   596  N N   . ASN A 1 77 ? 15.303  10.618  -7.395  1.00 19.55  ? 77  ASN A N   1 
ATOM   597  C CA  . ASN A 1 77 ? 13.918  11.059  -7.246  1.00 19.49  ? 77  ASN A CA  1 
ATOM   598  C C   . ASN A 1 77 ? 13.675  11.536  -5.823  1.00 20.04  ? 77  ASN A C   1 
ATOM   599  O O   . ASN A 1 77 ? 13.912  10.803  -4.865  1.00 24.73  ? 77  ASN A O   1 
ATOM   600  C CB  . ASN A 1 77 ? 12.984  9.904   -7.534  1.00 20.49  ? 77  ASN A CB  1 
ATOM   601  C CG  . ASN A 1 77 ? 11.547  10.223  -7.090  1.00 19.98  ? 77  ASN A CG  1 
ATOM   602  O OD1 . ASN A 1 77 ? 11.037  11.273  -7.460  1.00 23.84  ? 77  ASN A OD1 1 
ATOM   603  N ND2 . ASN A 1 77 ? 10.939  9.318   -6.323  1.00 22.45  ? 77  ASN A ND2 1 
ATOM   604  N N   . LYS A 1 78 ? 13.199  12.769  -5.694  1.00 25.02  ? 78  LYS A N   1 
ATOM   605  C CA  . LYS A 1 78 ? 12.971  13.312  -4.352  1.00 27.81  ? 78  LYS A CA  1 
ATOM   606  C C   . LYS A 1 78 ? 11.482  13.443  -4.062  1.00 28.66  ? 78  LYS A C   1 
ATOM   607  O O   . LYS A 1 78 ? 11.108  14.020  -3.034  1.00 36.67  ? 78  LYS A O   1 
ATOM   608  C CB  . LYS A 1 78 ? 13.682  14.662  -4.215  1.00 29.67  ? 78  LYS A CB  1 
ATOM   609  C CG  . LYS A 1 78 ? 15.137  14.733  -4.646  1.00 34.34  ? 78  LYS A CG  1 
ATOM   610  C CD  . LYS A 1 78 ? 15.989  13.783  -3.833  1.00 47.76  ? 78  LYS A CD  1 
ATOM   611  C CE  . LYS A 1 78 ? 17.479  13.973  -4.080  1.00 52.20  ? 78  LYS A CE  1 
ATOM   612  N NZ  . LYS A 1 78 ? 18.167  14.355  -2.812  1.00 66.09  ? 78  LYS A NZ  1 
ATOM   613  N N   . SER A 1 79 ? 10.618  12.936  -4.938  0.58 28.06  ? 79  SER A N   1 
ATOM   614  C CA  . SER A 1 79 ? 9.176   12.979  -4.679  0.58 27.67  ? 79  SER A CA  1 
ATOM   615  C C   . SER A 1 79 ? 8.787   11.811  -3.783  0.58 28.99  ? 79  SER A C   1 
ATOM   616  O O   . SER A 1 79 ? 9.241   10.684  -3.992  0.58 25.15  ? 79  SER A O   1 
ATOM   617  C CB  . SER A 1 79 ? 8.403   12.949  -5.993  0.58 30.50  ? 79  SER A CB  1 
ATOM   618  O OG  . SER A 1 79 ? 7.018   12.703  -5.830  0.58 35.10  ? 79  SER A OG  1 
ATOM   619  N N   . LEU A 1 80 ? 7.946   12.116  -2.793  1.00 27.46  ? 80  LEU A N   1 
ATOM   620  C CA  . LEU A 1 80 ? 7.417   11.009  -2.000  1.00 26.20  ? 80  LEU A CA  1 
ATOM   621  C C   . LEU A 1 80 ? 5.903   11.108  -1.997  1.00 26.57  ? 80  LEU A C   1 
ATOM   622  O O   . LEU A 1 80 ? 5.379   12.226  -2.115  1.00 35.69  ? 80  LEU A O   1 
ATOM   623  C CB  . LEU A 1 80 ? 7.940   11.018  -0.564  1.00 25.72  ? 80  LEU A CB  1 
ATOM   624  C CG  . LEU A 1 80 ? 9.408   10.663  -0.360  1.00 26.43  ? 80  LEU A CG  1 
ATOM   625  C CD1 . LEU A 1 80 ? 10.232  11.944  -0.394  1.00 35.87  ? 80  LEU A CD1 1 
ATOM   626  C CD2 . LEU A 1 80 ? 9.609   9.922   0.956   1.00 23.82  ? 80  LEU A CD2 1 
ATOM   627  N N   . THR A 1 81 ? 5.228   9.986   -1.857  1.00 22.43  ? 81  THR A N   1 
ATOM   628  C CA  . THR A 1 81 ? 3.782   9.998   -1.747  1.00 23.71  ? 81  THR A CA  1 
ATOM   629  C C   . THR A 1 81 ? 3.337   9.398   -0.427  1.00 20.96  ? 81  THR A C   1 
ATOM   630  O O   . THR A 1 81 ? 3.961   8.535   0.180   1.00 21.81  ? 81  THR A O   1 
ATOM   631  C CB  . THR A 1 81 ? 3.173   9.225   -2.920  1.00 26.37  ? 81  THR A CB  1 
ATOM   632  O OG1 . THR A 1 81 ? 3.732   7.908   -2.913  1.00 30.51  ? 81  THR A OG1 1 
ATOM   633  C CG2 . THR A 1 81 ? 3.578   9.841   -4.236  1.00 36.16  ? 81  THR A CG2 1 
ATOM   634  N N   . LEU A 1 82 ? 2.241   9.946   0.051   1.00 19.28  ? 82  LEU A N   1 
ATOM   635  C CA  . LEU A 1 82 ? 1.667   9.485   1.311   1.00 19.50  ? 82  LEU A CA  1 
ATOM   636  C C   . LEU A 1 82 ? 0.877   8.194   1.113   1.00 19.91  ? 82  LEU A C   1 
ATOM   637  O O   . LEU A 1 82 ? -0.049  8.173   0.289   1.00 24.49  ? 82  LEU A O   1 
ATOM   638  C CB  . LEU A 1 82 ? 0.708   10.569  1.842   1.00 22.52  ? 82  LEU A CB  1 
ATOM   639  C CG  . LEU A 1 82 ? -0.044  10.245  3.127   1.00 21.73  ? 82  LEU A CG  1 
ATOM   640  C CD1 . LEU A 1 82 ? 0.916   10.003  4.272   1.00 23.07  ? 82  LEU A CD1 1 
ATOM   641  C CD2 . LEU A 1 82 ? -1.031  11.364  3.498   1.00 23.99  ? 82  LEU A CD2 1 
ATOM   642  N N   . SER A 1 83 ? 1.241   7.151   1.842   0.58 19.82  ? 83  SER A N   1 
ATOM   643  C CA  . SER A 1 83 ? 0.591   5.848   1.735   0.58 21.48  ? 83  SER A CA  1 
ATOM   644  C C   . SER A 1 83 ? -0.420  5.562   2.838   0.58 22.96  ? 83  SER A C   1 
ATOM   645  O O   . SER A 1 83 ? -1.447  4.923   2.600   0.58 27.96  ? 83  SER A O   1 
ATOM   646  C CB  . SER A 1 83 ? 1.646   4.736   1.779   0.58 21.25  ? 83  SER A CB  1 
ATOM   647  O OG  . SER A 1 83 ? 2.562   4.927   0.714   0.58 21.96  ? 83  SER A OG  1 
ATOM   648  N N   . ASN A 1 84 ? -0.146  6.004   4.057   1.00 23.07  ? 84  ASN A N   1 
ATOM   649  C CA  . ASN A 1 84 ? -1.024  5.745   5.205   1.00 23.93  ? 84  ASN A CA  1 
ATOM   650  C C   . ASN A 1 84 ? -0.594  6.609   6.384   1.00 24.00  ? 84  ASN A C   1 
ATOM   651  O O   . ASN A 1 84 ? 0.501   7.180   6.426   1.00 21.07  ? 84  ASN A O   1 
ATOM   652  C CB  . ASN A 1 84 ? -0.972  4.264   5.620   1.00 27.49  ? 84  ASN A CB  1 
ATOM   653  C CG  . ASN A 1 84 ? -2.223  3.785   6.336   1.00 32.99  ? 84  ASN A CG  1 
ATOM   654  O OD1 . ASN A 1 84 ? -3.155  4.580   6.523   1.00 33.25  ? 84  ASN A OD1 1 
ATOM   655  N ND2 . ASN A 1 84 ? -2.318  2.521   6.726   1.00 30.91  ? 84  ASN A ND2 1 
ATOM   656  N N   . TYR A 1 85 ? -1.488  6.703   7.372   1.00 24.63  ? 85  TYR A N   1 
ATOM   657  C CA  . TYR A 1 85 ? -1.176  7.479   8.567   1.00 21.76  ? 85  TYR A CA  1 
ATOM   658  C C   . TYR A 1 85 ? -1.968  6.840   9.702   1.00 22.20  ? 85  TYR A C   1 
ATOM   659  O O   . TYR A 1 85 ? -2.972  6.161   9.454   1.00 28.14  ? 85  TYR A O   1 
ATOM   660  C CB  . TYR A 1 85 ? -1.479  8.980   8.494   1.00 24.90  ? 85  TYR A CB  1 
ATOM   661  C CG  . TYR A 1 85 ? -2.951  9.300   8.415   1.00 29.06  ? 85  TYR A CG  1 
ATOM   662  C CD1 . TYR A 1 85 ? -3.712  9.641   9.537   1.00 30.24  ? 85  TYR A CD1 1 
ATOM   663  C CD2 . TYR A 1 85 ? -3.585  9.240   7.174   1.00 34.82  ? 85  TYR A CD2 1 
ATOM   664  C CE1 . TYR A 1 85 ? -5.073  9.916   9.383   1.00 36.66  ? 85  TYR A CE1 1 
ATOM   665  C CE2 . TYR A 1 85 ? -4.932  9.518   7.023   1.00 37.49  ? 85  TYR A CE2 1 
ATOM   666  C CZ  . TYR A 1 85 ? -5.667  9.855   8.144   1.00 39.35  ? 85  TYR A CZ  1 
ATOM   667  O OH  . TYR A 1 85 ? -7.007  10.132  7.989   1.00 60.31  ? 85  TYR A OH  1 
ATOM   668  N N   . GLN A 1 86 ? -1.497  7.077   10.897  1.00 25.35  ? 86  GLN A N   1 
ATOM   669  C CA  . GLN A 1 86 ? -2.159  6.619   12.105  1.00 28.70  ? 86  GLN A CA  1 
ATOM   670  C C   . GLN A 1 86 ? -2.083  7.730   13.149  1.00 28.61  ? 86  GLN A C   1 
ATOM   671  O O   . GLN A 1 86 ? -0.968  8.208   13.363  1.00 27.32  ? 86  GLN A O   1 
ATOM   672  C CB  . GLN A 1 86 ? -1.510  5.372   12.686  1.00 31.81  ? 86  GLN A CB  1 
ATOM   673  C CG  . GLN A 1 86 ? -1.446  4.163   11.766  1.00 38.06  ? 86  GLN A CG  1 
ATOM   674  C CD  . GLN A 1 86 ? -0.881  3.008   12.583  1.00 46.05  ? 86  GLN A CD  1 
ATOM   675  O OE1 . GLN A 1 86 ? 0.123   3.217   13.280  1.00 46.92  ? 86  GLN A OE1 1 
ATOM   676  N NE2 . GLN A 1 86 ? -1.526  1.856   12.500  1.00 54.82  ? 86  GLN A NE2 1 
ATOM   677  N N   . THR A 1 87 ? -3.198  8.075   13.776  1.00 30.83  ? 87  THR A N   1 
ATOM   678  C CA  . THR A 1 87 ? -3.171  9.082   14.834  1.00 29.98  ? 87  THR A CA  1 
ATOM   679  C C   . THR A 1 87 ? -3.204  8.388   16.195  1.00 29.89  ? 87  THR A C   1 
ATOM   680  O O   . THR A 1 87 ? -3.206  7.141   16.312  1.00 36.47  ? 87  THR A O   1 
ATOM   681  C CB  . THR A 1 87 ? -4.308  10.111  14.721  1.00 29.51  ? 87  THR A CB  1 
ATOM   682  O OG1 . THR A 1 87 ? -5.596  9.514   14.824  1.00 34.41  ? 87  THR A OG1 1 
ATOM   683  C CG2 . THR A 1 87 ? -4.269  10.812  13.360  1.00 29.82  ? 87  THR A CG2 1 
ATOM   684  N N   . ASN A 1 88 ? -3.210  9.173   17.269  1.00 30.97  ? 88  ASN A N   1 
ATOM   685  C CA  . ASN A 1 88 ? -3.261  8.591   18.600  1.00 35.64  ? 88  ASN A CA  1 
ATOM   686  C C   . ASN A 1 88 ? -2.064  7.711   18.955  1.00 34.42  ? 88  ASN A C   1 
ATOM   687  O O   . ASN A 1 88 ? -2.231  6.660   19.594  1.00 44.58  ? 88  ASN A O   1 
ATOM   688  C CB  . ASN A 1 88 ? -4.494  7.730   18.765  1.00 39.10  ? 88  ASN A CB  1 
ATOM   689  C CG  . ASN A 1 88 ? -5.834  8.131   18.210  1.00 45.54  ? 88  ASN A CG  1 
ATOM   690  O OD1 . ASN A 1 88 ? -6.461  9.102   18.660  1.00 40.28  ? 88  ASN A OD1 1 
ATOM   691  N ND2 . ASN A 1 88 ? -6.344  7.326   17.237  1.00 43.37  ? 88  ASN A ND2 1 
ATOM   692  N N   . LYS A 1 89 ? -0.847  8.093   18.619  1.00 34.01  ? 89  LYS A N   1 
ATOM   693  C CA  . LYS A 1 89 ? 0.327   7.299   18.976  1.00 33.42  ? 89  LYS A CA  1 
ATOM   694  C C   . LYS A 1 89 ? 1.099   7.940   20.115  1.00 35.95  ? 89  LYS A C   1 
ATOM   695  O O   . LYS A 1 89 ? 0.914   9.104   20.488  1.00 32.22  ? 89  LYS A O   1 
ATOM   696  C CB  . LYS A 1 89 ? 1.197   7.144   17.730  1.00 34.97  ? 89  LYS A CB  1 
ATOM   697  C CG  . LYS A 1 89 ? 0.443   7.003   16.411  1.00 39.39  ? 89  LYS A CG  1 
ATOM   698  C CD  . LYS A 1 89 ? -0.533  5.844   16.372  1.00 43.51  ? 89  LYS A CD  1 
ATOM   699  C CE  . LYS A 1 89 ? 0.133   4.533   16.038  1.00 44.84  ? 89  LYS A CE  1 
ATOM   700  N NZ  . LYS A 1 89 ? 1.520   4.419   16.539  1.00 38.44  ? 89  LYS A NZ  1 
ATOM   701  N N   . ALA A 1 90 ? 1.992   7.169   20.716  1.00 38.94  ? 90  ALA A N   1 
ATOM   702  C CA  . ALA A 1 90 ? 2.741   7.618   21.887  1.00 40.04  ? 90  ALA A CA  1 
ATOM   703  C C   . ALA A 1 90 ? 4.229   7.747   21.594  1.00 41.45  ? 90  ALA A C   1 
ATOM   704  O O   . ALA A 1 90 ? 4.688   7.210   20.581  1.00 40.27  ? 90  ALA A O   1 
ATOM   705  C CB  . ALA A 1 90 ? 2.486   6.658   23.052  1.00 50.75  ? 90  ALA A CB  1 
ATOM   706  N N   . LYS A 1 91 ? 4.936   8.449   22.450  1.00 40.65  ? 91  LYS A N   1 
ATOM   707  C CA  . LYS A 1 91 ? 6.329   8.798   22.204  1.00 39.48  ? 91  LYS A CA  1 
ATOM   708  C C   . LYS A 1 91 ? 7.169   7.544   22.049  1.00 45.01  ? 91  LYS A C   1 
ATOM   709  O O   . LYS A 1 91 ? 7.984   7.499   21.120  1.00 41.71  ? 91  LYS A O   1 
ATOM   710  C CB  . LYS A 1 91 ? 6.827   9.693   23.337  1.00 43.98  ? 91  LYS A CB  1 
ATOM   711  C CG  . LYS A 1 91 ? 8.181   9.300   23.891  1.00 55.25  ? 91  LYS A CG  1 
ATOM   712  C CD  . LYS A 1 91 ? 9.114   10.496  23.913  1.00 61.99  ? 91  LYS A CD  1 
ATOM   713  C CE  . LYS A 1 91 ? 10.226  10.319  24.942  1.00 70.53  ? 91  LYS A CE  1 
ATOM   714  N NZ  . LYS A 1 91 ? 11.017  11.585  25.068  1.00 77.48  ? 91  LYS A NZ  1 
ATOM   715  N N   . HIS A 1 92 ? 6.954   6.547   22.900  1.00 49.48  ? 92  HIS A N   1 
ATOM   716  C CA  . HIS A 1 92 ? 7.691   5.285   22.763  1.00 52.15  ? 92  HIS A CA  1 
ATOM   717  C C   . HIS A 1 92 ? 6.960   4.232   21.959  1.00 48.94  ? 92  HIS A C   1 
ATOM   718  O O   . HIS A 1 92 ? 7.305   3.049   22.041  1.00 58.83  ? 92  HIS A O   1 
ATOM   719  C CB  . HIS A 1 92 ? 8.038   4.758   24.174  1.00 56.71  ? 92  HIS A CB  1 
ATOM   720  C CG  . HIS A 1 92 ? 9.146   5.599   24.749  1.00 63.27  ? 92  HIS A CG  1 
ATOM   721  N ND1 . HIS A 1 92 ? 8.958   6.628   25.636  1.00 68.24  ? 92  HIS A ND1 1 
ATOM   722  C CD2 . HIS A 1 92 ? 10.481  5.558   24.525  1.00 64.74  ? 92  HIS A CD2 1 
ATOM   723  C CE1 . HIS A 1 92 ? 10.126  7.172   25.930  1.00 69.15  ? 92  HIS A CE1 1 
ATOM   724  N NE2 . HIS A 1 92 ? 11.077  6.539   25.277  1.00 66.92  ? 92  HIS A NE2 1 
ATOM   725  N N   . ASP A 1 93 ? 5.954   4.544   21.148  1.00 46.39  ? 93  ASP A N   1 
ATOM   726  C CA  . ASP A 1 93 ? 5.388   3.524   20.268  1.00 45.85  ? 93  ASP A CA  1 
ATOM   727  C C   . ASP A 1 93 ? 6.306   3.171   19.088  1.00 45.47  ? 93  ASP A C   1 
ATOM   728  O O   . ASP A 1 93 ? 6.717   4.088   18.396  1.00 43.06  ? 93  ASP A O   1 
ATOM   729  C CB  . ASP A 1 93 ? 4.082   4.021   19.663  1.00 50.00  ? 93  ASP A CB  1 
ATOM   730  C CG  . ASP A 1 93 ? 2.846   3.663   20.449  1.00 51.59  ? 93  ASP A CG  1 
ATOM   731  O OD1 . ASP A 1 93 ? 2.987   2.980   21.490  1.00 56.44  ? 93  ASP A OD1 1 
ATOM   732  O OD2 . ASP A 1 93 ? 1.755   4.077   19.987  1.00 53.59  ? 93  ASP A OD2 1 
ATOM   733  N N   . GLU A 1 94 ? 6.589   1.893   18.884  0.58 45.17  ? 94  GLU A N   1 
ATOM   734  C CA  . GLU A 1 94 ? 7.442   1.400   17.817  0.58 42.45  ? 94  GLU A CA  1 
ATOM   735  C C   . GLU A 1 94 ? 7.000   1.832   16.426  0.58 41.62  ? 94  GLU A C   1 
ATOM   736  O O   . GLU A 1 94 ? 5.810   1.897   16.114  0.58 40.31  ? 94  GLU A O   1 
ATOM   737  C CB  A GLU A 1 94 ? 7.457   -0.136  17.839  0.58 42.21  ? 94  GLU A CB  1 
ATOM   738  C CB  B GLU A 1 94 ? 7.667   -0.119  17.935  0.42 42.44  ? 94  GLU A CB  1 
ATOM   739  C CG  A GLU A 1 94 ? 8.721   -0.765  18.397  0.58 44.40  ? 94  GLU A CG  1 
ATOM   740  C CG  B GLU A 1 94 ? 8.855   -0.615  17.113  0.42 41.33  ? 94  GLU A CG  1 
ATOM   741  C CD  A GLU A 1 94 ? 8.788   -2.219  17.948  0.58 45.69  ? 94  GLU A CD  1 
ATOM   742  C CD  B GLU A 1 94 ? 10.000  0.380   17.219  0.42 44.31  ? 94  GLU A CD  1 
ATOM   743  O OE1 A GLU A 1 94 ? 8.176   -3.066  18.630  0.58 57.48  ? 94  GLU A OE1 1 
ATOM   744  O OE1 B GLU A 1 94 ? 10.199  1.204   16.304  0.42 44.18  ? 94  GLU A OE1 1 
ATOM   745  O OE2 A GLU A 1 94 ? 9.435   -2.483  16.912  0.58 48.74  ? 94  GLU A OE2 1 
ATOM   746  O OE2 B GLU A 1 94 ? 10.690  0.329   18.257  0.42 55.36  ? 94  GLU A OE2 1 
ATOM   747  N N   . LEU A 1 95 ? 7.979   2.107   15.562  1.00 39.52  ? 95  LEU A N   1 
ATOM   748  C CA  . LEU A 1 95 ? 7.637   2.363   14.160  1.00 38.55  ? 95  LEU A CA  1 
ATOM   749  C C   . LEU A 1 95 ? 7.523   1.010   13.474  1.00 44.44  ? 95  LEU A C   1 
ATOM   750  O O   . LEU A 1 95 ? 8.422   0.484   12.833  1.00 52.58  ? 95  LEU A O   1 
ATOM   751  C CB  . LEU A 1 95 ? 8.660   3.280   13.496  0.72 29.12  ? 95  LEU A CB  1 
ATOM   752  C CG  . LEU A 1 95 ? 8.500   4.746   13.921  0.72 27.81  ? 95  LEU A CG  1 
ATOM   753  C CD1 . LEU A 1 95 ? 9.771   5.520   13.619  0.72 27.49  ? 95  LEU A CD1 1 
ATOM   754  C CD2 . LEU A 1 95 ? 7.280   5.366   13.249  0.72 21.76  ? 95  LEU A CD2 1 
ATOM   755  N N   . THR A 1 96 ? 6.359   0.408   13.682  1.00 50.15  ? 96  THR A N   1 
ATOM   756  C CA  . THR A 1 96 ? 6.108   -0.914  13.116  1.00 55.13  ? 96  THR A CA  1 
ATOM   757  C C   . THR A 1 96 ? 5.402   -0.731  11.782  1.00 53.40  ? 96  THR A C   1 
ATOM   758  O O   . THR A 1 96 ? 4.755   0.300   11.560  1.00 51.28  ? 96  THR A O   1 
ATOM   759  C CB  . THR A 1 96 ? 5.271   -1.808  14.039  0.72 59.59  ? 96  THR A CB  1 
ATOM   760  O OG1 . THR A 1 96 ? 5.273   -1.293  15.375  0.72 63.65  ? 96  THR A OG1 1 
ATOM   761  C CG2 . THR A 1 96 ? 5.905   -3.192  14.098  0.72 61.52  ? 96  THR A CG2 1 
ATOM   762  N N   . TYR A 1 97 ? 5.556   -1.723  10.915  1.00 47.10  ? 97  TYR A N   1 
ATOM   763  C CA  . TYR A 1 97 ? 4.829   -1.638  9.660   1.00 43.06  ? 97  TYR A CA  1 
ATOM   764  C C   . TYR A 1 97 ? 3.334   -1.500  9.958   1.00 39.31  ? 97  TYR A C   1 
ATOM   765  O O   . TYR A 1 97 ? 2.837   -2.056  10.947  1.00 44.71  ? 97  TYR A O   1 
ATOM   766  C CB  . TYR A 1 97 ? 5.043   -2.878  8.796   1.00 45.89  ? 97  TYR A CB  1 
ATOM   767  C CG  . TYR A 1 97 ? 4.436   -2.771  7.412   1.00 51.92  ? 97  TYR A CG  1 
ATOM   768  C CD1 . TYR A 1 97 ? 5.181   -2.244  6.361   1.00 49.48  ? 97  TYR A CD1 1 
ATOM   769  C CD2 . TYR A 1 97 ? 3.132   -3.203  7.156   1.00 55.60  ? 97  TYR A CD2 1 
ATOM   770  C CE1 . TYR A 1 97 ? 4.630   -2.150  5.098   1.00 54.55  ? 97  TYR A CE1 1 
ATOM   771  C CE2 . TYR A 1 97 ? 2.569   -3.105  5.903   1.00 60.56  ? 97  TYR A CE2 1 
ATOM   772  C CZ  . TYR A 1 97 ? 3.335   -2.575  4.880   1.00 59.49  ? 97  TYR A CZ  1 
ATOM   773  O OH  . TYR A 1 97 ? 2.787   -2.476  3.620   1.00 71.03  ? 97  TYR A OH  1 
ATOM   774  N N   . PHE A 1 98 ? 2.717   -0.776  9.061   1.00 38.29  ? 98  PHE A N   1 
ATOM   775  C CA  . PHE A 1 98 ? 1.291   -0.538  8.948   1.00 41.58  ? 98  PHE A CA  1 
ATOM   776  C C   . PHE A 1 98 ? 1.086   -0.020  7.509   1.00 41.59  ? 98  PHE A C   1 
ATOM   777  O O   . PHE A 1 98 ? 2.082   0.450   6.934   1.00 44.36  ? 98  PHE A O   1 
ATOM   778  C CB  . PHE A 1 98 ? 0.737   0.383   10.027  1.00 41.27  ? 98  PHE A CB  1 
ATOM   779  C CG  . PHE A 1 98 ? 1.043   1.861   9.815   1.00 43.58  ? 98  PHE A CG  1 
ATOM   780  C CD1 . PHE A 1 98 ? 2.213   2.420   10.301  1.00 43.28  ? 98  PHE A CD1 1 
ATOM   781  C CD2 . PHE A 1 98 ? 0.163   2.692   9.139   1.00 45.20  ? 98  PHE A CD2 1 
ATOM   782  C CE1 . PHE A 1 98 ? 2.508   3.770   10.100  1.00 43.68  ? 98  PHE A CE1 1 
ATOM   783  C CE2 . PHE A 1 98 ? 0.455   4.029   8.913   1.00 45.40  ? 98  PHE A CE2 1 
ATOM   784  C CZ  . PHE A 1 98 ? 1.632   4.584   9.395   1.00 40.84  ? 98  PHE A CZ  1 
ATOM   785  O OXT . PHE A 1 98 ? -0.062  -0.175  7.065   1.00 43.90  ? 98  PHE A OXT 1 
ATOM   786  N N   . GLY B 1 4  ? 12.907  -6.475  2.196   0.00 0.00   ? 4   GLY B N   1 
ATOM   787  C CA  . GLY B 1 4  ? 13.411  -5.483  3.119   0.00 0.00   ? 4   GLY B CA  1 
ATOM   788  C C   . GLY B 1 4  ? 13.020  -5.736  4.564   0.00 0.00   ? 4   GLY B C   1 
ATOM   789  O O   . GLY B 1 4  ? 12.075  -6.453  4.867   0.00 0.00   ? 4   GLY B O   1 
ATOM   790  H H   . GLY B 1 4  ? 12.353  -7.157  2.597   0.00 0.00   ? 4   GLY B H   1 
ATOM   791  N N   . ALA B 1 5  ? 13.766  -5.104  5.462   0.00 0.00   ? 5   ALA B N   1 
ATOM   792  C CA  . ALA B 1 5  ? 13.554  -5.222  6.892   0.00 0.00   ? 5   ALA B CA  1 
ATOM   793  C C   . ALA B 1 5  ? 13.793  -3.777  7.309   0.00 0.00   ? 5   ALA B C   1 
ATOM   794  O O   . ALA B 1 5  ? 14.855  -3.211  7.011   0.00 0.00   ? 5   ALA B O   1 
ATOM   795  C CB  . ALA B 1 5  ? 14.611  -6.128  7.507   0.00 0.00   ? 5   ALA B CB  1 
ATOM   796  H H   . ALA B 1 5  ? 14.492  -4.472  5.267   0.00 0.00   ? 5   ALA B H   1 
ATOM   797  N N   . PRO B 1 6  ? 12.800  -3.111  7.930   0.00 0.00   ? 6   PRO B N   1 
ATOM   798  C CA  . PRO B 1 6  ? 13.116  -1.730  8.293   0.00 0.00   ? 6   PRO B CA  1 
ATOM   799  C C   . PRO B 1 6  ? 14.374  -1.531  9.136   0.00 0.00   ? 6   PRO B C   1 
ATOM   800  O O   . PRO B 1 6  ? 14.672  -2.320  10.036  0.00 0.00   ? 6   PRO B O   1 
ATOM   801  C CB  . PRO B 1 6  ? 11.844  -1.259  8.997   0.00 0.00   ? 6   PRO B CB  1 
ATOM   802  C CG  . PRO B 1 6  ? 11.295  -2.518  9.597   0.00 0.00   ? 6   PRO B CG  1 
ATOM   803  C CD  . PRO B 1 6  ? 11.510  -3.529  8.504   0.00 0.00   ? 6   PRO B CD  1 
ATOM   804  N N   . SER B 1 7  ? 15.119  -0.477  8.803   0.00 0.00   ? 7   SER B N   1 
ATOM   805  C CA  . SER B 1 7  ? 16.345  -0.128  9.490   0.00 0.00   ? 7   SER B CA  1 
ATOM   806  C C   . SER B 1 7  ? 16.122  0.183   10.968  0.00 0.00   ? 7   SER B C   1 
ATOM   807  O O   . SER B 1 7  ? 15.044  -0.064  11.514  0.00 0.00   ? 7   SER B O   1 
ATOM   808  C CB  . SER B 1 7  ? 16.986  1.092   8.801   0.00 0.00   ? 7   SER B CB  1 
ATOM   809  O OG  . SER B 1 7  ? 16.061  2.171   8.710   0.00 0.00   ? 7   SER B OG  1 
ATOM   810  H H   . SER B 1 7  ? 14.860  0.081   8.028   0.00 0.00   ? 7   SER B H   1 
ATOM   811  H HG  . SER B 1 7  ? 15.171  1.902   8.933   0.00 0.00   ? 7   SER B HG  1 
ATOM   812  N N   . ALA B 1 8  ? 17.168  0.689   11.615  1.00 30.16  ? 8   ALA B N   1 
ATOM   813  C CA  . ALA B 1 8  ? 17.081  1.079   13.012  1.00 28.83  ? 8   ALA B CA  1 
ATOM   814  C C   . ALA B 1 8  ? 16.441  2.461   13.029  1.00 28.17  ? 8   ALA B C   1 
ATOM   815  O O   . ALA B 1 8  ? 16.463  3.175   12.020  1.00 30.26  ? 8   ALA B O   1 
ATOM   816  C CB  . ALA B 1 8  ? 18.473  1.127   13.625  1.00 33.62  ? 8   ALA B CB  1 
ATOM   817  N N   . THR B 1 9  ? 15.870  2.840   14.165  1.00 29.05  ? 9   THR B N   1 
ATOM   818  C CA  . THR B 1 9  ? 15.237  4.148   14.270  1.00 31.74  ? 9   THR B CA  1 
ATOM   819  C C   . THR B 1 9  ? 16.261  5.260   14.060  1.00 30.25  ? 9   THR B C   1 
ATOM   820  O O   . THR B 1 9  ? 17.273  5.334   14.764  1.00 37.19  ? 9   THR B O   1 
ATOM   821  C CB  . THR B 1 9  ? 14.529  4.333   15.624  1.00 35.36  ? 9   THR B CB  1 
ATOM   822  O OG1 . THR B 1 9  ? 13.614  3.248   15.839  1.00 37.68  ? 9   THR B OG1 1 
ATOM   823  C CG2 . THR B 1 9  ? 13.755  5.646   15.646  1.00 38.79  ? 9   THR B CG2 1 
ATOM   824  N N   . GLN B 1 10 ? 15.993  6.118   13.083  1.00 27.61  ? 10  GLN B N   1 
ATOM   825  C CA  . GLN B 1 10 ? 16.887  7.221   12.747  1.00 29.35  ? 10  GLN B CA  1 
ATOM   826  C C   . GLN B 1 10 ? 16.273  8.573   13.144  1.00 29.31  ? 10  GLN B C   1 
ATOM   827  O O   . GLN B 1 10 ? 15.053  8.740   13.096  1.00 25.87  ? 10  GLN B O   1 
ATOM   828  C CB  . GLN B 1 10 ? 17.176  7.205   11.237  1.00 29.74  ? 10  GLN B CB  1 
ATOM   829  C CG  . GLN B 1 10 ? 17.619  5.841   10.681  1.00 28.72  ? 10  GLN B CG  1 
ATOM   830  C CD  . GLN B 1 10 ? 17.927  5.888   9.191   1.00 27.36  ? 10  GLN B CD  1 
ATOM   831  O OE1 . GLN B 1 10 ? 17.549  5.010   8.395   1.00 31.48  ? 10  GLN B OE1 1 
ATOM   832  N NE2 . GLN B 1 10 ? 18.597  6.929   8.760   1.00 32.23  ? 10  GLN B NE2 1 
ATOM   833  N N   . PRO B 1 11 ? 17.107  9.543   13.562  1.00 30.16  ? 11  PRO B N   1 
ATOM   834  C CA  . PRO B 1 11 ? 16.542  10.848  13.950  1.00 27.74  ? 11  PRO B CA  1 
ATOM   835  C C   . PRO B 1 11 ? 16.071  11.638  12.741  1.00 28.02  ? 11  PRO B C   1 
ATOM   836  O O   . PRO B 1 11 ? 16.726  11.592  11.705  1.00 29.05  ? 11  PRO B O   1 
ATOM   837  C CB  . PRO B 1 11 ? 17.713  11.544  14.630  1.00 32.83  ? 11  PRO B CB  1 
ATOM   838  C CG  . PRO B 1 11 ? 18.952  10.783  14.323  1.00 37.23  ? 11  PRO B CG  1 
ATOM   839  C CD  . PRO B 1 11 ? 18.570  9.437   13.799  1.00 33.69  ? 11  PRO B CD  1 
ATOM   840  N N   . ALA B 1 12 ? 14.946  12.347  12.888  1.00 26.50  ? 12  ALA B N   1 
ATOM   841  C CA  . ALA B 1 12 ? 14.461  13.195  11.824  1.00 24.62  ? 12  ALA B CA  1 
ATOM   842  C C   . ALA B 1 12 ? 15.470  14.270  11.441  1.00 24.89  ? 12  ALA B C   1 
ATOM   843  O O   . ALA B 1 12 ? 16.179  14.791  12.316  1.00 30.47  ? 12  ALA B O   1 
ATOM   844  C CB  . ALA B 1 12 ? 13.138  13.894  12.218  1.00 24.59  ? 12  ALA B CB  1 
ATOM   845  N N   . THR B 1 13 ? 15.539  14.626  10.176  1.00 25.62  ? 13  THR B N   1 
ATOM   846  C CA  . THR B 1 13 ? 16.358  15.710  9.628   1.00 25.23  ? 13  THR B CA  1 
ATOM   847  C C   . THR B 1 13 ? 15.460  16.778  9.051   1.00 24.38  ? 13  THR B C   1 
ATOM   848  O O   . THR B 1 13 ? 14.226  16.662  9.086   1.00 24.92  ? 13  THR B O   1 
ATOM   849  C CB  . THR B 1 13 ? 17.223  15.206  8.455   1.00 24.11  ? 13  THR B CB  1 
ATOM   850  O OG1 . THR B 1 13 ? 16.340  14.636  7.472   1.00 24.91  ? 13  THR B OG1 1 
ATOM   851  C CG2 . THR B 1 13 ? 18.191  14.131  8.947   1.00 26.63  ? 13  THR B CG2 1 
ATOM   852  N N   . ALA B 1 14 ? 16.052  17.795  8.489   1.00 26.34  ? 14  ALA B N   1 
ATOM   853  C CA  . ALA B 1 14 ? 15.297  18.868  7.871   1.00 24.01  ? 14  ALA B CA  1 
ATOM   854  C C   . ALA B 1 14 ? 14.463  18.273  6.752   1.00 22.77  ? 14  ALA B C   1 
ATOM   855  O O   . ALA B 1 14 ? 13.334  18.691  6.476   1.00 24.73  ? 14  ALA B O   1 
ATOM   856  C CB  . ALA B 1 14 ? 16.263  19.941  7.396   1.00 28.19  ? 14  ALA B CB  1 
ATOM   857  N N   . GLU B 1 15 ? 15.002  17.127  6.028   0.58 24.35  ? 15  GLU B N   1 
ATOM   858  C CA  . GLU B 1 15 ? 14.127  16.627  4.961   0.58 23.22  ? 15  GLU B CA  1 
ATOM   859  C C   . GLU B 1 15 ? 12.840  16.071  5.547   0.58 21.49  ? 15  GLU B C   1 
ATOM   860  O O   . GLU B 1 15 ? 12.001  15.880  4.871   0.58 20.80  ? 15  GLU B O   1 
ATOM   861  C CB  . GLU B 1 15 ? 14.961  15.625  4.161   0.58 26.17  ? 15  GLU B CB  1 
ATOM   862  C CG  . GLU B 1 15 ? 14.826  15.210  3.100   0.58 25.97  ? 15  GLU B CG  1 
ATOM   863  C CD  . GLU B 1 15 ? 15.544  14.509  1.970   0.58 29.85  ? 15  GLU B CD  1 
ATOM   864  O OE1 . GLU B 1 15 ? 16.306  13.514  2.153   0.58 20.35  ? 15  GLU B OE1 1 
ATOM   865  O OE2 . GLU B 1 15 ? 15.282  15.034  0.833   0.58 29.24  ? 15  GLU B OE2 1 
ATOM   866  N N   . THR B 1 16 ? 13.205  15.224  6.639   1.00 19.89  ? 16  THR B N   1 
ATOM   867  C CA  . THR B 1 16 ? 12.043  14.554  7.228   1.00 17.68  ? 16  THR B CA  1 
ATOM   868  C C   . THR B 1 16 ? 10.944  15.571  7.524   1.00 18.00  ? 16  THR B C   1 
ATOM   869  O O   . THR B 1 16 ? 9.750   15.357  7.334   1.00 18.51  ? 16  THR B O   1 
ATOM   870  C CB  . THR B 1 16 ? 12.413  13.841  8.543   1.00 18.11  ? 16  THR B CB  1 
ATOM   871  O OG1 . THR B 1 16 ? 13.675  13.154  8.423   1.00 19.85  ? 16  THR B OG1 1 
ATOM   872  C CG2 . THR B 1 16 ? 11.349  12.804  8.906   1.00 21.42  ? 16  THR B CG2 1 
ATOM   873  N N   . GLN B 1 17 ? 11.357  16.740  8.009   1.00 19.07  ? 17  GLN B N   1 
ATOM   874  C CA  . GLN B 1 17 ? 10.391  17.783  8.372   1.00 18.59  ? 17  GLN B CA  1 
ATOM   875  C C   . GLN B 1 17 ? 9.738   18.360  7.128   1.00 18.91  ? 17  GLN B C   1 
ATOM   876  O O   . GLN B 1 17 ? 8.521   18.616  7.150   1.00 19.48  ? 17  GLN B O   1 
ATOM   877  C CB  . GLN B 1 17 ? 11.051  18.919  9.134   1.00 20.06  ? 17  GLN B CB  1 
ATOM   878  C CG  . GLN B 1 17 ? 10.087  19.943  9.691   1.00 21.40  ? 17  GLN B CG  1 
ATOM   879  C CD  . GLN B 1 17 ? 9.081   19.311  10.657  1.00 20.19  ? 17  GLN B CD  1 
ATOM   880  O OE1 . GLN B 1 17 ? 9.486   18.648  11.617  1.00 22.52  ? 17  GLN B OE1 1 
ATOM   881  N NE2 . GLN B 1 17 ? 7.794   19.536  10.406  1.00 22.12  ? 17  GLN B NE2 1 
ATOM   882  N N   . HIS B 1 18 ? 10.515  18.514  6.041   1.00 20.66  ? 18  HIS B N   1 
ATOM   883  C CA  . HIS B 1 18 ? 9.847   18.959  4.814   1.00 20.76  ? 18  HIS B CA  1 
ATOM   884  C C   . HIS B 1 18 ? 8.742   18.015  4.356   1.00 20.30  ? 18  HIS B C   1 
ATOM   885  O O   . HIS B 1 18 ? 7.661   18.443  3.887   1.00 19.89  ? 18  HIS B O   1 
ATOM   886  C CB  . HIS B 1 18 ? 10.955  19.060  3.747   1.00 26.15  ? 18  HIS B CB  1 
ATOM   887  C CG  . HIS B 1 18 ? 10.501  19.693  2.507   1.00 35.02  ? 18  HIS B CG  1 
ATOM   888  N ND1 . HIS B 1 18 ? 10.660  19.067  1.288   1.00 43.20  ? 18  HIS B ND1 1 
ATOM   889  C CD2 . HIS B 1 18 ? 9.907   20.877  2.265   1.00 36.67  ? 18  HIS B CD2 1 
ATOM   890  C CE1 . HIS B 1 18 ? 10.174  19.858  0.348   1.00 46.06  ? 18  HIS B CE1 1 
ATOM   891  N NE2 . HIS B 1 18 ? 9.707   20.969  0.918   1.00 45.29  ? 18  HIS B NE2 1 
ATOM   892  N N   . ILE B 1 19 ? 9.035   16.695  4.445   1.00 20.71  ? 19  ILE B N   1 
ATOM   893  C CA  . ILE B 1 19 ? 8.031   15.680  4.104   1.00 19.93  ? 19  ILE B CA  1 
ATOM   894  C C   . ILE B 1 19 ? 6.850   15.801  5.038   1.00 17.85  ? 19  ILE B C   1 
ATOM   895  O O   . ILE B 1 19 ? 5.688   15.802  4.623   1.00 19.55  ? 19  ILE B O   1 
ATOM   896  C CB  . ILE B 1 19 ? 8.653   14.269  4.137   1.00 21.30  ? 19  ILE B CB  1 
ATOM   897  C CG1 . ILE B 1 19 ? 9.776   14.146  3.095   1.00 24.61  ? 19  ILE B CG1 1 
ATOM   898  C CG2 . ILE B 1 19 ? 7.546   13.263  3.932   1.00 27.07  ? 19  ILE B CG2 1 
ATOM   899  C CD1 . ILE B 1 19 ? 10.628  12.899  3.299   1.00 32.55  ? 19  ILE B CD1 1 
ATOM   900  N N   . ALA B 1 20 ? 7.098   15.961  6.329   1.00 19.11  ? 20  ALA B N   1 
ATOM   901  C CA  . ALA B 1 20 ? 5.996   16.103  7.276   1.00 18.00  ? 20  ALA B CA  1 
ATOM   902  C C   . ALA B 1 20 ? 5.186   17.354  7.001   1.00 19.07  ? 20  ALA B C   1 
ATOM   903  O O   . ALA B 1 20 ? 3.960   17.294  7.156   1.00 18.57  ? 20  ALA B O   1 
ATOM   904  C CB  . ALA B 1 20 ? 6.556   16.098  8.706   1.00 18.87  ? 20  ALA B CB  1 
ATOM   905  N N   . ASP B 1 21 ? 5.820   18.469  6.651   1.00 19.10  ? 21  ASP B N   1 
ATOM   906  C CA  . ASP B 1 21 ? 5.041   19.691  6.360   1.00 19.89  ? 21  ASP B CA  1 
ATOM   907  C C   . ASP B 1 21 ? 4.059   19.482  5.208   1.00 19.97  ? 21  ASP B C   1 
ATOM   908  O O   . ASP B 1 21 ? 2.911   19.952  5.254   1.00 22.06  ? 21  ASP B O   1 
ATOM   909  C CB  . ASP B 1 21 ? 5.969   20.830  5.970   1.00 21.80  ? 21  ASP B CB  1 
ATOM   910  C CG  . ASP B 1 21 ? 6.954   21.274  7.027   1.00 22.75  ? 21  ASP B CG  1 
ATOM   911  O OD1 . ASP B 1 21 ? 6.680   21.099  8.230   1.00 24.60  ? 21  ASP B OD1 1 
ATOM   912  O OD2 . ASP B 1 21 ? 8.014   21.835  6.605   1.00 25.79  ? 21  ASP B OD2 1 
ATOM   913  N N   . GLN B 1 22 ? 4.472   18.772  4.168   1.00 19.23  ? 22  GLN B N   1 
ATOM   914  C CA  . GLN B 1 22 ? 3.643   18.422  3.008   1.00 20.85  ? 22  GLN B CA  1 
ATOM   915  C C   . GLN B 1 22 ? 2.470   17.572  3.459   1.00 18.94  ? 22  GLN B C   1 
ATOM   916  O O   . GLN B 1 22 ? 1.293   17.774  3.122   1.00 21.16  ? 22  GLN B O   1 
ATOM   917  C CB  . GLN B 1 22 ? 4.443   17.617  1.949   1.00 24.17  ? 22  GLN B CB  1 
ATOM   918  C CG  . GLN B 1 22 ? 3.703   16.901  0.824   1.00 33.89  ? 22  GLN B CG  1 
ATOM   919  C CD  . GLN B 1 22 ? 4.397   15.804  0.034   1.00 35.92  ? 22  GLN B CD  1 
ATOM   920  O OE1 . GLN B 1 22 ? 5.460   15.996  -0.568  1.00 42.58  ? 22  GLN B OE1 1 
ATOM   921  N NE2 . GLN B 1 22 ? 3.881   14.570  -0.069  1.00 33.95  ? 22  GLN B NE2 1 
ATOM   922  N N   . VAL B 1 23 ? 2.823   16.573  4.269   1.00 18.11  ? 23  VAL B N   1 
ATOM   923  C CA  . VAL B 1 23 ? 1.758   15.653  4.738   1.00 18.69  ? 23  VAL B CA  1 
ATOM   924  C C   . VAL B 1 23 ? 0.750   16.373  5.614   1.00 17.83  ? 23  VAL B C   1 
ATOM   925  O O   . VAL B 1 23 ? -0.439  16.076  5.528   1.00 20.66  ? 23  VAL B O   1 
ATOM   926  C CB  . VAL B 1 23 ? 2.387   14.430  5.438   1.00 17.72  ? 23  VAL B CB  1 
ATOM   927  C CG1 . VAL B 1 23 ? 1.328   13.594  6.156   1.00 18.93  ? 23  VAL B CG1 1 
ATOM   928  C CG2 . VAL B 1 23 ? 3.137   13.550  4.430   1.00 17.17  ? 23  VAL B CG2 1 
ATOM   929  N N   . ARG B 1 24 ? 1.209   17.303  6.450   1.00 17.60  ? 24  ARG B N   1 
ATOM   930  C CA  . ARG B 1 24 ? 0.252   18.047  7.287   1.00 19.12  ? 24  ARG B CA  1 
ATOM   931  C C   . ARG B 1 24 ? -0.823  18.698  6.435   1.00 20.76  ? 24  ARG B C   1 
ATOM   932  O O   . ARG B 1 24 ? -2.034  18.678  6.737   1.00 20.69  ? 24  ARG B O   1 
ATOM   933  C CB  . ARG B 1 24 ? 1.014   19.076  8.096   1.00 18.06  ? 24  ARG B CB  1 
ATOM   934  C CG  . ARG B 1 24 ? 0.137   19.823  9.098   1.00 19.00  ? 24  ARG B CG  1 
ATOM   935  C CD  . ARG B 1 24 ? 0.947   20.959  9.733   1.00 18.62  ? 24  ARG B CD  1 
ATOM   936  N NE  . ARG B 1 24 ? 0.226   21.477  10.922  1.00 17.55  ? 24  ARG B NE  1 
ATOM   937  C CZ  . ARG B 1 24 ? 0.761   22.478  11.624  1.00 18.30  ? 24  ARG B CZ  1 
ATOM   938  N NH1 . ARG B 1 24 ? 1.954   23.036  11.315  1.00 20.87  ? 24  ARG B NH1 1 
ATOM   939  N NH2 . ARG B 1 24 ? 0.112   22.954  12.695  1.00 19.25  ? 24  ARG B NH2 1 
ATOM   940  N N   . SER B 1 25 ? -0.350  19.306  5.326   1.00 20.22  ? 25  SER B N   1 
ATOM   941  C CA  . SER B 1 25 ? -1.338  19.940  4.430   1.00 21.99  ? 25  SER B CA  1 
ATOM   942  C C   . SER B 1 25 ? -2.273  18.912  3.787   1.00 22.80  ? 25  SER B C   1 
ATOM   943  O O   . SER B 1 25 ? -3.477  19.206  3.714   1.00 24.21  ? 25  SER B O   1 
ATOM   944  C CB  . SER B 1 25 ? -0.712  20.750  3.302   1.00 24.57  ? 25  SER B CB  1 
ATOM   945  O OG  . SER B 1 25 ? 0.122   21.783  3.794   1.00 41.54  ? 25  SER B OG  1 
ATOM   946  N N   . GLN B 1 26 ? -1.753  17.778  3.339   1.00 20.84  ? 26  GLN B N   1 
ATOM   947  C CA  . GLN B 1 26 ? -2.603  16.773  2.731   1.00 22.14  ? 26  GLN B CA  1 
ATOM   948  C C   . GLN B 1 26 ? -3.625  16.242  3.720   1.00 22.79  ? 26  GLN B C   1 
ATOM   949  O O   . GLN B 1 26 ? -4.793  16.028  3.343   1.00 24.16  ? 26  GLN B O   1 
ATOM   950  C CB  . GLN B 1 26 ? -1.761  15.607  2.224   1.00 23.38  ? 26  GLN B CB  1 
ATOM   951  C CG  . GLN B 1 26 ? -0.728  15.913  1.175   1.00 24.62  ? 26  GLN B CG  1 
ATOM   952  C CD  . GLN B 1 26 ? 0.060   14.681  0.748   1.00 29.97  ? 26  GLN B CD  1 
ATOM   953  O OE1 . GLN B 1 26 ? -0.384  13.937  -0.133  1.00 45.42  ? 26  GLN B OE1 1 
ATOM   954  N NE2 . GLN B 1 26 ? 1.200   14.447  1.363   1.00 34.06  ? 26  GLN B NE2 1 
ATOM   955  N N   . LEU B 1 27 ? -3.217  16.005  4.970   1.00 21.81  ? 27  LEU B N   1 
ATOM   956  C CA  . LEU B 1 27 ? -4.170  15.505  5.953   1.00 22.12  ? 27  LEU B CA  1 
ATOM   957  C C   . LEU B 1 27 ? -5.238  16.526  6.255   1.00 21.58  ? 27  LEU B C   1 
ATOM   958  O O   . LEU B 1 27 ? -6.398  16.154  6.447   1.00 23.27  ? 27  LEU B O   1 
ATOM   959  C CB  . LEU B 1 27 ? -3.503  15.095  7.278   1.00 21.96  ? 27  LEU B CB  1 
ATOM   960  C CG  . LEU B 1 27 ? -2.508  13.944  7.139   1.00 22.77  ? 27  LEU B CG  1 
ATOM   961  C CD1 . LEU B 1 27 ? -1.874  13.636  8.485   1.00 25.68  ? 27  LEU B CD1 1 
ATOM   962  C CD2 . LEU B 1 27 ? -3.174  12.706  6.578   1.00 27.97  ? 27  LEU B CD2 1 
ATOM   963  N N   . GLU B 1 28 ? -4.893  17.811  6.280   1.00 22.74  ? 28  GLU B N   1 
ATOM   964  C CA  . GLU B 1 28 ? -5.954  18.812  6.528   1.00 25.20  ? 28  GLU B CA  1 
ATOM   965  C C   . GLU B 1 28 ? -6.913  18.837  5.371   1.00 27.34  ? 28  GLU B C   1 
ATOM   966  O O   . GLU B 1 28 ? -8.133  18.835  5.507   1.00 35.58  ? 28  GLU B O   1 
ATOM   967  C CB  . GLU B 1 28 ? -5.257  20.159  6.690   1.00 28.88  ? 28  GLU B CB  1 
ATOM   968  C CG  . GLU B 1 28 ? -6.140  21.348  6.991   1.00 38.54  ? 28  GLU B CG  1 
ATOM   969  C CD  . GLU B 1 28 ? -5.209  22.472  7.454   1.00 39.88  ? 28  GLU B CD  1 
ATOM   970  O OE1 . GLU B 1 28 ? -4.367  22.881  6.644   1.00 41.31  ? 28  GLU B OE1 1 
ATOM   971  O OE2 . GLU B 1 28 ? -5.332  22.915  8.609   1.00 73.17  ? 28  GLU B OE2 1 
ATOM   972  N N   . GLU B 1 29 ? -6.354  18.885  4.142   1.00 28.84  ? 29  GLU B N   1 
ATOM   973  C CA  . GLU B 1 29 ? -7.197  19.069  2.976   1.00 32.21  ? 29  GLU B CA  1 
ATOM   974  C C   . GLU B 1 29 ? -8.074  17.856  2.711   1.00 34.91  ? 29  GLU B C   1 
ATOM   975  O O   . GLU B 1 29 ? -9.283  17.981  2.453   1.00 40.88  ? 29  GLU B O   1 
ATOM   976  C CB  . GLU B 1 29 ? -6.353  19.396  1.725   1.00 35.59  ? 29  GLU B CB  1 
ATOM   977  C CG  . GLU B 1 29 ? -7.254  19.901  0.600   1.00 40.39  ? 29  GLU B CG  1 
ATOM   978  C CD  . GLU B 1 29 ? -6.467  20.581  -0.503  0.00 41.23  ? 29  GLU B CD  1 
ATOM   979  O OE1 . GLU B 1 29 ? -6.538  21.824  -0.606  0.00 41.58  ? 29  GLU B OE1 1 
ATOM   980  O OE2 . GLU B 1 29 ? -5.779  19.874  -1.266  0.00 45.44  ? 29  GLU B OE2 1 
ATOM   981  N N   . LYS B 1 30 ? -7.525  16.644  2.737   1.00 34.03  ? 30  LYS B N   1 
ATOM   982  C CA  . LYS B 1 30 ? -8.368  15.521  2.303   1.00 38.89  ? 30  LYS B CA  1 
ATOM   983  C C   . LYS B 1 30 ? -9.025  14.754  3.435   1.00 38.47  ? 30  LYS B C   1 
ATOM   984  O O   . LYS B 1 30 ? -10.074 14.122  3.185   1.00 40.94  ? 30  LYS B O   1 
ATOM   985  C CB  . LYS B 1 30 ? -7.519  14.560  1.458   0.00 38.46  ? 30  LYS B CB  1 
ATOM   986  C CG  . LYS B 1 30 ? -6.783  15.240  0.313   0.00 38.33  ? 30  LYS B CG  1 
ATOM   987  C CD  . LYS B 1 30 ? -6.535  14.273  -0.833  0.00 38.54  ? 30  LYS B CD  1 
ATOM   988  C CE  . LYS B 1 30 ? -5.425  14.773  -1.745  0.00 38.47  ? 30  LYS B CE  1 
ATOM   989  N NZ  . LYS B 1 30 ? -4.204  13.925  -1.650  0.00 38.54  ? 30  LYS B NZ  1 
ATOM   990  N N   . TYR B 1 31 ? -8.451  14.783  4.637   1.00 37.74  ? 31  TYR B N   1 
ATOM   991  C CA  . TYR B 1 31 ? -9.039  13.967  5.701   1.00 40.03  ? 31  TYR B CA  1 
ATOM   992  C C   . TYR B 1 31 ? -9.485  14.819  6.885   1.00 41.26  ? 31  TYR B C   1 
ATOM   993  O O   . TYR B 1 31 ? -9.758  14.206  7.933   1.00 40.41  ? 31  TYR B O   1 
ATOM   994  C CB  . TYR B 1 31 ? -8.039  12.888  6.137   1.00 43.62  ? 31  TYR B CB  1 
ATOM   995  C CG  . TYR B 1 31 ? -7.498  12.162  4.929   1.00 44.93  ? 31  TYR B CG  1 
ATOM   996  C CD1 . TYR B 1 31 ? -8.374  11.468  4.098   1.00 49.32  ? 31  TYR B CD1 1 
ATOM   997  C CD2 . TYR B 1 31 ? -6.157  12.171  4.606   1.00 47.08  ? 31  TYR B CD2 1 
ATOM   998  C CE1 . TYR B 1 31 ? -7.895  10.804  2.987   1.00 53.06  ? 31  TYR B CE1 1 
ATOM   999  C CE2 . TYR B 1 31 ? -5.673  11.505  3.494   1.00 52.10  ? 31  TYR B CE2 1 
ATOM   1000 C CZ  . TYR B 1 31 ? -6.549  10.818  2.681   1.00 54.94  ? 31  TYR B CZ  1 
ATOM   1001 O OH  . TYR B 1 31 ? -6.063  10.153  1.567   1.00 64.41  ? 31  TYR B OH  1 
ATOM   1002 N N   . ASN B 1 32 ? -9.547  16.116  6.665   1.00 34.76  ? 32  ASN B N   1 
ATOM   1003 C CA  . ASN B 1 32 ? -9.848  17.289  7.455   1.00 39.47  ? 32  ASN B CA  1 
ATOM   1004 C C   . ASN B 1 32 ? -9.275  17.300  8.875   1.00 36.51  ? 32  ASN B C   1 
ATOM   1005 O O   . ASN B 1 32 ? -9.884  17.791  9.836   1.00 43.95  ? 32  ASN B O   1 
ATOM   1006 C CB  . ASN B 1 32 ? -11.367 17.517  7.560   1.00 49.04  ? 32  ASN B CB  1 
ATOM   1007 C CG  . ASN B 1 32 ? -11.578 18.994  7.905   1.00 48.32  ? 32  ASN B CG  1 
ATOM   1008 O OD1 . ASN B 1 32 ? -11.524 19.324  9.079   1.00 55.50  ? 32  ASN B OD1 1 
ATOM   1009 N ND2 . ASN B 1 32 ? -11.761 19.802  6.870   1.00 54.51  ? 32  ASN B ND2 1 
ATOM   1010 N N   . LYS B 1 33 ? -8.064  16.774  9.003   1.00 31.73  ? 33  LYS B N   1 
ATOM   1011 C CA  . LYS B 1 33 ? -7.351  16.533  10.224  1.00 28.85  ? 33  LYS B CA  1 
ATOM   1012 C C   . LYS B 1 33 ? -6.478  17.737  10.528  1.00 26.82  ? 33  LYS B C   1 
ATOM   1013 O O   . LYS B 1 33 ? -5.624  18.087  9.694   1.00 32.60  ? 33  LYS B O   1 
ATOM   1014 C CB  . LYS B 1 33 ? -6.449  15.294  10.104  1.00 32.81  ? 33  LYS B CB  1 
ATOM   1015 C CG  . LYS B 1 33 ? -7.169  13.955  10.051  1.00 43.61  ? 33  LYS B CG  1 
ATOM   1016 C CD  . LYS B 1 33 ? -6.805  13.036  11.207  1.00 48.23  ? 33  LYS B CD  1 
ATOM   1017 C CE  . LYS B 1 33 ? -7.958  12.934  12.195  1.00 50.81  ? 33  LYS B CE  1 
ATOM   1018 N NZ  . LYS B 1 33 ? -7.543  13.209  13.598  1.00 50.88  ? 33  LYS B NZ  1 
ATOM   1019 N N   . LYS B 1 34 ? -6.680  18.343  11.669  1.00 27.34  ? 34  LYS B N   1 
ATOM   1020 C CA  . LYS B 1 34 ? -5.889  19.525  12.015  1.00 26.44  ? 34  LYS B CA  1 
ATOM   1021 C C   . LYS B 1 34 ? -5.048  19.257  13.250  1.00 22.74  ? 34  LYS B C   1 
ATOM   1022 O O   . LYS B 1 34 ? -5.542  18.559  14.153  1.00 28.24  ? 34  LYS B O   1 
ATOM   1023 C CB  . LYS B 1 34 ? -6.893  20.656  12.247  1.00 30.08  ? 34  LYS B CB  1 
ATOM   1024 C CG  . LYS B 1 34 ? -7.729  21.028  11.018  1.00 33.77  ? 34  LYS B CG  1 
ATOM   1025 C CD  . LYS B 1 34 ? -8.484  22.331  11.263  1.00 37.88  ? 34  LYS B CD  1 
ATOM   1026 C CE  . LYS B 1 34 ? -9.635  22.074  12.226  1.00 38.05  ? 34  LYS B CE  1 
ATOM   1027 N NZ  . LYS B 1 34 ? -10.679 21.264  11.536  1.00 47.48  ? 34  LYS B NZ  1 
ATOM   1028 N N   . PHE B 1 35 ? -3.840  19.804  13.340  1.00 20.62  ? 35  PHE B N   1 
ATOM   1029 C CA  . PHE B 1 35 ? -2.994  19.633  14.529  1.00 20.41  ? 35  PHE B CA  1 
ATOM   1030 C C   . PHE B 1 35 ? -2.369  20.973  14.918  1.00 19.38  ? 35  PHE B C   1 
ATOM   1031 O O   . PHE B 1 35 ? -2.149  21.797  14.033  1.00 20.80  ? 35  PHE B O   1 
ATOM   1032 C CB  . PHE B 1 35 ? -1.865  18.639  14.277  1.00 20.87  ? 35  PHE B CB  1 
ATOM   1033 C CG  . PHE B 1 35 ? -2.328  17.298  13.736  1.00 20.09  ? 35  PHE B CG  1 
ATOM   1034 C CD1 . PHE B 1 35 ? -2.804  16.307  14.590  1.00 21.59  ? 35  PHE B CD1 1 
ATOM   1035 C CD2 . PHE B 1 35 ? -2.295  17.041  12.377  1.00 21.75  ? 35  PHE B CD2 1 
ATOM   1036 C CE1 . PHE B 1 35 ? -3.252  15.076  14.114  1.00 22.34  ? 35  PHE B CE1 1 
ATOM   1037 C CE2 . PHE B 1 35 ? -2.769  15.819  11.929  1.00 24.07  ? 35  PHE B CE2 1 
ATOM   1038 C CZ  . PHE B 1 35 ? -3.273  14.843  12.771  1.00 24.44  ? 35  PHE B CZ  1 
ATOM   1039 N N   . PRO B 1 36 ? -2.080  21.196  16.173  1.00 20.81  ? 36  PRO B N   1 
ATOM   1040 C CA  . PRO B 1 36 ? -1.461  22.456  16.579  1.00 21.12  ? 36  PRO B CA  1 
ATOM   1041 C C   . PRO B 1 36 ? 0.040   22.521  16.259  1.00 19.23  ? 36  PRO B C   1 
ATOM   1042 O O   . PRO B 1 36 ? 0.561   23.638  16.158  1.00 21.57  ? 36  PRO B O   1 
ATOM   1043 C CB  . PRO B 1 36 ? -1.637  22.484  18.109  1.00 21.12  ? 36  PRO B CB  1 
ATOM   1044 C CG  . PRO B 1 36 ? -1.796  21.055  18.480  1.00 24.24  ? 36  PRO B CG  1 
ATOM   1045 C CD  . PRO B 1 36 ? -2.396  20.314  17.316  1.00 24.27  ? 36  PRO B CD  1 
ATOM   1046 N N   . VAL B 1 37 ? 0.670   21.368  16.063  0.72 18.15  ? 37  VAL B N   1 
ATOM   1047 C CA  . VAL B 1 37 ? 2.080   21.313  15.654  0.72 18.53  ? 37  VAL B CA  1 
ATOM   1048 C C   . VAL B 1 37 ? 2.262   20.030  14.868  1.00 18.72  ? 37  VAL B C   1 
ATOM   1049 O O   . VAL B 1 37 ? 1.395   19.154  14.929  1.00 20.10  ? 37  VAL B O   1 
ATOM   1050 C CB  . VAL B 1 37 ? 3.050   21.346  16.839  0.72 19.94  ? 37  VAL B CB  1 
ATOM   1051 C CG1 . VAL B 1 37 ? 3.053   20.046  17.633  0.72 25.85  ? 37  VAL B CG1 1 
ATOM   1052 C CG2 . VAL B 1 37 ? 4.468   21.690  16.410  0.72 26.52  ? 37  VAL B CG2 1 
ATOM   1053 N N   . PHE B 1 38 ? 3.358   19.936  14.115  1.00 18.79  ? 38  PHE B N   1 
ATOM   1054 C CA  . PHE B 1 38 ? 3.522   18.733  13.293  1.00 20.13  ? 38  PHE B CA  1 
ATOM   1055 C C   . PHE B 1 38 ? 5.022   18.526  13.108  1.00 22.21  ? 38  PHE B C   1 
ATOM   1056 O O   . PHE B 1 38 ? 5.580   18.762  12.035  1.00 23.83  ? 38  PHE B O   1 
ATOM   1057 C CB  . PHE B 1 38 ? 2.779   18.872  11.973  1.00 19.74  ? 38  PHE B CB  1 
ATOM   1058 C CG  . PHE B 1 38 ? 2.349   17.549  11.331  1.00 17.94  ? 38  PHE B CG  1 
ATOM   1059 C CD1 . PHE B 1 38 ? 1.239   16.861  11.823  1.00 19.51  ? 38  PHE B CD1 1 
ATOM   1060 C CD2 . PHE B 1 38 ? 3.051   17.022  10.260  1.00 18.89  ? 38  PHE B CD2 1 
ATOM   1061 C CE1 . PHE B 1 38 ? 0.876   15.668  11.231  1.00 21.96  ? 38  PHE B CE1 1 
ATOM   1062 C CE2 . PHE B 1 38 ? 2.701   15.834  9.665   1.00 20.48  ? 38  PHE B CE2 1 
ATOM   1063 C CZ  . PHE B 1 38 ? 1.613   15.130  10.155  1.00 20.91  ? 38  PHE B CZ  1 
ATOM   1064 N N   . LYS B 1 39 ? 5.702   18.089  14.167  0.58 20.71  ? 39  LYS B N   1 
ATOM   1065 C CA  . LYS B 1 39 ? 7.156   18.066  14.213  0.58 19.97  ? 39  LYS B CA  1 
ATOM   1066 C C   . LYS B 1 39 ? 7.735   16.663  14.089  0.58 21.55  ? 39  LYS B C   1 
ATOM   1067 O O   . LYS B 1 39 ? 7.576   15.812  14.967  0.58 24.20  ? 39  LYS B O   1 
ATOM   1068 C CB  A LYS B 1 39 ? 7.651   18.700  15.522  0.58 23.34  ? 39  LYS B CB  1 
ATOM   1069 C CB  B LYS B 1 39 ? 7.612   18.618  15.548  0.42 24.94  ? 39  LYS B CB  1 
ATOM   1070 C CG  A LYS B 1 39 ? 9.145   18.468  15.779  0.58 23.44  ? 39  LYS B CG  1 
ATOM   1071 C CG  B LYS B 1 39 ? 8.211   20.011  15.390  0.42 28.23  ? 39  LYS B CG  1 
ATOM   1072 C CD  A LYS B 1 39 ? 9.557   19.148  17.076  0.58 30.66  ? 39  LYS B CD  1 
ATOM   1073 C CD  B LYS B 1 39 ? 7.361   20.852  14.446  0.42 32.00  ? 39  LYS B CD  1 
ATOM   1074 C CE  A LYS B 1 39 ? 11.055  19.193  17.282  0.58 33.38  ? 39  LYS B CE  1 
ATOM   1075 C CE  B LYS B 1 39 ? 7.491   22.337  14.735  0.42 36.41  ? 39  LYS B CE  1 
ATOM   1076 N NZ  A LYS B 1 39 ? 11.454  18.668  18.620  0.58 42.28  ? 39  LYS B NZ  1 
ATOM   1077 N NZ  B LYS B 1 39 ? 7.261   23.120  13.485  0.42 43.94  ? 39  LYS B NZ  1 
ATOM   1078 N N   . ALA B 1 40 ? 8.447   16.450  12.987  1.00 20.70  ? 40  ALA B N   1 
ATOM   1079 C CA  . ALA B 1 40 ? 9.025   15.136  12.707  1.00 20.02  ? 40  ALA B CA  1 
ATOM   1080 C C   . ALA B 1 40 ? 10.018  14.804  13.820  1.00 21.00  ? 40  ALA B C   1 
ATOM   1081 O O   . ALA B 1 40 ? 10.819  15.693  14.171  1.00 25.22  ? 40  ALA B O   1 
ATOM   1082 C CB  . ALA B 1 40 ? 9.640   15.155  11.321  1.00 21.74  ? 40  ALA B CB  1 
ATOM   1083 N N   . VAL B 1 41 ? 9.964   13.590  14.333  1.00 21.85  ? 41  VAL B N   1 
ATOM   1084 C CA  . VAL B 1 41 ? 10.864  13.149  15.422  1.00 22.39  ? 41  VAL B CA  1 
ATOM   1085 C C   . VAL B 1 41 ? 11.878  12.116  14.941  1.00 21.83  ? 41  VAL B C   1 
ATOM   1086 O O   . VAL B 1 41 ? 13.082  12.203  15.240  1.00 25.87  ? 41  VAL B O   1 
ATOM   1087 C CB  . VAL B 1 41 ? 10.054  12.646  16.628  1.00 26.24  ? 41  VAL B CB  1 
ATOM   1088 C CG1 . VAL B 1 41 ? 10.957  11.918  17.626  1.00 32.77  ? 41  VAL B CG1 1 
ATOM   1089 C CG2 . VAL B 1 41 ? 9.335   13.823  17.290  1.00 29.14  ? 41  VAL B CG2 1 
ATOM   1090 N N   . SER B 1 42 ? 11.448  11.102  14.190  1.00 23.81  ? 42  SER B N   1 
ATOM   1091 C CA  . SER B 1 42 ? 12.309  9.975   13.862  1.00 22.18  ? 42  SER B CA  1 
ATOM   1092 C C   . SER B 1 42 ? 11.676  9.167   12.746  1.00 23.25  ? 42  SER B C   1 
ATOM   1093 O O   . SER B 1 42 ? 10.510  9.412   12.429  1.00 24.01  ? 42  SER B O   1 
ATOM   1094 C CB  . SER B 1 42 ? 12.466  9.080   15.090  1.00 25.38  ? 42  SER B CB  1 
ATOM   1095 O OG  . SER B 1 42 ? 11.194  8.540   15.489  1.00 26.39  ? 42  SER B OG  1 
ATOM   1096 N N   . PHE B 1 43 ? 12.442  8.243   12.153  1.00 22.57  ? 43  PHE B N   1 
ATOM   1097 C CA  . PHE B 1 43 ? 11.874  7.436   11.084  1.00 20.73  ? 43  PHE B CA  1 
ATOM   1098 C C   . PHE B 1 43 ? 12.595  6.098   11.031  1.00 19.40  ? 43  PHE B C   1 
ATOM   1099 O O   . PHE B 1 43 ? 13.673  5.886   11.628  1.00 23.63  ? 43  PHE B O   1 
ATOM   1100 C CB  . PHE B 1 43 ? 11.940  8.170   9.734   1.00 20.37  ? 43  PHE B CB  1 
ATOM   1101 C CG  . PHE B 1 43 ? 13.366  8.449   9.223   1.00 22.62  ? 43  PHE B CG  1 
ATOM   1102 C CD1 . PHE B 1 43 ? 14.048  7.515   8.439   1.00 21.70  ? 43  PHE B CD1 1 
ATOM   1103 C CD2 . PHE B 1 43 ? 14.005  9.635   9.517   1.00 23.08  ? 43  PHE B CD2 1 
ATOM   1104 C CE1 . PHE B 1 43 ? 15.320  7.794   7.979   1.00 23.11  ? 43  PHE B CE1 1 
ATOM   1105 C CE2 . PHE B 1 43 ? 15.275  9.949   9.058   1.00 25.44  ? 43  PHE B CE2 1 
ATOM   1106 C CZ  . PHE B 1 43 ? 15.944  8.999   8.260   1.00 24.87  ? 43  PHE B CZ  1 
ATOM   1107 N N   . LYS B 1 44 ? 11.978  5.202   10.268  1.00 20.92  ? 44  LYS B N   1 
ATOM   1108 C CA  . LYS B 1 44 ? 12.609  3.964   9.845   1.00 21.52  ? 44  LYS B CA  1 
ATOM   1109 C C   . LYS B 1 44 ? 12.445  3.859   8.321   1.00 20.85  ? 44  LYS B C   1 
ATOM   1110 O O   . LYS B 1 44 ? 11.428  4.348   7.808   1.00 20.15  ? 44  LYS B O   1 
ATOM   1111 C CB  . LYS B 1 44 ? 12.002  2.722   10.487  1.00 23.55  ? 44  LYS B CB  1 
ATOM   1112 C CG  . LYS B 1 44 ? 12.342  2.552   11.972  1.00 29.34  ? 44  LYS B CG  1 
ATOM   1113 C CD  . LYS B 1 44 ? 11.768  1.206   12.408  1.00 29.58  ? 44  LYS B CD  1 
ATOM   1114 C CE  . LYS B 1 44 ? 12.221  0.871   13.823  1.00 36.66  ? 44  LYS B CE  1 
ATOM   1115 N NZ  . LYS B 1 44 ? 11.756  -0.456  14.264  1.00 50.58  ? 44  LYS B NZ  1 
ATOM   1116 N N   . SER B 1 45 ? 13.413  3.199   7.679   1.00 20.07  ? 45  SER B N   1 
ATOM   1117 C CA  . SER B 1 45 ? 13.224  2.920   6.258   1.00 17.61  ? 45  SER B CA  1 
ATOM   1118 C C   . SER B 1 45 ? 13.033  1.419   6.025   1.00 18.78  ? 45  SER B C   1 
ATOM   1119 O O   . SER B 1 45 ? 13.464  0.566   6.817   1.00 21.34  ? 45  SER B O   1 
ATOM   1120 C CB  . SER B 1 45 ? 14.416  3.341   5.390   1.00 18.58  ? 45  SER B CB  1 
ATOM   1121 O OG  . SER B 1 45 ? 15.565  2.604   5.795   1.00 22.63  ? 45  SER B OG  1 
ATOM   1122 N N   . GLN B 1 46 ? 12.382  1.123   4.905   0.58 20.02  ? 46  GLN B N   1 
ATOM   1123 C CA  . GLN B 1 46 ? 12.084  -0.241  4.477   0.58 18.64  ? 46  GLN B CA  1 
ATOM   1124 C C   . GLN B 1 46 ? 12.235  -0.336  2.968   0.58 18.79  ? 46  GLN B C   1 
ATOM   1125 O O   . GLN B 1 46 ? 11.510  0.364   2.251   0.58 18.83  ? 46  GLN B O   1 
ATOM   1126 C CB  A GLN B 1 46 ? 10.667  -0.625  4.919   0.58 21.16  ? 46  GLN B CB  1 
ATOM   1127 C CB  B GLN B 1 46 ? 11.083  -1.078  5.159   0.42 18.81  ? 46  GLN B CB  1 
ATOM   1128 C CG  A GLN B 1 46 ? 10.123  -1.956  4.483   0.58 24.33  ? 46  GLN B CG  1 
ATOM   1129 C CG  B GLN B 1 46 ? 10.980  -2.518  4.637   0.42 19.23  ? 46  GLN B CG  1 
ATOM   1130 C CD  A GLN B 1 46 ? 8.622   -2.185  4.539   0.58 24.76  ? 46  GLN B CD  1 
ATOM   1131 C CD  B GLN B 1 46 ? 9.990   -3.363  5.415   0.42 24.93  ? 46  GLN B CD  1 
ATOM   1132 O OE1 A GLN B 1 46 ? 7.763   -1.447  4.055   0.58 24.06  ? 46  GLN B OE1 1 
ATOM   1133 O OE1 B GLN B 1 46 ? 10.259  -4.561  5.631   0.42 27.00  ? 46  GLN B OE1 1 
ATOM   1134 N NE2 A GLN B 1 46 ? 8.273   -3.329  5.145   0.58 33.50  ? 46  GLN B NE2 1 
ATOM   1135 N NE2 B GLN B 1 46 ? 8.901   -2.767  5.866   0.42 21.62  ? 46  GLN B NE2 1 
ATOM   1136 N N   . VAL B 1 47 ? 13.125  -1.190  2.460   1.00 17.25  ? 47  VAL B N   1 
ATOM   1137 C CA  . VAL B 1 47 ? 13.197  -1.404  1.003   1.00 16.05  ? 47  VAL B CA  1 
ATOM   1138 C C   . VAL B 1 47 ? 11.953  -2.151  0.525   1.00 17.29  ? 47  VAL B C   1 
ATOM   1139 O O   . VAL B 1 47 ? 11.532  -3.099  1.191   1.00 19.88  ? 47  VAL B O   1 
ATOM   1140 C CB  . VAL B 1 47 ? 14.466  -2.212  0.629   1.00 17.07  ? 47  VAL B CB  1 
ATOM   1141 C CG1 . VAL B 1 47 ? 14.511  -2.542  -0.876  1.00 20.58  ? 47  VAL B CG1 1 
ATOM   1142 C CG2 . VAL B 1 47 ? 15.716  -1.415  1.042   1.00 20.62  ? 47  VAL B CG2 1 
ATOM   1143 N N   . VAL B 1 48 ? 11.390  -1.696  -0.568  1.00 16.63  ? 48  VAL B N   1 
ATOM   1144 C CA  . VAL B 1 48 ? 10.275  -2.344  -1.228  1.00 17.45  ? 48  VAL B CA  1 
ATOM   1145 C C   . VAL B 1 48 ? 10.665  -2.662  -2.665  1.00 15.86  ? 48  VAL B C   1 
ATOM   1146 O O   . VAL B 1 48 ? 11.128  -1.767  -3.374  1.00 20.18  ? 48  VAL B O   1 
ATOM   1147 C CB  . VAL B 1 48 ? 9.024   -1.434  -1.283  1.00 22.85  ? 48  VAL B CB  1 
ATOM   1148 C CG1 . VAL B 1 48 ? 7.853   -2.195  -1.940  1.00 26.28  ? 48  VAL B CG1 1 
ATOM   1149 C CG2 . VAL B 1 48 ? 8.672   -0.931  0.107   1.00 28.60  ? 48  VAL B CG2 1 
ATOM   1150 N N   . ALA B 1 49 ? 10.504  -3.897  -3.117  1.00 15.06  ? 49  ALA B N   1 
ATOM   1151 C CA  . ALA B 1 49 ? 10.822  -4.188  -4.524  1.00 14.51  ? 49  ALA B CA  1 
ATOM   1152 C C   . ALA B 1 49 ? 10.022  -5.431  -4.891  1.00 14.62  ? 49  ALA B C   1 
ATOM   1153 O O   . ALA B 1 49 ? 10.192  -6.511  -4.311  1.00 17.95  ? 49  ALA B O   1 
ATOM   1154 C CB  . ALA B 1 49 ? 12.322  -4.398  -4.705  1.00 18.71  ? 49  ALA B CB  1 
ATOM   1155 N N   . GLY B 1 50 ? 9.089   -5.254  -5.820  1.00 15.22  ? 50  GLY B N   1 
ATOM   1156 C CA  . GLY B 1 50 ? 8.241   -6.349  -6.237  1.00 15.18  ? 50  GLY B CA  1 
ATOM   1157 C C   . GLY B 1 50 ? 7.242   -5.886  -7.290  1.00 14.75  ? 50  GLY B C   1 
ATOM   1158 O O   . GLY B 1 50 ? 7.421   -4.852  -7.939  1.00 16.88  ? 50  GLY B O   1 
ATOM   1159 N N   . THR B 1 51 ? 6.199   -6.696  -7.461  1.00 15.79  ? 51  THR B N   1 
ATOM   1160 C CA  . THR B 1 51 ? 5.167   -6.440  -8.432  1.00 16.11  ? 51  THR B CA  1 
ATOM   1161 C C   . THR B 1 51 ? 3.829   -6.244  -7.725  1.00 16.58  ? 51  THR B C   1 
ATOM   1162 O O   . THR B 1 51 ? 3.482   -7.114  -6.913  1.00 18.47  ? 51  THR B O   1 
ATOM   1163 C CB  . THR B 1 51 ? 5.011   -7.646  -9.381  1.00 16.79  ? 51  THR B CB  1 
ATOM   1164 O OG1 . THR B 1 51 ? 6.306   -7.956  -9.941  1.00 17.33  ? 51  THR B OG1 1 
ATOM   1165 C CG2 . THR B 1 51 ? 4.103   -7.286  -10.533 1.00 16.40  ? 51  THR B CG2 1 
ATOM   1166 N N   . ASN B 1 52 ? 3.146   -5.180  -8.060  1.00 17.18  ? 52  ASN B N   1 
ATOM   1167 C CA  . ASN B 1 52 ? 1.730   -5.056  -7.659  1.00 19.36  ? 52  ASN B CA  1 
ATOM   1168 C C   . ASN B 1 52 ? 0.882   -5.700  -8.743  1.00 20.19  ? 52  ASN B C   1 
ATOM   1169 O O   . ASN B 1 52 ? 1.091   -5.412  -9.935  1.00 22.24  ? 52  ASN B O   1 
ATOM   1170 C CB  . ASN B 1 52 ? 1.368   -3.584  -7.496  1.00 23.93  ? 52  ASN B CB  1 
ATOM   1171 C CG  . ASN B 1 52 ? 1.323   -3.091  -6.071  1.00 28.04  ? 52  ASN B CG  1 
ATOM   1172 O OD1 . ASN B 1 52 ? 1.356   -3.839  -5.091  1.00 28.48  ? 52  ASN B OD1 1 
ATOM   1173 N ND2 . ASN B 1 52 ? 1.274   -1.758  -5.976  1.00 31.21  ? 52  ASN B ND2 1 
ATOM   1174 N N   . TYR B 1 53 ? -0.066  -6.526  -8.381  1.00 19.71  ? 53  TYR B N   1 
ATOM   1175 C CA  . TYR B 1 53 ? -1.070  -7.030  -9.322  1.00 21.69  ? 53  TYR B CA  1 
ATOM   1176 C C   . TYR B 1 53 ? -2.437  -6.445  -9.023  1.00 21.75  ? 53  TYR B C   1 
ATOM   1177 O O   . TYR B 1 53 ? -2.869  -6.443  -7.868  1.00 24.21  ? 53  TYR B O   1 
ATOM   1178 C CB  . TYR B 1 53 ? -1.086  -8.568  -9.269  1.00 20.16  ? 53  TYR B CB  1 
ATOM   1179 C CG  . TYR B 1 53 ? 0.147   -9.188  -9.877  1.00 20.35  ? 53  TYR B CG  1 
ATOM   1180 C CD1 . TYR B 1 53 ? 0.263   -9.244  -11.269 1.00 23.49  ? 53  TYR B CD1 1 
ATOM   1181 C CD2 . TYR B 1 53 ? 1.175   -9.716  -9.115  1.00 20.05  ? 53  TYR B CD2 1 
ATOM   1182 C CE1 . TYR B 1 53 ? 1.360   -9.795  -11.940 1.00 21.37  ? 53  TYR B CE1 1 
ATOM   1183 C CE2 . TYR B 1 53 ? 2.291   -10.270 -9.770  1.00 20.22  ? 53  TYR B CE2 1 
ATOM   1184 C CZ  . TYR B 1 53 ? 2.359   -10.301 -11.139 1.00 23.20  ? 53  TYR B CZ  1 
ATOM   1185 O OH  . TYR B 1 53 ? 3.468   -10.848 -11.751 1.00 23.63  ? 53  TYR B OH  1 
ATOM   1186 N N   . PHE B 1 54 ? -3.082  -5.963  -10.086 1.00 20.61  ? 54  PHE B N   1 
ATOM   1187 C CA  . PHE B 1 54 ? -4.479  -5.570  -10.030 1.00 19.76  ? 54  PHE B CA  1 
ATOM   1188 C C   . PHE B 1 54 ? -5.257  -6.620  -10.793 1.00 18.19  ? 54  PHE B C   1 
ATOM   1189 O O   . PHE B 1 54 ? -4.973  -6.685  -11.993 1.00 21.66  ? 54  PHE B O   1 
ATOM   1190 C CB  . PHE B 1 54 ? -4.662  -4.189  -10.664 1.00 21.72  ? 54  PHE B CB  1 
ATOM   1191 C CG  . PHE B 1 54 ? -3.947  -3.133  -9.832  1.00 25.09  ? 54  PHE B CG  1 
ATOM   1192 C CD1 . PHE B 1 54 ? -4.609  -2.483  -8.808  1.00 29.26  ? 54  PHE B CD1 1 
ATOM   1193 C CD2 . PHE B 1 54 ? -2.624  -2.810  -10.076 1.00 27.71  ? 54  PHE B CD2 1 
ATOM   1194 C CE1 . PHE B 1 54 ? -3.932  -1.542  -8.047  1.00 30.48  ? 54  PHE B CE1 1 
ATOM   1195 C CE2 . PHE B 1 54 ? -1.962  -1.859  -9.314  1.00 29.55  ? 54  PHE B CE2 1 
ATOM   1196 C CZ  . PHE B 1 54 ? -2.632  -1.218  -8.282  1.00 29.13  ? 54  PHE B CZ  1 
ATOM   1197 N N   . ILE B 1 55 ? -6.108  -7.356  -10.118 1.00 18.40  ? 55  ILE B N   1 
ATOM   1198 C CA  . ILE B 1 55 ? -6.673  -8.573  -10.712 1.00 18.57  ? 55  ILE B CA  1 
ATOM   1199 C C   . ILE B 1 55 ? -8.202  -8.524  -10.657 1.00 17.26  ? 55  ILE B C   1 
ATOM   1200 O O   . ILE B 1 55 ? -8.741  -8.236  -9.591  1.00 21.31  ? 55  ILE B O   1 
ATOM   1201 C CB  . ILE B 1 55 ? -6.168  -9.829  -9.983  1.00 19.71  ? 55  ILE B CB  1 
ATOM   1202 C CG1 . ILE B 1 55 ? -4.646  -9.878  -9.872  1.00 20.48  ? 55  ILE B CG1 1 
ATOM   1203 C CG2 . ILE B 1 55 ? -6.690  -11.096 -10.660 1.00 20.56  ? 55  ILE B CG2 1 
ATOM   1204 C CD1 . ILE B 1 55 ? -4.123  -10.982 -9.003  1.00 23.37  ? 55  ILE B CD1 1 
ATOM   1205 N N   . LYS B 1 56 ? -8.822  -8.780  -11.787 1.00 21.60  ? 56  LYS B N   1 
ATOM   1206 C CA  . LYS B 1 56 ? -10.287 -8.878  -11.885 1.00 20.14  ? 56  LYS B CA  1 
ATOM   1207 C C   . LYS B 1 56 ? -10.645 -10.338 -11.662 1.00 19.54  ? 56  LYS B C   1 
ATOM   1208 O O   . LYS B 1 56 ? -10.123 -11.231 -12.378 1.00 22.10  ? 56  LYS B O   1 
ATOM   1209 C CB  . LYS B 1 56 ? -10.791 -8.405  -13.227 1.00 22.91  ? 56  LYS B CB  1 
ATOM   1210 C CG  . LYS B 1 56 ? -12.289 -8.547  -13.434 1.00 25.35  ? 56  LYS B CG  1 
ATOM   1211 C CD  . LYS B 1 56 ? -12.698 -8.326  -14.884 1.00 28.32  ? 56  LYS B CD  1 
ATOM   1212 C CE  . LYS B 1 56 ? -12.610 -6.873  -15.341 1.00 34.05  ? 56  LYS B CE  1 
ATOM   1213 N NZ  . LYS B 1 56 ? -13.596 -5.985  -14.651 1.00 35.83  ? 56  LYS B NZ  1 
ATOM   1214 N N   . VAL B 1 57 ? -11.487 -10.630 -10.695 1.00 21.18  ? 57  VAL B N   1 
ATOM   1215 C CA  . VAL B 1 57 ? -11.842 -11.970 -10.287 1.00 20.70  ? 57  VAL B CA  1 
ATOM   1216 C C   . VAL B 1 57 ? -13.347 -12.098 -10.443 1.00 22.46  ? 57  VAL B C   1 
ATOM   1217 O O   . VAL B 1 57 ? -14.087 -11.261 -9.939  1.00 26.46  ? 57  VAL B O   1 
ATOM   1218 C CB  . VAL B 1 57 ? -11.386 -12.272 -8.842  1.00 20.72  ? 57  VAL B CB  1 
ATOM   1219 C CG1 . VAL B 1 57 ? -11.812 -13.677 -8.445  1.00 24.16  ? 57  VAL B CG1 1 
ATOM   1220 C CG2 . VAL B 1 57 ? -9.874  -12.170 -8.706  1.00 20.93  ? 57  VAL B CG2 1 
ATOM   1221 N N   . HIS B 1 58 ? -13.825 -13.127 -11.106 1.00 23.46  ? 58  HIS B N   1 
ATOM   1222 C CA  . HIS B 1 58 ? -15.250 -13.468 -11.199 1.00 23.95  ? 58  HIS B CA  1 
ATOM   1223 C C   . HIS B 1 58 ? -15.679 -14.176 -9.936  1.00 25.94  ? 58  HIS B C   1 
ATOM   1224 O O   . HIS B 1 58 ? -15.022 -15.161 -9.571  1.00 22.84  ? 58  HIS B O   1 
ATOM   1225 C CB  . HIS B 1 58 ? -15.434 -14.309 -12.479 1.00 25.91  ? 58  HIS B CB  1 
ATOM   1226 C CG  . HIS B 1 58 ? -16.867 -14.752 -12.636 1.00 28.41  ? 58  HIS B CG  1 
ATOM   1227 N ND1 . HIS B 1 58 ? -17.953 -13.930 -12.609 1.00 31.85  ? 58  HIS B ND1 1 
ATOM   1228 C CD2 . HIS B 1 58 ? -17.357 -16.006 -12.797 1.00 28.22  ? 58  HIS B CD2 1 
ATOM   1229 C CE1 . HIS B 1 58 ? -19.070 -14.640 -12.765 1.00 31.41  ? 58  HIS B CE1 1 
ATOM   1230 N NE2 . HIS B 1 58 ? -18.716 -15.927 -12.879 1.00 32.10  ? 58  HIS B NE2 1 
ATOM   1231 N N   . VAL B 1 59 ? -16.775 -13.711 -9.281  1.00 25.02  ? 59  VAL B N   1 
ATOM   1232 C CA  . VAL B 1 59 ? -17.144 -14.378 -8.030  1.00 26.05  ? 59  VAL B CA  1 
ATOM   1233 C C   . VAL B 1 59 ? -18.561 -14.929 -8.142  1.00 28.04  ? 59  VAL B C   1 
ATOM   1234 O O   . VAL B 1 59 ? -19.214 -15.266 -7.161  1.00 32.28  ? 59  VAL B O   1 
ATOM   1235 C CB  . VAL B 1 59 ? -17.011 -13.476 -6.788  1.00 24.81  ? 59  VAL B CB  1 
ATOM   1236 C CG1 . VAL B 1 59 ? -15.555 -12.985 -6.681  1.00 28.00  ? 59  VAL B CG1 1 
ATOM   1237 C CG2 . VAL B 1 59 ? -17.966 -12.321 -6.850  1.00 33.25  ? 59  VAL B CG2 1 
ATOM   1238 N N   . GLY B 1 60 ? -19.038 -15.059 -9.386  1.00 29.58  ? 60  GLY B N   1 
ATOM   1239 C CA  . GLY B 1 60 ? -20.302 -15.756 -9.665  1.00 29.79  ? 60  GLY B CA  1 
ATOM   1240 C C   . GLY B 1 60 ? -21.318 -14.812 -10.307 1.00 29.19  ? 60  GLY B C   1 
ATOM   1241 O O   . GLY B 1 60 ? -21.362 -13.631 -9.971  1.00 34.54  ? 60  GLY B O   1 
ATOM   1242 N N   . ASP B 1 61 ? -22.110 -15.361 -11.223 1.00 31.32  ? 61  ASP B N   1 
ATOM   1243 C CA  . ASP B 1 61 ? -23.175 -14.647 -11.904 1.00 34.21  ? 61  ASP B CA  1 
ATOM   1244 C C   . ASP B 1 61 ? -22.642 -13.314 -12.426 1.00 37.86  ? 61  ASP B C   1 
ATOM   1245 O O   . ASP B 1 61 ? -21.685 -13.375 -13.207 1.00 34.01  ? 61  ASP B O   1 
ATOM   1246 C CB  . ASP B 1 61 ? -24.395 -14.468 -10.982 1.00 37.35  ? 61  ASP B CB  1 
ATOM   1247 C CG  . ASP B 1 61 ? -24.893 -15.836 -10.545 1.00 35.30  ? 61  ASP B CG  1 
ATOM   1248 O OD1 . ASP B 1 61 ? -24.982 -16.714 -11.427 1.00 35.66  ? 61  ASP B OD1 1 
ATOM   1249 O OD2 . ASP B 1 61 ? -25.177 -15.970 -9.328  1.00 35.26  ? 61  ASP B OD2 1 
ATOM   1250 N N   . GLU B 1 62 ? -23.218 -12.188 -12.000 1.00 35.00  ? 62  GLU B N   1 
ATOM   1251 C CA  . GLU B 1 62 ? -22.763 -10.919 -12.549 1.00 37.59  ? 62  GLU B CA  1 
ATOM   1252 C C   . GLU B 1 62 ? -21.697 -10.243 -11.688 1.00 39.84  ? 62  GLU B C   1 
ATOM   1253 O O   . GLU B 1 62 ? -21.318 -9.098  -11.952 1.00 41.24  ? 62  GLU B O   1 
ATOM   1254 C CB  . GLU B 1 62 ? -23.984 -10.000 -12.711 1.00 47.42  ? 62  GLU B CB  1 
ATOM   1255 C CG  . GLU B 1 62 ? -23.746 -8.765  -13.547 1.00 59.15  ? 62  GLU B CG  1 
ATOM   1256 C CD  . GLU B 1 62 ? -24.059 -7.439  -12.882 1.00 66.54  ? 62  GLU B CD  1 
ATOM   1257 O OE1 . GLU B 1 62 ? -23.329 -7.012  -11.953 1.00 75.41  ? 62  GLU B OE1 1 
ATOM   1258 O OE2 . GLU B 1 62 ? -25.048 -6.783  -13.287 1.00 80.77  ? 62  GLU B OE2 1 
ATOM   1259 N N   . ASP B 1 63 ? -21.233 -10.943 -10.654 1.00 35.46  ? 63  ASP B N   1 
ATOM   1260 C CA  . ASP B 1 63 ? -20.458 -10.387 -9.573  1.00 32.63  ? 63  ASP B CA  1 
ATOM   1261 C C   . ASP B 1 63 ? -18.950 -10.559 -9.768  1.00 32.34  ? 63  ASP B C   1 
ATOM   1262 O O   . ASP B 1 63 ? -18.469 -11.658 -10.063 1.00 32.94  ? 63  ASP B O   1 
ATOM   1263 C CB  . ASP B 1 63 ? -20.831 -11.080 -8.258  0.72 34.09  ? 63  ASP B CB  1 
ATOM   1264 C CG  . ASP B 1 63 ? -22.300 -10.978 -7.921  0.72 41.50  ? 63  ASP B CG  1 
ATOM   1265 O OD1 . ASP B 1 63 ? -22.836 -9.887  -8.220  0.72 52.55  ? 63  ASP B OD1 1 
ATOM   1266 O OD2 . ASP B 1 63 ? -22.886 -11.948 -7.390  0.72 44.85  ? 63  ASP B OD2 1 
ATOM   1267 N N   . PHE B 1 64 ? -18.194 -9.475  -9.613  1.00 30.72  ? 64  PHE B N   1 
ATOM   1268 C CA  . PHE B 1 64 ? -16.740 -9.502  -9.698  1.00 30.30  ? 64  PHE B CA  1 
ATOM   1269 C C   . PHE B 1 64 ? -16.145 -8.685  -8.555  1.00 29.54  ? 64  PHE B C   1 
ATOM   1270 O O   . PHE B 1 64 ? -16.797 -7.837  -7.945  1.00 32.19  ? 64  PHE B O   1 
ATOM   1271 C CB  . PHE B 1 64 ? -16.252 -8.881  -11.020 1.00 31.40  ? 64  PHE B CB  1 
ATOM   1272 C CG  . PHE B 1 64 ? -16.706 -9.631  -12.272 1.00 31.86  ? 64  PHE B CG  1 
ATOM   1273 C CD1 . PHE B 1 64 ? -17.998 -9.545  -12.751 1.00 34.90  ? 64  PHE B CD1 1 
ATOM   1274 C CD2 . PHE B 1 64 ? -15.787 -10.424 -12.949 1.00 30.76  ? 64  PHE B CD2 1 
ATOM   1275 C CE1 . PHE B 1 64 ? -18.380 -10.253 -13.871 1.00 38.47  ? 64  PHE B CE1 1 
ATOM   1276 C CE2 . PHE B 1 64 ? -16.173 -11.141 -14.071 1.00 30.88  ? 64  PHE B CE2 1 
ATOM   1277 C CZ  . PHE B 1 64 ? -17.464 -11.049 -14.546 1.00 34.34  ? 64  PHE B CZ  1 
ATOM   1278 N N   . VAL B 1 65 ? -14.876 -8.913  -8.269  1.00 30.69  ? 65  VAL B N   1 
ATOM   1279 C CA  . VAL B 1 65 ? -14.135 -8.058  -7.355  1.00 25.90  ? 65  VAL B CA  1 
ATOM   1280 C C   . VAL B 1 65 ? -12.829 -7.716  -8.037  1.00 25.72  ? 65  VAL B C   1 
ATOM   1281 O O   . VAL B 1 65 ? -12.363 -8.463  -8.912  1.00 24.98  ? 65  VAL B O   1 
ATOM   1282 C CB  . VAL B 1 65 ? -13.859 -8.713  -6.000  1.00 28.66  ? 65  VAL B CB  1 
ATOM   1283 C CG1 . VAL B 1 65 ? -15.202 -9.061  -5.372  1.00 29.59  ? 65  VAL B CG1 1 
ATOM   1284 C CG2 . VAL B 1 65 ? -12.994 -9.967  -6.074  1.00 27.41  ? 65  VAL B CG2 1 
ATOM   1285 N N   . HIS B 1 66 ? -12.210 -6.623  -7.635  1.00 27.37  ? 66  HIS B N   1 
ATOM   1286 C CA  . HIS B 1 66 ? -10.870 -6.327  -8.105  1.00 25.05  ? 66  HIS B CA  1 
ATOM   1287 C C   . HIS B 1 66 ? -9.903  -6.402  -6.936  1.00 25.40  ? 66  HIS B C   1 
ATOM   1288 O O   . HIS B 1 66 ? -10.144 -5.890  -5.852  1.00 29.14  ? 66  HIS B O   1 
ATOM   1289 C CB  . HIS B 1 66 ? -10.796 -4.938  -8.723  1.00 28.67  ? 66  HIS B CB  1 
ATOM   1290 C CG  . HIS B 1 66 ? -11.416 -4.794  -10.076 1.00 28.92  ? 66  HIS B CG  1 
ATOM   1291 N ND1 . HIS B 1 66 ? -12.201 -5.711  -10.718 1.00 29.61  ? 66  HIS B ND1 1 
ATOM   1292 C CD2 . HIS B 1 66 ? -11.317 -3.729  -10.921 1.00 30.99  ? 66  HIS B CD2 1 
ATOM   1293 C CE1 . HIS B 1 66 ? -12.583 -5.264  -11.903 1.00 32.80  ? 66  HIS B CE1 1 
ATOM   1294 N NE2 . HIS B 1 66 ? -12.052 -4.061  -12.036 1.00 34.76  ? 66  HIS B NE2 1 
ATOM   1295 N N   . LEU B 1 67 ? -8.775  -7.051  -7.120  1.00 22.60  ? 67  LEU B N   1 
ATOM   1296 C CA  . LEU B 1 67 ? -7.812  -7.203  -6.058  1.00 21.85  ? 67  LEU B CA  1 
ATOM   1297 C C   . LEU B 1 67 ? -6.548  -6.394  -6.304  1.00 22.20  ? 67  LEU B C   1 
ATOM   1298 O O   . LEU B 1 67 ? -6.155  -6.295  -7.483  1.00 22.87  ? 67  LEU B O   1 
ATOM   1299 C CB  . LEU B 1 67 ? -7.315  -8.660  -5.944  1.00 22.18  ? 67  LEU B CB  1 
ATOM   1300 C CG  . LEU B 1 67 ? -8.440  -9.692  -5.883  1.00 22.70  ? 67  LEU B CG  1 
ATOM   1301 C CD1 . LEU B 1 67 ? -7.841  -11.093 -5.859  1.00 21.19  ? 67  LEU B CD1 1 
ATOM   1302 C CD2 . LEU B 1 67 ? -9.361  -9.425  -4.707  1.00 28.30  ? 67  LEU B CD2 1 
ATOM   1303 N N   . ARG B 1 68 ? -5.940  -5.863  -5.254  1.00 22.61  ? 68  ARG B N   1 
ATOM   1304 C CA  . ARG B 1 68 ? -4.579  -5.329  -5.372  1.00 22.26  ? 68  ARG B CA  1 
ATOM   1305 C C   . ARG B 1 68 ? -3.674  -6.203  -4.520  1.00 21.72  ? 68  ARG B C   1 
ATOM   1306 O O   . ARG B 1 68 ? -3.863  -6.217  -3.281  1.00 25.15  ? 68  ARG B O   1 
ATOM   1307 C CB  . ARG B 1 68 ? -4.534  -3.880  -4.884  1.00 23.76  ? 68  ARG B CB  1 
ATOM   1308 C CG  . ARG B 1 68 ? -3.122  -3.370  -4.671  1.00 25.77  ? 68  ARG B CG  1 
ATOM   1309 C CD  . ARG B 1 68 ? -3.165  -1.945  -4.068  1.00 27.08  ? 68  ARG B CD  1 
ATOM   1310 N NE  . ARG B 1 68 ? -1.819  -1.510  -3.741  1.00 33.54  ? 68  ARG B NE  1 
ATOM   1311 C CZ  . ARG B 1 68 ? -1.322  -0.280  -3.794  1.00 35.31  ? 68  ARG B CZ  1 
ATOM   1312 N NH1 . ARG B 1 68 ? -2.107  0.706   -4.206  1.00 38.66  ? 68  ARG B NH1 1 
ATOM   1313 N NH2 . ARG B 1 68 ? -0.048  -0.053  -3.448  1.00 31.64  ? 68  ARG B NH2 1 
ATOM   1314 N N   . VAL B 1 69 ? -2.758  -6.927  -5.130  1.00 20.22  ? 69  VAL B N   1 
ATOM   1315 C CA  . VAL B 1 69 ? -1.904  -7.865  -4.423  1.00 21.50  ? 69  VAL B CA  1 
ATOM   1316 C C   . VAL B 1 69 ? -0.431  -7.561  -4.685  1.00 19.94  ? 69  VAL B C   1 
ATOM   1317 O O   . VAL B 1 69 ? -0.064  -7.374  -5.852  1.00 24.11  ? 69  VAL B O   1 
ATOM   1318 C CB  . VAL B 1 69 ? -2.208  -9.313  -4.880  1.00 21.98  ? 69  VAL B CB  1 
ATOM   1319 C CG1 . VAL B 1 69 ? -1.224  -10.274 -4.192  1.00 24.32  ? 69  VAL B CG1 1 
ATOM   1320 C CG2 . VAL B 1 69 ? -3.657  -9.703  -4.603  1.00 23.52  ? 69  VAL B CG2 1 
ATOM   1321 N N   . PHE B 1 70 ? 0.374   -7.516  -3.640  1.00 20.02  ? 70  PHE B N   1 
ATOM   1322 C CA  . PHE B 1 70 ? 1.816   -7.293  -3.803  1.00 19.00  ? 70  PHE B CA  1 
ATOM   1323 C C   . PHE B 1 70 ? 2.591   -8.590  -3.629  1.00 21.72  ? 70  PHE B C   1 
ATOM   1324 O O   . PHE B 1 70 ? 2.377   -9.326  -2.662  1.00 22.15  ? 70  PHE B O   1 
ATOM   1325 C CB  . PHE B 1 70 ? 2.328   -6.293  -2.740  1.00 21.78  ? 70  PHE B CB  1 
ATOM   1326 C CG  . PHE B 1 70 ? 3.812   -5.992  -2.913  1.00 20.63  ? 70  PHE B CG  1 
ATOM   1327 C CD1 . PHE B 1 70 ? 4.698   -6.522  -1.983  1.00 20.65  ? 70  PHE B CD1 1 
ATOM   1328 C CD2 . PHE B 1 70 ? 4.302   -5.235  -3.945  1.00 21.89  ? 70  PHE B CD2 1 
ATOM   1329 C CE1 . PHE B 1 70 ? 6.047   -6.314  -2.082  1.00 21.77  ? 70  PHE B CE1 1 
ATOM   1330 C CE2 . PHE B 1 70 ? 5.681   -4.983  -4.053  1.00 21.29  ? 70  PHE B CE2 1 
ATOM   1331 C CZ  . PHE B 1 70 ? 6.548   -5.519  -3.110  1.00 21.54  ? 70  PHE B CZ  1 
ATOM   1332 N N   . GLN B 1 71 ? 3.514   -8.835  -4.580  1.00 17.91  ? 71  GLN B N   1 
ATOM   1333 C CA  . GLN B 1 71 ? 4.419   -9.957  -4.586  1.00 16.24  ? 71  GLN B CA  1 
ATOM   1334 C C   . GLN B 1 71 ? 5.840   -9.444  -4.506  1.00 15.74  ? 71  GLN B C   1 
ATOM   1335 O O   . GLN B 1 71 ? 6.303   -8.829  -5.472  1.00 16.92  ? 71  GLN B O   1 
ATOM   1336 C CB  . GLN B 1 71 ? 4.185   -10.848 -5.832  1.00 18.75  ? 71  GLN B CB  1 
ATOM   1337 C CG  . GLN B 1 71 ? 5.000   -12.139 -5.731  1.00 20.33  ? 71  GLN B CG  1 
ATOM   1338 C CD  . GLN B 1 71 ? 4.678   -13.119 -6.832  1.00 21.80  ? 71  GLN B CD  1 
ATOM   1339 O OE1 . GLN B 1 71 ? 5.136   -14.274 -6.849  1.00 28.38  ? 71  GLN B OE1 1 
ATOM   1340 N NE2 . GLN B 1 71 ? 3.886   -12.678 -7.792  1.00 24.43  ? 71  GLN B NE2 1 
ATOM   1341 N N   . SER B 1 72 ? 6.534   -9.686  -3.395  0.72 12.92  ? 72  SER B N   1 
ATOM   1342 C CA  . SER B 1 72 ? 7.901   -9.171  -3.283  0.72 12.34  ? 72  SER B CA  1 
ATOM   1343 C C   . SER B 1 72 ? 8.885   -9.979  -4.121  0.72 12.68  ? 72  SER B C   1 
ATOM   1344 O O   . SER B 1 72 ? 8.670   -11.184 -4.353  0.72 12.95  ? 72  SER B O   1 
ATOM   1345 C CB  . SER B 1 72 ? 8.344   -9.317  -1.816  0.72 12.84  ? 72  SER B CB  1 
ATOM   1346 O OG  . SER B 1 72 ? 9.638   -8.768  -1.628  0.72 14.98  ? 72  SER B OG  1 
ATOM   1347 N N   . LEU B 1 73 ? 10.007  -9.342  -4.535  1.00 15.79  ? 73  LEU B N   1 
ATOM   1348 C CA  . LEU B 1 73 ? 11.151  -10.134 -4.986  1.00 15.49  ? 73  LEU B CA  1 
ATOM   1349 C C   . LEU B 1 73 ? 11.626  -11.065 -3.879  1.00 16.13  ? 73  LEU B C   1 
ATOM   1350 O O   . LEU B 1 73 ? 11.292  -10.809 -2.683  1.00 17.67  ? 73  LEU B O   1 
ATOM   1351 C CB  . LEU B 1 73 ? 12.266  -9.194  -5.418  1.00 14.83  ? 73  LEU B CB  1 
ATOM   1352 C CG  . LEU B 1 73 ? 12.075  -8.475  -6.775  1.00 15.22  ? 73  LEU B CG  1 
ATOM   1353 C CD1 . LEU B 1 73 ? 13.152  -7.402  -6.967  1.00 17.41  ? 73  LEU B CD1 1 
ATOM   1354 C CD2 . LEU B 1 73 ? 12.106  -9.525  -7.876  1.00 17.48  ? 73  LEU B CD2 1 
ATOM   1355 N N   . PRO B 1 74 ? 12.386  -12.113 -4.181  1.00 16.64  ? 74  PRO B N   1 
ATOM   1356 C CA  . PRO B 1 74 ? 12.847  -12.483 -5.529  1.00 17.63  ? 74  PRO B CA  1 
ATOM   1357 C C   . PRO B 1 74 ? 11.732  -13.072 -6.402  1.00 17.02  ? 74  PRO B C   1 
ATOM   1358 O O   . PRO B 1 74 ? 10.593  -13.250 -5.965  1.00 17.94  ? 74  PRO B O   1 
ATOM   1359 C CB  . PRO B 1 74 ? 13.917  -13.552 -5.264  1.00 18.51  ? 74  PRO B CB  1 
ATOM   1360 C CG  . PRO B 1 74 ? 13.421  -14.203 -3.987  1.00 18.64  ? 74  PRO B CG  1 
ATOM   1361 C CD  . PRO B 1 74 ? 12.898  -13.065 -3.154  1.00 18.74  ? 74  PRO B CD  1 
ATOM   1362 N N   . HIS B 1 75 ? 12.115  -13.392 -7.645  1.00 18.98  ? 75  HIS B N   1 
ATOM   1363 C CA  . HIS B 1 75 ? 11.106  -13.909 -8.581  1.00 19.25  ? 75  HIS B CA  1 
ATOM   1364 C C   . HIS B 1 75 ? 10.489  -15.221 -8.114  1.00 20.43  ? 75  HIS B C   1 
ATOM   1365 O O   . HIS B 1 75 ? 9.354   -15.493 -8.511  1.00 24.00  ? 75  HIS B O   1 
ATOM   1366 C CB  . HIS B 1 75 ? 11.687  -14.080 -9.982  1.00 18.86  ? 75  HIS B CB  1 
ATOM   1367 C CG  . HIS B 1 75 ? 11.629  -12.791 -10.778 1.00 18.22  ? 75  HIS B CG  1 
ATOM   1368 N ND1 . HIS B 1 75 ? 12.506  -11.738 -10.570 1.00 16.06  ? 75  HIS B ND1 1 
ATOM   1369 C CD2 . HIS B 1 75 ? 10.792  -12.414 -11.778 1.00 17.76  ? 75  HIS B CD2 1 
ATOM   1370 C CE1 . HIS B 1 75 ? 12.198  -10.783 -11.425 1.00 15.89  ? 75  HIS B CE1 1 
ATOM   1371 N NE2 . HIS B 1 75 ? 11.147  -11.145 -12.184 1.00 17.01  ? 75  HIS B NE2 1 
ATOM   1372 N N   . GLU B 1 76 ? 11.230  -16.019 -7.332  1.00 22.28  ? 76  GLU B N   1 
ATOM   1373 C CA  . GLU B 1 76 ? 10.678  -17.323 -6.939  1.00 22.89  ? 76  GLU B CA  1 
ATOM   1374 C C   . GLU B 1 76 ? 9.903   -17.230 -5.645  1.00 21.74  ? 76  GLU B C   1 
ATOM   1375 O O   . GLU B 1 76 ? 9.434   -18.264 -5.162  1.00 27.40  ? 76  GLU B O   1 
ATOM   1376 C CB  . GLU B 1 76 ? 11.810  -18.362 -6.868  1.00 24.89  ? 76  GLU B CB  1 
ATOM   1377 C CG  . GLU B 1 76 ? 12.681  -18.221 -5.607  1.00 26.70  ? 76  GLU B CG  1 
ATOM   1378 C CD  . GLU B 1 76 ? 13.920  -17.366 -5.799  1.00 29.25  ? 76  GLU B CD  1 
ATOM   1379 O OE1 . GLU B 1 76 ? 14.840  -17.536 -4.942  1.00 28.24  ? 76  GLU B OE1 1 
ATOM   1380 O OE2 . GLU B 1 76 ? 13.992  -16.532 -6.758  1.00 24.35  ? 76  GLU B OE2 1 
ATOM   1381 N N   . ASN B 1 77 ? 9.786   -16.009 -5.082  1.00 21.48  ? 77  ASN B N   1 
ATOM   1382 C CA  . ASN B 1 77 ? 8.993   -15.813 -3.862  1.00 21.83  ? 77  ASN B CA  1 
ATOM   1383 C C   . ASN B 1 77 ? 7.528   -15.971 -4.204  1.00 26.72  ? 77  ASN B C   1 
ATOM   1384 O O   . ASN B 1 77 ? 6.999   -15.326 -5.126  1.00 28.99  ? 77  ASN B O   1 
ATOM   1385 C CB  . ASN B 1 77 ? 9.214   -14.419 -3.248  1.00 21.13  ? 77  ASN B CB  1 
ATOM   1386 C CG  . ASN B 1 77 ? 8.114   -14.040 -2.277  1.00 23.80  ? 77  ASN B CG  1 
ATOM   1387 O OD1 . ASN B 1 77 ? 7.469   -12.978 -2.386  1.00 25.81  ? 77  ASN B OD1 1 
ATOM   1388 N ND2 . ASN B 1 77 ? 7.882   -14.900 -1.296  1.00 22.27  ? 77  ASN B ND2 1 
ATOM   1389 N N   . LYS B 1 78 ? 6.781   -16.811 -3.489  0.58 31.93  ? 78  LYS B N   1 
ATOM   1390 C CA  . LYS B 1 78 ? 5.372   -16.932 -3.881  0.58 33.64  ? 78  LYS B CA  1 
ATOM   1391 C C   . LYS B 1 78 ? 4.438   -16.407 -2.800  0.58 33.21  ? 78  LYS B C   1 
ATOM   1392 O O   . LYS B 1 78 ? 3.220   -16.539 -2.950  0.58 38.80  ? 78  LYS B O   1 
ATOM   1393 C CB  A LYS B 1 78 ? 5.004   -18.375 -4.208  0.58 35.36  ? 78  LYS B CB  1 
ATOM   1394 C CB  B LYS B 1 78 ? 5.055   -18.471 -4.096  0.42 35.85  ? 78  LYS B CB  1 
ATOM   1395 C CG  A LYS B 1 78 ? 4.703   -19.274 -3.043  0.58 38.70  ? 78  LYS B CG  1 
ATOM   1396 C CG  B LYS B 1 78 ? 5.913   -19.115 -5.185  0.42 37.25  ? 78  LYS B CG  1 
ATOM   1397 C CD  A LYS B 1 78 ? 5.708   -19.315 -1.922  0.58 45.81  ? 78  LYS B CD  1 
ATOM   1398 C CD  B LYS B 1 78 ? 5.566   -18.543 -6.544  0.42 37.50  ? 78  LYS B CD  1 
ATOM   1399 C CE  A LYS B 1 78 ? 7.133   -19.559 -2.363  0.58 44.57  ? 78  LYS B CE  1 
ATOM   1400 C CE  B LYS B 1 78 ? 6.496   -19.043 -7.637  0.42 39.85  ? 78  LYS B CE  1 
ATOM   1401 N NZ  A LYS B 1 78 ? 8.055   -18.602 -1.677  0.58 37.43  ? 78  LYS B NZ  1 
ATOM   1402 N NZ  B LYS B 1 78 ? 5.875   -18.859 -8.981  0.42 38.79  ? 78  LYS B NZ  1 
ATOM   1403 N N   . SER B 1 79 ? 5.014   -15.862 -1.732  1.00 31.87  ? 79  SER B N   1 
ATOM   1404 C CA  . SER B 1 79 ? 4.176   -15.299 -0.681  1.00 32.31  ? 79  SER B CA  1 
ATOM   1405 C C   . SER B 1 79 ? 3.716   -13.927 -1.155  1.00 29.20  ? 79  SER B C   1 
ATOM   1406 O O   . SER B 1 79 ? 4.505   -13.233 -1.797  1.00 30.52  ? 79  SER B O   1 
ATOM   1407 C CB  . SER B 1 79 ? 4.931   -15.126 0.628   1.00 37.76  ? 79  SER B CB  1 
ATOM   1408 O OG  . SER B 1 79 ? 5.690   -13.920 0.512   1.00 47.15  ? 79  SER B OG  1 
ATOM   1409 N N   . LEU B 1 80 ? 2.484   -13.625 -0.840  1.00 27.63  ? 80  LEU B N   1 
ATOM   1410 C CA  . LEU B 1 80 ? 1.752   -12.473 -1.288  1.00 26.36  ? 80  LEU B CA  1 
ATOM   1411 C C   . LEU B 1 80 ? 1.067   -11.694 -0.177  1.00 26.65  ? 80  LEU B C   1 
ATOM   1412 O O   . LEU B 1 80 ? 0.760   -12.221 0.895   1.00 31.68  ? 80  LEU B O   1 
ATOM   1413 C CB  . LEU B 1 80 ? 0.602   -12.966 -2.188  1.00 29.24  ? 80  LEU B CB  1 
ATOM   1414 C CG  . LEU B 1 80 ? 1.015   -13.915 -3.321  1.00 30.00  ? 80  LEU B CG  1 
ATOM   1415 C CD1 . LEU B 1 80 ? -0.168  -14.734 -3.810  1.00 31.72  ? 80  LEU B CD1 1 
ATOM   1416 C CD2 . LEU B 1 80 ? 1.660   -13.073 -4.420  1.00 30.48  ? 80  LEU B CD2 1 
ATOM   1417 N N   . THR B 1 81 ? 0.838   -10.416 -0.462  1.00 24.37  ? 81  THR B N   1 
ATOM   1418 C CA  . THR B 1 81 ? 0.039   -9.595  0.433   1.00 27.96  ? 81  THR B CA  1 
ATOM   1419 C C   . THR B 1 81 ? -1.182  -9.048  -0.271  1.00 24.58  ? 81  THR B C   1 
ATOM   1420 O O   . THR B 1 81 ? -1.024  -8.348  -1.252  1.00 25.49  ? 81  THR B O   1 
ATOM   1421 C CB  . THR B 1 81 ? 0.901   -8.416  0.957   1.00 30.93  ? 81  THR B CB  1 
ATOM   1422 O OG1 . THR B 1 81 ? 1.939   -8.908  1.803   1.00 35.88  ? 81  THR B OG1 1 
ATOM   1423 C CG2 . THR B 1 81 ? 0.017   -7.479  1.780   1.00 35.40  ? 81  THR B CG2 1 
ATOM   1424 N N   . LEU B 1 82 ? -2.390  -9.332  0.206   1.00 24.79  ? 82  LEU B N   1 
ATOM   1425 C CA  . LEU B 1 82 ? -3.585  -8.623  -0.252  1.00 23.94  ? 82  LEU B CA  1 
ATOM   1426 C C   . LEU B 1 82 ? -3.594  -7.202  0.315   1.00 25.06  ? 82  LEU B C   1 
ATOM   1427 O O   . LEU B 1 82 ? -3.897  -7.015  1.512   1.00 33.96  ? 82  LEU B O   1 
ATOM   1428 C CB  . LEU B 1 82 ? -4.866  -9.354  0.176   1.00 25.86  ? 82  LEU B CB  1 
ATOM   1429 C CG  . LEU B 1 82 ? -6.173  -8.768  -0.336  1.00 27.04  ? 82  LEU B CG  1 
ATOM   1430 C CD1 . LEU B 1 82 ? -6.229  -8.759  -1.855  1.00 26.52  ? 82  LEU B CD1 1 
ATOM   1431 C CD2 . LEU B 1 82 ? -7.372  -9.560  0.195   1.00 29.66  ? 82  LEU B CD2 1 
ATOM   1432 N N   . SER B 1 83 ? -3.294  -6.192  -0.483  1.00 28.14  ? 83  SER B N   1 
ATOM   1433 C CA  . SER B 1 83 ? -3.162  -4.825  0.017   1.00 30.42  ? 83  SER B CA  1 
ATOM   1434 C C   . SER B 1 83 ? -4.517  -4.128  0.080   1.00 32.01  ? 83  SER B C   1 
ATOM   1435 O O   . SER B 1 83 ? -4.796  -3.283  0.923   1.00 37.55  ? 83  SER B O   1 
ATOM   1436 C CB  . SER B 1 83 ? -2.265  -3.974  -0.883  1.00 33.26  ? 83  SER B CB  1 
ATOM   1437 O OG  . SER B 1 83 ? -0.912  -4.352  -0.841  1.00 39.53  ? 83  SER B OG  1 
ATOM   1438 N N   . ASN B 1 84 ? -5.399  -4.431  -0.876  1.00 27.53  ? 84  ASN B N   1 
ATOM   1439 C CA  . ASN B 1 84 ? -6.721  -3.776  -0.869  1.00 30.48  ? 84  ASN B CA  1 
ATOM   1440 C C   . ASN B 1 84 ? -7.598  -4.581  -1.818  1.00 29.19  ? 84  ASN B C   1 
ATOM   1441 O O   . ASN B 1 84 ? -7.102  -5.551  -2.407  1.00 29.15  ? 84  ASN B O   1 
ATOM   1442 C CB  . ASN B 1 84 ? -6.581  -2.323  -1.274  1.00 34.24  ? 84  ASN B CB  1 
ATOM   1443 C CG  . ASN B 1 84 ? -7.663  -1.374  -0.802  1.00 35.30  ? 84  ASN B CG  1 
ATOM   1444 O OD1 . ASN B 1 84 ? -8.694  -1.805  -0.310  1.00 37.37  ? 84  ASN B OD1 1 
ATOM   1445 N ND2 . ASN B 1 84 ? -7.412  -0.055  -0.933  1.00 47.78  ? 84  ASN B ND2 1 
ATOM   1446 N N   . TYR B 1 85 ? -8.841  -4.171  -1.963  1.00 31.13  ? 85  TYR B N   1 
ATOM   1447 C CA  . TYR B 1 85 ? -9.790  -4.759  -2.908  1.00 32.26  ? 85  TYR B CA  1 
ATOM   1448 C C   . TYR B 1 85 ? -10.956 -3.812  -3.134  1.00 32.73  ? 85  TYR B C   1 
ATOM   1449 O O   . TYR B 1 85 ? -11.216 -2.939  -2.298  1.00 43.79  ? 85  TYR B O   1 
ATOM   1450 C CB  . TYR B 1 85 ? -10.326 -6.122  -2.449  1.00 36.60  ? 85  TYR B CB  1 
ATOM   1451 C CG  . TYR B 1 85 ? -11.085 -6.123  -1.145  1.00 46.38  ? 85  TYR B CG  1 
ATOM   1452 C CD1 . TYR B 1 85 ? -10.428 -6.325  0.060   1.00 50.28  ? 85  TYR B CD1 1 
ATOM   1453 C CD2 . TYR B 1 85 ? -12.463 -5.929  -1.109  1.00 46.54  ? 85  TYR B CD2 1 
ATOM   1454 C CE1 . TYR B 1 85 ? -11.114 -6.329  1.262   1.00 52.36  ? 85  TYR B CE1 1 
ATOM   1455 C CE2 . TYR B 1 85 ? -13.150 -5.927  0.081   1.00 50.88  ? 85  TYR B CE2 1 
ATOM   1456 C CZ  . TYR B 1 85 ? -12.476 -6.126  1.268   1.00 53.66  ? 85  TYR B CZ  1 
ATOM   1457 O OH  . TYR B 1 85 ? -13.157 -6.138  2.468   1.00 53.57  ? 85  TYR B OH  1 
ATOM   1458 N N   . GLN B 1 86 ? -11.660 -4.034  -4.238  1.00 36.36  ? 86  GLN B N   1 
ATOM   1459 C CA  . GLN B 1 86 ? -12.931 -3.349  -4.500  1.00 39.98  ? 86  GLN B CA  1 
ATOM   1460 C C   . GLN B 1 86 ? -14.048 -4.375  -4.647  1.00 42.14  ? 86  GLN B C   1 
ATOM   1461 O O   . GLN B 1 86 ? -13.841 -5.351  -5.385  1.00 35.50  ? 86  GLN B O   1 
ATOM   1462 C CB  . GLN B 1 86 ? -12.783 -2.473  -5.743  1.00 38.18  ? 86  GLN B CB  1 
ATOM   1463 C CG  . GLN B 1 86 ? -11.747 -1.355  -5.500  1.00 40.26  ? 86  GLN B CG  1 
ATOM   1464 C CD  . GLN B 1 86 ? -11.612 -0.443  -6.695  1.00 43.09  ? 86  GLN B CD  1 
ATOM   1465 O OE1 . GLN B 1 86 ? -11.904 -0.863  -7.815  1.00 44.73  ? 86  GLN B OE1 1 
ATOM   1466 N NE2 . GLN B 1 86 ? -11.184 0.793   -6.464  1.00 46.03  ? 86  GLN B NE2 1 
ATOM   1467 N N   . THR B 1 87 ? -15.140 -4.132  -3.955  1.00 45.44  ? 87  THR B N   1 
ATOM   1468 C CA  . THR B 1 87 ? -16.410 -4.815  -3.930  1.00 49.12  ? 87  THR B CA  1 
ATOM   1469 C C   . THR B 1 87 ? -17.285 -4.399  -5.128  1.00 50.47  ? 87  THR B C   1 
ATOM   1470 O O   . THR B 1 87 ? -17.085 -3.366  -5.756  1.00 49.72  ? 87  THR B O   1 
ATOM   1471 C CB  . THR B 1 87 ? -17.373 -4.551  -2.738  1.00 53.83  ? 87  THR B CB  1 
ATOM   1472 O OG1 . THR B 1 87 ? -17.384 -3.148  -2.430  1.00 64.10  ? 87  THR B OG1 1 
ATOM   1473 C CG2 . THR B 1 87 ? -16.976 -5.275  -1.468  1.00 58.33  ? 87  THR B CG2 1 
ATOM   1474 N N   . ASN B 1 88 ? -18.275 -5.271  -5.349  1.00 47.40  ? 88  ASN B N   1 
ATOM   1475 C CA  . ASN B 1 88 ? -19.346 -4.991  -6.289  1.00 46.95  ? 88  ASN B CA  1 
ATOM   1476 C C   . ASN B 1 88 ? -18.874 -4.437  -7.618  1.00 43.63  ? 88  ASN B C   1 
ATOM   1477 O O   . ASN B 1 88 ? -19.387 -3.432  -8.098  1.00 44.61  ? 88  ASN B O   1 
ATOM   1478 C CB  . ASN B 1 88 ? -20.333 -3.974  -5.667  1.00 59.14  ? 88  ASN B CB  1 
ATOM   1479 C CG  . ASN B 1 88 ? -21.651 -4.689  -5.441  1.00 59.40  ? 88  ASN B CG  1 
ATOM   1480 O OD1 . ASN B 1 88 ? -22.169 -4.664  -4.326  1.00 67.05  ? 88  ASN B OD1 1 
ATOM   1481 N ND2 . ASN B 1 88 ? -22.165 -5.325  -6.492  1.00 65.11  ? 88  ASN B ND2 1 
ATOM   1482 N N   . LYS B 1 89 ? -17.874 -5.105  -8.188  1.00 41.19  ? 89  LYS B N   1 
ATOM   1483 C CA  . LYS B 1 89 ? -17.376 -4.717  -9.508  1.00 40.08  ? 89  LYS B CA  1 
ATOM   1484 C C   . LYS B 1 89 ? -18.165 -5.441  -10.597 1.00 41.81  ? 89  LYS B C   1 
ATOM   1485 O O   . LYS B 1 89 ? -18.775 -6.481  -10.294 1.00 43.30  ? 89  LYS B O   1 
ATOM   1486 C CB  . LYS B 1 89 ? -15.919 -5.074  -9.658  1.00 38.20  ? 89  LYS B CB  1 
ATOM   1487 C CG  . LYS B 1 89 ? -14.825 -4.102  -9.383  1.00 43.67  ? 89  LYS B CG  1 
ATOM   1488 C CD  . LYS B 1 89 ? -15.128 -2.622  -9.457  1.00 43.22  ? 89  LYS B CD  1 
ATOM   1489 C CE  . LYS B 1 89 ? -14.401 -1.953  -10.609 1.00 47.14  ? 89  LYS B CE  1 
ATOM   1490 N NZ  . LYS B 1 89 ? -14.205 -0.477  -10.405 1.00 42.96  ? 89  LYS B NZ  1 
ATOM   1491 N N   . ALA B 1 90 ? -18.141 -4.915  -11.820 1.00 43.38  ? 90  ALA B N   1 
ATOM   1492 C CA  . ALA B 1 90 ? -18.895 -5.525  -12.918 1.00 50.86  ? 90  ALA B CA  1 
ATOM   1493 C C   . ALA B 1 90 ? -17.936 -6.084  -13.953 1.00 48.07  ? 90  ALA B C   1 
ATOM   1494 O O   . ALA B 1 90 ? -16.725 -5.826  -13.917 1.00 42.70  ? 90  ALA B O   1 
ATOM   1495 C CB  . ALA B 1 90 ? -19.894 -4.563  -13.558 1.00 46.71  ? 90  ALA B CB  1 
ATOM   1496 N N   . LYS B 1 91 ? -18.469 -6.898  -14.862 1.00 45.65  ? 91  LYS B N   1 
ATOM   1497 C CA  . LYS B 1 91 ? -17.562 -7.627  -15.743 1.00 43.71  ? 91  LYS B CA  1 
ATOM   1498 C C   . LYS B 1 91 ? -16.691 -6.702  -16.572 1.00 45.60  ? 91  LYS B C   1 
ATOM   1499 O O   . LYS B 1 91 ? -15.480 -6.860  -16.772 1.00 41.94  ? 91  LYS B O   1 
ATOM   1500 C CB  . LYS B 1 91 ? -18.313 -8.574  -16.705 1.00 47.48  ? 91  LYS B CB  1 
ATOM   1501 C CG  . LYS B 1 91 ? -17.427 -8.781  -17.935 1.00 48.61  ? 91  LYS B CG  1 
ATOM   1502 C CD  . LYS B 1 91 ? -17.462 -10.205 -18.460 1.00 51.57  ? 91  LYS B CD  1 
ATOM   1503 C CE  . LYS B 1 91 ? -18.749 -10.445 -19.226 1.00 47.58  ? 91  LYS B CE  1 
ATOM   1504 N NZ  . LYS B 1 91 ? -19.882 -10.587 -18.261 1.00 56.55  ? 91  LYS B NZ  1 
ATOM   1505 N N   . HIS B 1 92 ? -17.323 -5.650  -17.108 1.00 46.04  ? 92  HIS B N   1 
ATOM   1506 C CA  . HIS B 1 92 ? -16.443 -4.890  -18.018 1.00 45.34  ? 92  HIS B CA  1 
ATOM   1507 C C   . HIS B 1 92 ? -15.768 -3.708  -17.369 1.00 46.39  ? 92  HIS B C   1 
ATOM   1508 O O   . HIS B 1 92 ? -15.087 -2.954  -18.077 1.00 48.13  ? 92  HIS B O   1 
ATOM   1509 C CB  . HIS B 1 92 ? -17.277 -4.495  -19.259 0.72 46.28  ? 92  HIS B CB  1 
ATOM   1510 C CG  . HIS B 1 92 ? -17.470 -5.731  -20.103 0.72 44.61  ? 92  HIS B CG  1 
ATOM   1511 N ND1 . HIS B 1 92 ? -18.665 -6.391  -20.286 0.72 44.34  ? 92  HIS B ND1 1 
ATOM   1512 C CD2 . HIS B 1 92 ? -16.549 -6.426  -20.810 0.72 43.96  ? 92  HIS B CD2 1 
ATOM   1513 C CE1 . HIS B 1 92 ? -18.476 -7.431  -21.075 0.72 45.43  ? 92  HIS B CE1 1 
ATOM   1514 N NE2 . HIS B 1 92 ? -17.190 -7.476  -21.409 0.72 44.67  ? 92  HIS B NE2 1 
ATOM   1515 N N   . ASP B 1 93 ? -15.894 -3.525  -16.052 1.00 44.17  ? 93  ASP B N   1 
ATOM   1516 C CA  . ASP B 1 93 ? -15.175 -2.430  -15.413 1.00 42.09  ? 93  ASP B CA  1 
ATOM   1517 C C   . ASP B 1 93 ? -13.684 -2.476  -15.704 1.00 40.67  ? 93  ASP B C   1 
ATOM   1518 O O   . ASP B 1 93 ? -13.051 -3.538  -15.686 1.00 43.91  ? 93  ASP B O   1 
ATOM   1519 C CB  . ASP B 1 93 ? -15.356 -2.479  -13.885 1.00 43.01  ? 93  ASP B CB  1 
ATOM   1520 C CG  . ASP B 1 93 ? -16.717 -1.916  -13.523 1.00 43.93  ? 93  ASP B CG  1 
ATOM   1521 O OD1 . ASP B 1 93 ? -17.190 -1.138  -14.383 1.00 52.02  ? 93  ASP B OD1 1 
ATOM   1522 O OD2 . ASP B 1 93 ? -17.228 -2.255  -12.445 1.00 49.26  ? 93  ASP B OD2 1 
ATOM   1523 N N   . GLU B 1 94 ? -13.103 -1.295  -15.914 1.00 43.84  ? 94  GLU B N   1 
ATOM   1524 C CA  . GLU B 1 94 ? -11.653 -1.169  -16.031 1.00 44.13  ? 94  GLU B CA  1 
ATOM   1525 C C   . GLU B 1 94 ? -10.926 -1.505  -14.728 1.00 39.72  ? 94  GLU B C   1 
ATOM   1526 O O   . GLU B 1 94 ? -11.412 -1.202  -13.638 1.00 37.88  ? 94  GLU B O   1 
ATOM   1527 C CB  . GLU B 1 94 ? -11.324 0.255   -16.492 1.00 46.40  ? 94  GLU B CB  1 
ATOM   1528 C CG  . GLU B 1 94 ? -9.926  0.460   -17.040 1.00 53.15  ? 94  GLU B CG  1 
ATOM   1529 C CD  . GLU B 1 94 ? -9.733  0.092   -18.496 1.00 59.47  ? 94  GLU B CD  1 
ATOM   1530 O OE1 . GLU B 1 94 ? -10.645 0.394   -19.304 1.00 70.61  ? 94  GLU B OE1 1 
ATOM   1531 O OE2 . GLU B 1 94 ? -8.685  -0.492  -18.858 1.00 67.27  ? 94  GLU B OE2 1 
ATOM   1532 N N   . LEU B 1 95 ? -9.752  -2.134  -14.835 1.00 36.87  ? 95  LEU B N   1 
ATOM   1533 C CA  . LEU B 1 95 ? -8.817  -2.291  -13.729 1.00 34.68  ? 95  LEU B CA  1 
ATOM   1534 C C   . LEU B 1 95 ? -8.088  -0.991  -13.419 1.00 36.53  ? 95  LEU B C   1 
ATOM   1535 O O   . LEU B 1 95 ? -6.959  -0.792  -13.847 1.00 44.46  ? 95  LEU B O   1 
ATOM   1536 C CB  . LEU B 1 95 ? -7.768  -3.397  -14.026 1.00 34.75  ? 95  LEU B CB  1 
ATOM   1537 C CG  . LEU B 1 95 ? -8.338  -4.809  -13.876 1.00 27.00  ? 95  LEU B CG  1 
ATOM   1538 C CD1 . LEU B 1 95 ? -7.481  -5.845  -14.572 1.00 28.92  ? 95  LEU B CD1 1 
ATOM   1539 C CD2 . LEU B 1 95 ? -8.497  -5.167  -12.397 1.00 29.17  ? 95  LEU B CD2 1 
ATOM   1540 N N   . THR B 1 96 ? -8.713  -0.081  -12.680 1.00 37.21  ? 96  THR B N   1 
ATOM   1541 C CA  . THR B 1 96 ? -8.013  1.189   -12.419 1.00 39.72  ? 96  THR B CA  1 
ATOM   1542 C C   . THR B 1 96 ? -7.201  1.077   -11.145 1.00 39.66  ? 96  THR B C   1 
ATOM   1543 O O   . THR B 1 96 ? -7.608  0.345   -10.225 1.00 46.50  ? 96  THR B O   1 
ATOM   1544 C CB  . THR B 1 96 ? -9.095  2.262   -12.372 1.00 41.27  ? 96  THR B CB  1 
ATOM   1545 O OG1 . THR B 1 96 ? -10.198 1.755   -11.617 1.00 50.52  ? 96  THR B OG1 1 
ATOM   1546 C CG2 . THR B 1 96 ? -9.661  2.524   -13.760 1.00 44.25  ? 96  THR B CG2 1 
ATOM   1547 N N   . TYR B 1 97 ? -6.055  1.753   -11.057 1.00 43.05  ? 97  TYR B N   1 
ATOM   1548 C CA  . TYR B 1 97 ? -5.226  1.729   -9.857  1.00 43.19  ? 97  TYR B CA  1 
ATOM   1549 C C   . TYR B 1 97 ? -6.051  2.077   -8.628  1.00 37.60  ? 97  TYR B C   1 
ATOM   1550 O O   . TYR B 1 97 ? -6.945  2.938   -8.749  1.00 47.17  ? 97  TYR B O   1 
ATOM   1551 C CB  . TYR B 1 97 ? -4.095  2.753   -10.024 1.00 45.34  ? 97  TYR B CB  1 
ATOM   1552 C CG  . TYR B 1 97 ? -3.229  2.942   -8.801  1.00 47.03  ? 97  TYR B CG  1 
ATOM   1553 C CD1 . TYR B 1 97 ? -2.148  2.092   -8.582  1.00 47.72  ? 97  TYR B CD1 1 
ATOM   1554 C CD2 . TYR B 1 97 ? -3.458  3.941   -7.870  1.00 44.81  ? 97  TYR B CD2 1 
ATOM   1555 C CE1 . TYR B 1 97 ? -1.333  2.234   -7.471  1.00 44.78  ? 97  TYR B CE1 1 
ATOM   1556 C CE2 . TYR B 1 97 ? -2.654  4.078   -6.767  1.00 46.75  ? 97  TYR B CE2 1 
ATOM   1557 C CZ  . TYR B 1 97 ? -1.589  3.230   -6.559  1.00 46.16  ? 97  TYR B CZ  1 
ATOM   1558 O OH  . TYR B 1 97 ? -0.793  3.400   -5.444  1.00 51.15  ? 97  TYR B OH  1 
ATOM   1559 N N   . PHE B 1 98 ? -5.791  1.528   -7.526  1.00 37.96  ? 98  PHE B N   1 
ATOM   1560 C CA  . PHE B 1 98 ? -6.419  1.975   -6.280  1.00 40.11  ? 98  PHE B CA  1 
ATOM   1561 C C   . PHE B 1 98 ? -5.495  1.527   -5.137  1.00 40.54  ? 98  PHE B C   1 
ATOM   1562 O O   . PHE B 1 98 ? -4.609  0.716   -5.519  1.00 38.69  ? 98  PHE B O   1 
ATOM   1563 C CB  . PHE B 1 98 ? -7.826  1.421   -6.078  1.00 42.38  ? 98  PHE B CB  1 
ATOM   1564 C CG  . PHE B 1 98 ? -7.880  -0.110  -6.149  1.00 36.23  ? 98  PHE B CG  1 
ATOM   1565 C CD1 . PHE B 1 98 ? -7.944  -0.763  -7.369  1.00 37.80  ? 98  PHE B CD1 1 
ATOM   1566 C CD2 . PHE B 1 98 ? -7.866  -0.878  -5.003  1.00 34.59  ? 98  PHE B CD2 1 
ATOM   1567 C CE1 . PHE B 1 98 ? -7.983  -2.143  -7.426  1.00 34.46  ? 98  PHE B CE1 1 
ATOM   1568 C CE2 . PHE B 1 98 ? -7.900  -2.267  -5.064  1.00 35.55  ? 98  PHE B CE2 1 
ATOM   1569 C CZ  . PHE B 1 98 ? -7.959  -2.931  -6.283  1.00 33.47  ? 98  PHE B CZ  1 
ATOM   1570 O OXT . PHE B 1 98 ? -5.648  1.940   -4.068  1.00 39.59  ? 98  PHE B OXT 1 
HETATM 1571 O O   . HOH C 2 .  ? 8.359   2.280   -7.686  1.00 20.62  ? 99  HOH A O   1 
HETATM 1572 O O   . HOH C 2 .  ? 7.949   8.445   -5.259  1.00 26.35  ? 100 HOH A O   1 
HETATM 1573 O O   . HOH C 2 .  ? 4.680   -4.369  -15.190 1.00 30.99  ? 101 HOH A O   1 
HETATM 1574 O O   . HOH C 2 .  ? 0.911   11.772  -1.778  1.00 32.22  ? 102 HOH A O   1 
HETATM 1575 O O   . HOH C 2 .  ? -2.325  11.842  17.494  1.00 35.72  ? 103 HOH A O   1 
HETATM 1576 O O   . HOH C 2 .  ? -1.581  -20.287 -17.986 1.00 42.67  ? 104 HOH A O   1 
HETATM 1577 O O   . HOH C 2 .  ? -7.018  -18.572 0.356   1.00 29.52  ? 105 HOH A O   1 
HETATM 1578 O O   . HOH C 2 .  ? 1.169   -13.178 -18.216 1.00 36.99  ? 106 HOH A O   1 
HETATM 1579 O O   . HOH C 2 .  ? 12.868  14.693  -7.933  1.00 37.05  ? 107 HOH A O   1 
HETATM 1580 O O   . HOH C 2 .  ? -2.042  -21.214 -5.033  1.00 38.09  ? 108 HOH A O   1 
HETATM 1581 O O   . HOH C 2 .  ? -2.710  -11.215 2.350   1.00 40.51  ? 109 HOH A O   1 
HETATM 1582 O O   . HOH C 2 .  ? 1.103   -14.458 -15.798 1.00 30.13  ? 110 HOH A O   1 
HETATM 1583 O O   . HOH C 2 .  ? -8.317  -20.862 -2.177  1.00 32.52  ? 111 HOH A O   1 
HETATM 1584 O O   . HOH C 2 .  ? 5.414   7.481   -5.173  1.00 35.51  ? 112 HOH A O   1 
HETATM 1585 O O   . HOH C 2 .  ? -8.411  -18.178 -14.154 1.00 32.81  ? 113 HOH A O   1 
HETATM 1586 O O   . HOH C 2 .  ? 3.860   2.544   13.586  1.00 38.53  ? 114 HOH A O   1 
HETATM 1587 O O   . HOH C 2 .  ? -9.850  -20.799 -0.038  1.00 32.74  ? 115 HOH A O   1 
HETATM 1588 O O   . HOH C 2 .  ? -13.329 -10.081 10.691  1.00 56.75  ? 116 HOH A O   1 
HETATM 1589 O O   . HOH C 2 .  ? -7.259  11.238  15.784  1.00 36.83  ? 117 HOH A O   1 
HETATM 1590 O O   . HOH C 2 .  ? 2.338   6.331   -1.635  1.00 33.34  ? 118 HOH A O   1 
HETATM 1591 O O   . HOH C 2 .  ? 5.810   -0.182  20.648  1.00 47.39  ? 119 HOH A O   1 
HETATM 1592 O O   . HOH C 2 .  ? -3.819  -16.942 -20.412 1.00 46.92  ? 120 HOH A O   1 
HETATM 1593 O O   . HOH C 2 .  ? -10.867 -7.375  -17.965 1.00 34.73  ? 121 HOH A O   1 
HETATM 1594 O O   . HOH C 2 .  ? -12.850 -21.137 -0.252  1.00 47.12  ? 122 HOH A O   1 
HETATM 1595 O O   . HOH C 2 .  ? 16.899  10.595  -0.990  1.00 44.21  ? 123 HOH A O   1 
HETATM 1596 O O   . HOH C 2 .  ? 6.845   19.671  19.437  1.00 45.70  ? 124 HOH A O   1 
HETATM 1597 O O   . HOH C 2 .  ? 3.965   2.623   0.956   1.00 27.18  ? 125 HOH A O   1 
HETATM 1598 O O   . HOH C 2 .  ? -0.934  -12.614 -13.094 1.00 29.53  ? 126 HOH A O   1 
HETATM 1599 O O   . HOH C 2 .  ? 1.192   -19.156 -15.675 1.00 37.59  ? 127 HOH A O   1 
HETATM 1600 O O   . HOH C 2 .  ? 17.408  14.962  -7.503  1.00 41.06  ? 128 HOH A O   1 
HETATM 1601 O O   . HOH C 2 .  ? -9.783  -20.304 -5.027  1.00 36.26  ? 129 HOH A O   1 
HETATM 1602 O O   . HOH C 2 .  ? 10.047  12.916  -9.549  1.00 39.99  ? 130 HOH A O   1 
HETATM 1603 O O   . HOH C 2 .  ? 0.938   -17.556 -6.013  1.00 50.81  ? 131 HOH A O   1 
HETATM 1604 O O   . HOH C 2 .  ? 10.475  7.256   -10.408 1.00 41.09  ? 132 HOH A O   1 
HETATM 1605 O O   . HOH C 2 .  ? -2.856  0.395   15.072  1.00 47.73  ? 133 HOH A O   1 
HETATM 1606 O O   . HOH C 2 .  ? 18.153  17.202  -2.805  1.00 60.77  ? 134 HOH A O   1 
HETATM 1607 O O   . HOH C 2 .  ? -2.928  -8.486  4.108   1.00 61.38  ? 135 HOH A O   1 
HETATM 1608 O O   . HOH C 2 .  ? 3.797   -0.700  -17.901 1.00 51.33  ? 136 HOH A O   1 
HETATM 1609 O O   . HOH C 2 .  ? -3.849  17.003  18.389  1.00 55.23  ? 137 HOH A O   1 
HETATM 1610 O O   . HOH C 2 .  ? 3.636   -0.344  19.102  1.00 49.53  ? 138 HOH A O   1 
HETATM 1611 O O   . HOH C 2 .  ? -7.805  -16.032 -19.165 1.00 41.65  ? 139 HOH A O   1 
HETATM 1612 O O   . HOH C 2 .  ? 5.029   21.779  21.029  1.00 55.60  ? 140 HOH A O   1 
HETATM 1613 O O   . HOH C 2 .  ? 14.284  13.739  -10.310 1.00 47.00  ? 141 HOH A O   1 
HETATM 1614 O O   . HOH C 2 .  ? 10.700  9.330   19.956  1.00 53.08  ? 142 HOH A O   1 
HETATM 1615 O O   . HOH C 2 .  ? 7.484   21.737  17.465  1.00 80.67  ? 143 HOH A O   1 
HETATM 1616 O O   . HOH C 2 .  ? -16.987 -22.274 -2.338  1.00 49.47  ? 144 HOH A O   1 
HETATM 1617 O O   . HOH C 2 .  ? -3.290  0.490   3.385   1.00 53.17  ? 145 HOH A O   1 
HETATM 1618 O O   . HOH C 2 .  ? -4.115  14.169  17.754  1.00 56.00  ? 146 HOH A O   1 
HETATM 1619 O O   . HOH C 2 .  ? -20.064 -18.042 6.918   1.00 67.98  ? 147 HOH A O   1 
HETATM 1620 O O   . HOH C 2 .  ? -2.837  -0.826  8.487   1.00 61.20  ? 148 HOH A O   1 
HETATM 1621 O O   . HOH C 2 .  ? -2.240  17.530  19.933  1.00 40.85  ? 149 HOH A O   1 
HETATM 1622 O O   . HOH C 2 .  ? -2.620  0.182   -18.242 1.00 43.90  ? 150 HOH A O   1 
HETATM 1623 O O   . HOH C 2 .  ? 6.143   -4.657  -17.871 1.00 61.56  ? 151 HOH A O   1 
HETATM 1624 O O   . HOH C 2 .  ? 0.666   -23.560 -8.090  1.00 46.09  ? 152 HOH A O   1 
HETATM 1625 O O   . HOH C 2 .  ? -4.689  -2.711  -21.934 1.00 44.29  ? 153 HOH A O   1 
HETATM 1626 O O   . HOH C 2 .  ? -1.325  -13.033 -19.751 1.00 39.48  ? 154 HOH A O   1 
HETATM 1627 O O   . HOH C 2 .  ? -1.687  10.178  20.950  1.00 66.46  ? 155 HOH A O   1 
HETATM 1628 O O   . HOH C 2 .  ? -2.179  3.843   19.769  1.00 59.67  ? 156 HOH A O   1 
HETATM 1629 O O   . HOH C 2 .  ? 5.099   -1.707  -14.349 1.00 30.87  ? 157 HOH A O   1 
HETATM 1630 O O   . HOH C 2 .  ? -6.138  -16.131 1.950   1.00 37.20  ? 158 HOH A O   1 
HETATM 1631 O O   . HOH C 2 .  ? 15.380  10.803  -12.984 1.00 44.32  ? 159 HOH A O   1 
HETATM 1632 O O   . HOH C 2 .  ? 1.306   -15.830 0.924   1.00 46.35  ? 160 HOH A O   1 
HETATM 1633 O O   . HOH C 2 .  ? 2.122   -18.284 -19.364 1.00 60.70  ? 161 HOH A O   1 
HETATM 1634 O O   . HOH C 2 .  ? -5.523  5.058   15.281  1.00 62.90  ? 162 HOH A O   1 
HETATM 1635 O O   . HOH C 2 .  ? 0.429   -19.677 -4.941  1.00 42.03  ? 163 HOH A O   1 
HETATM 1636 O O   . HOH C 2 .  ? -4.578  1.671   8.133   1.00 46.86  ? 164 HOH A O   1 
HETATM 1637 O O   . HOH C 2 .  ? 2.221   -20.895 -13.841 1.00 47.38  ? 165 HOH A O   1 
HETATM 1638 O O   . HOH C 2 .  ? 13.003  10.409  -11.275 1.00 46.90  ? 166 HOH A O   1 
HETATM 1639 O O   . HOH C 2 .  ? 3.243   20.525  22.941  1.00 41.09  ? 167 HOH A O   1 
HETATM 1640 O O   . HOH C 2 .  ? -9.658  -13.782 -19.198 1.00 52.81  ? 168 HOH A O   1 
HETATM 1641 O O   . HOH C 2 .  ? -17.180 -13.603 2.497   1.00 115.09 ? 169 HOH A O   1 
HETATM 1642 O O   . HOH C 2 .  ? -21.178 -10.213 2.833   1.00 48.49  ? 170 HOH A O   1 
HETATM 1643 O O   . HOH C 2 .  ? -2.979  -19.093 -20.426 1.00 59.17  ? 171 HOH A O   1 
HETATM 1644 O O   . HOH C 2 .  ? -3.795  20.034  21.309  1.00 58.02  ? 172 HOH A O   1 
HETATM 1645 O O   . HOH C 2 .  ? 4.814   12.125  -6.146  1.00 65.28  ? 173 HOH A O   1 
HETATM 1646 O O   . HOH C 2 .  ? -18.873 -9.385  6.460   1.00 61.20  ? 174 HOH A O   1 
HETATM 1647 O O   . HOH C 2 .  ? -5.038  10.098  20.150  1.00 56.86  ? 175 HOH A O   1 
HETATM 1648 O O   . HOH C 2 .  ? -12.579 -16.829 4.948   1.00 54.33  ? 176 HOH A O   1 
HETATM 1649 O O   . HOH C 2 .  ? -8.902  -7.455  3.728   1.00 60.73  ? 177 HOH A O   1 
HETATM 1650 O O   . HOH C 2 .  ? -19.647 -20.302 8.496   1.00 58.89  ? 178 HOH A O   1 
HETATM 1651 O O   . HOH C 2 .  ? -0.296  -11.203 -21.361 1.00 53.52  ? 179 HOH A O   1 
HETATM 1652 O O   . HOH C 2 .  ? 16.854  14.240  -12.027 1.00 57.63  ? 180 HOH A O   1 
HETATM 1653 O O   . HOH C 2 .  ? -17.351 -7.487  2.572   1.00 60.09  ? 181 HOH A O   1 
HETATM 1654 O O   . HOH C 2 .  ? -18.703 -7.773  -3.861  1.00 56.59  ? 182 HOH A O   1 
HETATM 1655 O O   . HOH C 2 .  ? -14.143 -19.234 -18.498 1.00 60.33  ? 183 HOH A O   1 
HETATM 1656 O O   . HOH C 2 .  ? -10.139 -12.109 12.891  1.00 52.32  ? 184 HOH A O   1 
HETATM 1657 O O   . HOH D 2 .  ? 9.668   -5.905  -1.255  1.00 20.88  ? 99  HOH B O   1 
HETATM 1658 O O   . HOH D 2 .  ? -2.902  18.358  9.368   1.00 22.77  ? 100 HOH B O   1 
HETATM 1659 O O   . HOH D 2 .  ? -2.656  20.669  10.755  1.00 22.09  ? 101 HOH B O   1 
HETATM 1660 O O   . HOH D 2 .  ? 14.942  -2.444  4.436   1.00 27.19  ? 102 HOH B O   1 
HETATM 1661 O O   . HOH D 2 .  ? 5.311   -10.796 -1.067  1.00 26.49  ? 103 HOH B O   1 
HETATM 1662 O O   . HOH D 2 .  ? 16.269  0.150   4.684   1.00 24.94  ? 104 HOH B O   1 
HETATM 1663 O O   . HOH D 2 .  ? 0.270   -3.255  -2.732  1.00 32.15  ? 105 HOH B O   1 
HETATM 1664 O O   . HOH D 2 .  ? 17.361  12.673  5.985   1.00 32.95  ? 106 HOH B O   1 
HETATM 1665 O O   . HOH D 2 .  ? 13.855  -17.891 -2.230  1.00 39.05  ? 107 HOH B O   1 
HETATM 1666 O O   . HOH D 2 .  ? 18.622  -0.452  5.714   1.00 36.24  ? 108 HOH B O   1 
HETATM 1667 O O   . HOH D 2 .  ? 12.641  21.398  6.859   1.00 37.97  ? 109 HOH B O   1 
HETATM 1668 O O   . HOH D 2 .  ? 19.048  10.899  7.504   1.00 35.23  ? 110 HOH B O   1 
HETATM 1669 O O   . HOH D 2 .  ? 3.609   -13.508 -12.079 1.00 38.48  ? 111 HOH B O   1 
HETATM 1670 O O   . HOH D 2 .  ? 7.700   14.994  -1.837  1.00 41.30  ? 112 HOH B O   1 
HETATM 1671 O O   . HOH D 2 .  ? 11.817  -16.713 -2.027  1.00 40.49  ? 113 HOH B O   1 
HETATM 1672 O O   . HOH D 2 .  ? 10.763  6.854   18.163  1.00 55.44  ? 114 HOH B O   1 
HETATM 1673 O O   . HOH D 2 .  ? 8.050   -15.214 -11.114 1.00 34.61  ? 115 HOH B O   1 
HETATM 1674 O O   . HOH D 2 .  ? -19.260 -19.361 -12.969 1.00 38.24  ? 116 HOH B O   1 
HETATM 1675 O O   . HOH D 2 .  ? 19.286  8.326   6.757   1.00 37.02  ? 117 HOH B O   1 
HETATM 1676 O O   . HOH D 2 .  ? -5.767  3.828   -12.653 1.00 42.68  ? 118 HOH B O   1 
HETATM 1677 O O   . HOH D 2 .  ? -21.423 -18.206 -12.286 1.00 38.27  ? 119 HOH B O   1 
HETATM 1678 O O   . HOH D 2 .  ? 20.807  12.791  11.180  1.00 39.23  ? 120 HOH B O   1 
HETATM 1679 O O   . HOH D 2 .  ? -8.823  17.751  13.665  1.00 51.69  ? 121 HOH B O   1 
HETATM 1680 O O   . HOH D 2 .  ? 21.239  7.387   12.294  1.00 41.95  ? 122 HOH B O   1 
HETATM 1681 O O   . HOH D 2 .  ? 19.841  4.848   13.330  1.00 39.40  ? 123 HOH B O   1 
HETATM 1682 O O   . HOH D 2 .  ? -16.524 -1.156  -5.480  1.00 52.04  ? 124 HOH B O   1 
HETATM 1683 O O   . HOH D 2 .  ? 5.089   21.803  12.806  1.00 37.20  ? 125 HOH B O   1 
HETATM 1684 O O   . HOH D 2 .  ? 18.908  10.723  10.444  1.00 34.56  ? 126 HOH B O   1 
HETATM 1685 O O   . HOH D 2 .  ? 10.538  22.686  7.230   1.00 33.38  ? 127 HOH B O   1 
HETATM 1686 O O   . HOH D 2 .  ? 16.711  -4.159  3.296   1.00 33.39  ? 128 HOH B O   1 
HETATM 1687 O O   . HOH D 2 .  ? -6.213  25.529  8.641   1.00 33.39  ? 129 HOH B O   1 
HETATM 1688 O O   . HOH D 2 .  ? 4.583   21.353  10.106  1.00 34.94  ? 130 HOH B O   1 
HETATM 1689 O O   . HOH D 2 .  ? 18.979  14.609  4.770   1.00 37.53  ? 131 HOH B O   1 
HETATM 1690 O O   . HOH D 2 .  ? 20.370  8.161   10.175  1.00 45.02  ? 132 HOH B O   1 
HETATM 1691 O O   . HOH D 2 .  ? -3.655  7.901   3.112   1.00 49.68  ? 133 HOH B O   1 
HETATM 1692 O O   . HOH D 2 .  ? -21.081 -8.051  -13.975 1.00 41.30  ? 134 HOH B O   1 
HETATM 1693 O O   . HOH D 2 .  ? -19.189 -8.275  -6.573  1.00 44.92  ? 135 HOH B O   1 
HETATM 1694 O O   . HOH D 2 .  ? -6.959  16.452  13.941  1.00 47.66  ? 136 HOH B O   1 
HETATM 1695 O O   . HOH D 2 .  ? -9.751  17.090  -1.129  1.00 48.64  ? 137 HOH B O   1 
HETATM 1696 O O   . HOH D 2 .  ? 15.921  1.109   16.369  1.00 45.40  ? 138 HOH B O   1 
HETATM 1697 O O   . HOH D 2 .  ? 8.892   -20.828 -5.513  1.00 51.16  ? 139 HOH B O   1 
HETATM 1698 O O   . HOH D 2 .  ? 19.859  0.111   9.932   1.00 43.90  ? 140 HOH B O   1 
HETATM 1699 O O   . HOH D 2 .  ? 7.750   -11.526 0.824   1.00 41.60  ? 141 HOH B O   1 
HETATM 1700 O O   . HOH D 2 .  ? -13.306 -8.461  -18.430 1.00 49.40  ? 142 HOH B O   1 
HETATM 1701 O O   . HOH D 2 .  ? -20.074 -4.675  -16.911 1.00 51.17  ? 143 HOH B O   1 
HETATM 1702 O O   . HOH D 2 .  ? 10.991  -12.188 -0.531  1.00 43.72  ? 144 HOH B O   1 
HETATM 1703 O O   . HOH D 2 .  ? 20.133  -1.994  3.547   1.00 47.14  ? 145 HOH B O   1 
HETATM 1704 O O   . HOH D 2 .  ? 5.368   -15.833 -9.755  1.00 41.08  ? 146 HOH B O   1 
HETATM 1705 O O   . HOH D 2 .  ? 11.892  17.917  12.927  1.00 42.00  ? 147 HOH B O   1 
HETATM 1706 O O   . HOH D 2 .  ? 2.147   22.342  6.419   1.00 46.33  ? 148 HOH B O   1 
HETATM 1707 O O   . HOH D 2 .  ? -25.143 -11.492 -10.036 1.00 43.45  ? 149 HOH B O   1 
HETATM 1708 O O   . HOH D 2 .  ? 17.214  -5.485  6.318   1.00 65.07  ? 150 HOH B O   1 
HETATM 1709 O O   . HOH D 2 .  ? 18.880  17.945  1.129   1.00 44.97  ? 151 HOH B O   1 
HETATM 1710 O O   . HOH D 2 .  ? 21.486  7.952   15.101  1.00 62.07  ? 152 HOH B O   1 
HETATM 1711 O O   . HOH D 2 .  ? -14.715 1.296   -14.765 1.00 52.73  ? 153 HOH B O   1 
HETATM 1712 O O   . HOH D 2 .  ? 12.363  20.382  15.115  1.00 54.83  ? 154 HOH B O   1 
HETATM 1713 O O   . HOH D 2 .  ? -18.219 -22.528 -13.271 1.00 58.91  ? 155 HOH B O   1 
HETATM 1714 O O   . HOH D 2 .  ? -11.568 10.489  12.676  1.00 54.45  ? 156 HOH B O   1 
HETATM 1715 O O   . HOH D 2 .  ? 8.581   22.474  4.114   1.00 27.00  ? 157 HOH B O   1 
HETATM 1716 O O   . HOH D 2 .  ? -16.556 -18.648 -13.235 1.00 32.77  ? 158 HOH B O   1 
HETATM 1717 O O   . HOH D 2 .  ? -10.214 -1.408  -9.821  1.00 37.06  ? 159 HOH B O   1 
HETATM 1718 O O   . HOH D 2 .  ? 3.115   -14.289 -9.706  1.00 36.75  ? 160 HOH B O   1 
HETATM 1719 O O   . HOH D 2 .  ? -25.963 -9.029  -15.710 1.00 51.00  ? 161 HOH B O   1 
HETATM 1720 O O   . HOH D 2 .  ? 3.793   23.174  8.953   1.00 40.05  ? 162 HOH B O   1 
HETATM 1721 O O   . HOH D 2 .  ? -7.101  23.508  -1.431  1.00 49.14  ? 163 HOH B O   1 
HETATM 1722 O O   . HOH D 2 .  ? 2.778   24.539  6.175   1.00 54.63  ? 164 HOH B O   1 
HETATM 1723 O O   . HOH D 2 .  ? -14.793 0.336   -5.258  1.00 62.93  ? 165 HOH B O   1 
HETATM 1724 O O   . HOH D 2 .  ? -20.279 -18.381 -15.637 1.00 58.02  ? 166 HOH B O   1 
HETATM 1725 O O   . HOH D 2 .  ? 4.371   -8.867  0.924   1.00 52.06  ? 167 HOH B O   1 
HETATM 1726 O O   . HOH D 2 .  ? 4.206   -16.315 -13.437 1.00 52.91  ? 168 HOH B O   1 
HETATM 1727 O O   . HOH D 2 .  ? 23.964  7.069   12.058  1.00 70.88  ? 169 HOH B O   1 
HETATM 1728 O O   . HOH D 2 .  ? -20.240 -1.509  -12.223 1.00 43.87  ? 170 HOH B O   1 
HETATM 1729 O O   . HOH D 2 .  ? -8.418  22.433  0.344   1.00 47.20  ? 171 HOH B O   1 
HETATM 1730 O O   . HOH D 2 .  ? 7.551   -3.799  7.979   1.00 64.83  ? 172 HOH B O   1 
HETATM 1731 O O   . HOH D 2 .  ? 19.491  15.654  1.568   1.00 64.32  ? 173 HOH B O   1 
HETATM 1732 O O   . HOH D 2 .  ? 2.284   25.134  2.512   1.00 72.26  ? 174 HOH B O   1 
HETATM 1733 O O   . HOH D 2 .  ? -4.342  19.437  -0.496  1.00 47.56  ? 175 HOH B O   1 
HETATM 1734 O O   . HOH D 2 .  ? 3.933   -12.029 2.549   1.00 67.92  ? 176 HOH B O   1 
HETATM 1735 O O   . HOH D 2 .  ? 19.394  14.842  15.642  1.00 55.87  ? 177 HOH B O   1 
HETATM 1736 O O   . HOH D 2 .  ? 21.456  -3.976  5.915   1.00 51.38  ? 178 HOH B O   1 
HETATM 1737 O O   . HOH D 2 .  ? -8.450  10.752  13.880  1.00 60.81  ? 179 HOH B O   1 
HETATM 1738 O O   . HOH D 2 .  ? 17.148  17.214  -0.496  1.00 53.70  ? 180 HOH B O   1 
HETATM 1739 O O   . HOH D 2 .  ? -15.774 1.627   -11.727 1.00 84.22  ? 181 HOH B O   1 
HETATM 1740 O O   . HOH D 2 .  ? -16.787 -8.400  -23.694 1.00 63.77  ? 182 HOH B O   1 
HETATM 1741 O O   . HOH D 2 .  ? 10.613  23.636  -0.568  1.00 61.28  ? 183 HOH B O   1 
HETATM 1742 O O   . HOH D 2 .  ? 21.302  14.446  6.215   1.00 50.00  ? 184 HOH B O   1 
# 
loop_
_pdbx_poly_seq_scheme.asym_id 
_pdbx_poly_seq_scheme.entity_id 
_pdbx_poly_seq_scheme.seq_id 
_pdbx_poly_seq_scheme.mon_id 
_pdbx_poly_seq_scheme.ndb_seq_num 
_pdbx_poly_seq_scheme.pdb_seq_num 
_pdbx_poly_seq_scheme.auth_seq_num 
_pdbx_poly_seq_scheme.pdb_mon_id 
_pdbx_poly_seq_scheme.auth_mon_id 
_pdbx_poly_seq_scheme.pdb_strand_id 
_pdbx_poly_seq_scheme.pdb_ins_code 
_pdbx_poly_seq_scheme.hetero 
A 1 1  MET 1  1  ?  ?   ?   A . n 
A 1 2  MET 2  2  2  MET MET A . n 
A 1 3  SER 3  3  3  SER SER A . n 
A 1 4  GLY 4  4  4  GLY GLY A . n 
A 1 5  ALA 5  5  5  ALA ALA A . n 
A 1 6  PRO 6  6  6  PRO PRO A . n 
A 1 7  SER 7  7  7  SER SER A . n 
A 1 8  ALA 8  8  8  ALA ALA A . n 
A 1 9  THR 9  9  9  THR THR A . n 
A 1 10 GLN 10 10 10 GLN GLN A . n 
A 1 11 PRO 11 11 11 PRO PRO A . n 
A 1 12 ALA 12 12 12 ALA ALA A . n 
A 1 13 THR 13 13 13 THR THR A . n 
A 1 14 ALA 14 14 14 ALA ALA A . n 
A 1 15 GLU 15 15 15 GLU GLU A . n 
A 1 16 THR 16 16 16 THR THR A . n 
A 1 17 GLN 17 17 17 GLN GLN A . n 
A 1 18 HIS 18 18 18 HIS HIS A . n 
A 1 19 ILE 19 19 19 ILE ILE A . n 
A 1 20 ALA 20 20 20 ALA ALA A . n 
A 1 21 ASP 21 21 21 ASP ASP A . n 
A 1 22 GLN 22 22 22 GLN GLN A . n 
A 1 23 VAL 23 23 23 VAL VAL A . n 
A 1 24 ARG 24 24 24 ARG ARG A . n 
A 1 25 SER 25 25 25 SER SER A . n 
A 1 26 GLN 26 26 26 GLN GLN A . n 
A 1 27 LEU 27 27 27 LEU LEU A . n 
A 1 28 GLU 28 28 28 GLU GLU A . n 
A 1 29 GLU 29 29 29 GLU GLU A . n 
A 1 30 LYS 30 30 30 LYS LYS A . n 
A 1 31 TYR 31 31 31 TYR TYR A . n 
A 1 32 ASN 32 32 32 ASN ASN A . n 
A 1 33 LYS 33 33 33 LYS LYS A . n 
A 1 34 LYS 34 34 34 LYS LYS A . n 
A 1 35 PHE 35 35 35 PHE PHE A . n 
A 1 36 PRO 36 36 36 PRO PRO A . n 
A 1 37 VAL 37 37 37 VAL VAL A . n 
A 1 38 PHE 38 38 38 PHE PHE A . n 
A 1 39 LYS 39 39 39 LYS LYS A . n 
A 1 40 ALA 40 40 40 ALA ALA A . n 
A 1 41 VAL 41 41 41 VAL VAL A . n 
A 1 42 SER 42 42 42 SER SER A . n 
A 1 43 PHE 43 43 43 PHE PHE A . n 
A 1 44 LYS 44 44 44 LYS LYS A . n 
A 1 45 SER 45 45 45 SER SER A . n 
A 1 46 GLN 46 46 46 GLN GLN A . n 
A 1 47 VAL 47 47 47 VAL VAL A . n 
A 1 48 VAL 48 48 48 VAL VAL A . n 
A 1 49 ALA 49 49 49 ALA ALA A . n 
A 1 50 GLY 50 50 50 GLY GLY A . n 
A 1 51 THR 51 51 51 THR THR A . n 
A 1 52 ASN 52 52 52 ASN ASN A . n 
A 1 53 TYR 53 53 53 TYR TYR A . n 
A 1 54 PHE 54 54 54 PHE PHE A . n 
A 1 55 ILE 55 55 55 ILE ILE A . n 
A 1 56 LYS 56 56 56 LYS LYS A . n 
A 1 57 VAL 57 57 57 VAL VAL A . n 
A 1 58 HIS 58 58 58 HIS HIS A . n 
A 1 59 VAL 59 59 59 VAL VAL A . n 
A 1 60 GLY 60 60 60 GLY GLY A . n 
A 1 61 ASP 61 61 61 ASP ASP A . n 
A 1 62 GLU 62 62 62 GLU GLU A . n 
A 1 63 ASP 63 63 63 ASP ASP A . n 
A 1 64 PHE 64 64 64 PHE PHE A . n 
A 1 65 VAL 65 65 65 VAL VAL A . n 
A 1 66 HIS 66 66 66 HIS HIS A . n 
A 1 67 LEU 67 67 67 LEU LEU A . n 
A 1 68 ARG 68 68 68 ARG ARG A . n 
A 1 69 VAL 69 69 69 VAL VAL A . n 
A 1 70 PHE 70 70 70 PHE PHE A . n 
A 1 71 GLN 71 71 71 GLN GLN A . n 
A 1 72 SER 72 72 72 SER SER A . n 
A 1 73 LEU 73 73 73 LEU LEU A . n 
A 1 74 PRO 74 74 74 PRO PRO A . n 
A 1 75 HIS 75 75 75 HIS HIS A . n 
A 1 76 GLU 76 76 76 GLU GLU A . n 
A 1 77 ASN 77 77 77 ASN ASN A . n 
A 1 78 LYS 78 78 78 LYS LYS A . n 
A 1 79 SER 79 79 79 SER SER A . n 
A 1 80 LEU 80 80 80 LEU LEU A . n 
A 1 81 THR 81 81 81 THR THR A . n 
A 1 82 LEU 82 82 82 LEU LEU A . n 
A 1 83 SER 83 83 83 SER SER A . n 
A 1 84 ASN 84 84 84 ASN ASN A . n 
A 1 85 TYR 85 85 85 TYR TYR A . n 
A 1 86 GLN 86 86 86 GLN GLN A . n 
A 1 87 THR 87 87 87 THR THR A . n 
A 1 88 ASN 88 88 88 ASN ASN A . n 
A 1 89 LYS 89 89 89 LYS LYS A . n 
A 1 90 ALA 90 90 90 ALA ALA A . n 
A 1 91 LYS 91 91 91 LYS LYS A . n 
A 1 92 HIS 92 92 92 HIS HIS A . n 
A 1 93 ASP 93 93 93 ASP ASP A . n 
A 1 94 GLU 94 94 94 GLU GLU A . n 
A 1 95 LEU 95 95 95 LEU LEU A . n 
A 1 96 THR 96 96 96 THR THR A . n 
A 1 97 TYR 97 97 97 TYR TYR A . n 
A 1 98 PHE 98 98 98 PHE PHE A . n 
B 1 1  MET 1  1  ?  ?   ?   B . n 
B 1 2  MET 2  2  ?  ?   ?   B . n 
B 1 3  SER 3  3  ?  ?   ?   B . n 
B 1 4  GLY 4  4  4  GLY GLY B . n 
B 1 5  ALA 5  5  5  ALA ALA B . n 
B 1 6  PRO 6  6  6  PRO PRO B . n 
B 1 7  SER 7  7  7  SER SER B . n 
B 1 8  ALA 8  8  8  ALA ALA B . n 
B 1 9  THR 9  9  9  THR THR B . n 
B 1 10 GLN 10 10 10 GLN GLN B . n 
B 1 11 PRO 11 11 11 PRO PRO B . n 
B 1 12 ALA 12 12 12 ALA ALA B . n 
B 1 13 THR 13 13 13 THR THR B . n 
B 1 14 ALA 14 14 14 ALA ALA B . n 
B 1 15 GLU 15 15 15 GLU GLU B . n 
B 1 16 THR 16 16 16 THR THR B . n 
B 1 17 GLN 17 17 17 GLN GLN B . n 
B 1 18 HIS 18 18 18 HIS HIS B . n 
B 1 19 ILE 19 19 19 ILE ILE B . n 
B 1 20 ALA 20 20 20 ALA ALA B . n 
B 1 21 ASP 21 21 21 ASP ASP B . n 
B 1 22 GLN 22 22 22 GLN GLN B . n 
B 1 23 VAL 23 23 23 VAL VAL B . n 
B 1 24 ARG 24 24 24 ARG ARG B . n 
B 1 25 SER 25 25 25 SER SER B . n 
B 1 26 GLN 26 26 26 GLN GLN B . n 
B 1 27 LEU 27 27 27 LEU LEU B . n 
B 1 28 GLU 28 28 28 GLU GLU B . n 
B 1 29 GLU 29 29 29 GLU GLU B . n 
B 1 30 LYS 30 30 30 LYS LYS B . n 
B 1 31 TYR 31 31 31 TYR TYR B . n 
B 1 32 ASN 32 32 32 ASN ASN B . n 
B 1 33 LYS 33 33 33 LYS LYS B . n 
B 1 34 LYS 34 34 34 LYS LYS B . n 
B 1 35 PHE 35 35 35 PHE PHE B . n 
B 1 36 PRO 36 36 36 PRO PRO B . n 
B 1 37 VAL 37 37 37 VAL VAL B . n 
B 1 38 PHE 38 38 38 PHE PHE B . n 
B 1 39 LYS 39 39 39 LYS LYS B . n 
B 1 40 ALA 40 40 40 ALA ALA B . n 
B 1 41 VAL 41 41 41 VAL VAL B . n 
B 1 42 SER 42 42 42 SER SER B . n 
B 1 43 PHE 43 43 43 PHE PHE B . n 
B 1 44 LYS 44 44 44 LYS LYS B . n 
B 1 45 SER 45 45 45 SER SER B . n 
B 1 46 GLN 46 46 46 GLN GLN B . n 
B 1 47 VAL 47 47 47 VAL VAL B . n 
B 1 48 VAL 48 48 48 VAL VAL B . n 
B 1 49 ALA 49 49 49 ALA ALA B . n 
B 1 50 GLY 50 50 50 GLY GLY B . n 
B 1 51 THR 51 51 51 THR THR B . n 
B 1 52 ASN 52 52 52 ASN ASN B . n 
B 1 53 TYR 53 53 53 TYR TYR B . n 
B 1 54 PHE 54 54 54 PHE PHE B . n 
B 1 55 ILE 55 55 55 ILE ILE B . n 
B 1 56 LYS 56 56 56 LYS LYS B . n 
B 1 57 VAL 57 57 57 VAL VAL B . n 
B 1 58 HIS 58 58 58 HIS HIS B . n 
B 1 59 VAL 59 59 59 VAL VAL B . n 
B 1 60 GLY 60 60 60 GLY GLY B . n 
B 1 61 ASP 61 61 61 ASP ASP B . n 
B 1 62 GLU 62 62 62 GLU GLU B . n 
B 1 63 ASP 63 63 63 ASP ASP B . n 
B 1 64 PHE 64 64 64 PHE PHE B . n 
B 1 65 VAL 65 65 65 VAL VAL B . n 
B 1 66 HIS 66 66 66 HIS HIS B . n 
B 1 67 LEU 67 67 67 LEU LEU B . n 
B 1 68 ARG 68 68 68 ARG ARG B . n 
B 1 69 VAL 69 69 69 VAL VAL B . n 
B 1 70 PHE 70 70 70 PHE PHE B . n 
B 1 71 GLN 71 71 71 GLN GLN B . n 
B 1 72 SER 72 72 72 SER SER B . n 
B 1 73 LEU 73 73 73 LEU LEU B . n 
B 1 74 PRO 74 74 74 PRO PRO B . n 
B 1 75 HIS 75 75 75 HIS HIS B . n 
B 1 76 GLU 76 76 76 GLU GLU B . n 
B 1 77 ASN 77 77 77 ASN ASN B . n 
B 1 78 LYS 78 78 78 LYS LYS B . n 
B 1 79 SER 79 79 79 SER SER B . n 
B 1 80 LEU 80 80 80 LEU LEU B . n 
B 1 81 THR 81 81 81 THR THR B . n 
B 1 82 LEU 82 82 82 LEU LEU B . n 
B 1 83 SER 83 83 83 SER SER B . n 
B 1 84 ASN 84 84 84 ASN ASN B . n 
B 1 85 TYR 85 85 85 TYR TYR B . n 
B 1 86 GLN 86 86 86 GLN GLN B . n 
B 1 87 THR 87 87 87 THR THR B . n 
B 1 88 ASN 88 88 88 ASN ASN B . n 
B 1 89 LYS 89 89 89 LYS LYS B . n 
B 1 90 ALA 90 90 90 ALA ALA B . n 
B 1 91 LYS 91 91 91 LYS LYS B . n 
B 1 92 HIS 92 92 92 HIS HIS B . n 
B 1 93 ASP 93 93 93 ASP ASP B . n 
B 1 94 GLU 94 94 94 GLU GLU B . n 
B 1 95 LEU 95 95 95 LEU LEU B . n 
B 1 96 THR 96 96 96 THR THR B . n 
B 1 97 TYR 97 97 97 TYR TYR B . n 
B 1 98 PHE 98 98 98 PHE PHE B . n 
# 
loop_
_pdbx_nonpoly_scheme.asym_id 
_pdbx_nonpoly_scheme.entity_id 
_pdbx_nonpoly_scheme.mon_id 
_pdbx_nonpoly_scheme.ndb_seq_num 
_pdbx_nonpoly_scheme.pdb_seq_num 
_pdbx_nonpoly_scheme.auth_seq_num 
_pdbx_nonpoly_scheme.pdb_mon_id 
_pdbx_nonpoly_scheme.auth_mon_id 
_pdbx_nonpoly_scheme.pdb_strand_id 
_pdbx_nonpoly_scheme.pdb_ins_code 
C 2 HOH 1  99  2   HOH HOH A . 
C 2 HOH 2  100 7   HOH HOH A . 
C 2 HOH 3  101 10  HOH HOH A . 
C 2 HOH 4  102 11  HOH HOH A . 
C 2 HOH 5  103 12  HOH HOH A . 
C 2 HOH 6  104 13  HOH HOH A . 
C 2 HOH 7  105 15  HOH HOH A . 
C 2 HOH 8  106 17  HOH HOH A . 
C 2 HOH 9  107 19  HOH HOH A . 
C 2 HOH 10 108 21  HOH HOH A . 
C 2 HOH 11 109 22  HOH HOH A . 
C 2 HOH 12 110 23  HOH HOH A . 
C 2 HOH 13 111 25  HOH HOH A . 
C 2 HOH 14 112 27  HOH HOH A . 
C 2 HOH 15 113 29  HOH HOH A . 
C 2 HOH 16 114 31  HOH HOH A . 
C 2 HOH 17 115 34  HOH HOH A . 
C 2 HOH 18 116 36  HOH HOH A . 
C 2 HOH 19 117 37  HOH HOH A . 
C 2 HOH 20 118 38  HOH HOH A . 
C 2 HOH 21 119 40  HOH HOH A . 
C 2 HOH 22 120 41  HOH HOH A . 
C 2 HOH 23 121 42  HOH HOH A . 
C 2 HOH 24 122 43  HOH HOH A . 
C 2 HOH 25 123 44  HOH HOH A . 
C 2 HOH 26 124 50  HOH HOH A . 
C 2 HOH 27 125 53  HOH HOH A . 
C 2 HOH 28 126 55  HOH HOH A . 
C 2 HOH 29 127 59  HOH HOH A . 
C 2 HOH 30 128 64  HOH HOH A . 
C 2 HOH 31 129 65  HOH HOH A . 
C 2 HOH 32 130 68  HOH HOH A . 
C 2 HOH 33 131 69  HOH HOH A . 
C 2 HOH 34 132 70  HOH HOH A . 
C 2 HOH 35 133 72  HOH HOH A . 
C 2 HOH 36 134 75  HOH HOH A . 
C 2 HOH 37 135 76  HOH HOH A . 
C 2 HOH 38 136 77  HOH HOH A . 
C 2 HOH 39 137 79  HOH HOH A . 
C 2 HOH 40 138 84  HOH HOH A . 
C 2 HOH 41 139 85  HOH HOH A . 
C 2 HOH 42 140 89  HOH HOH A . 
C 2 HOH 43 141 91  HOH HOH A . 
C 2 HOH 44 142 93  HOH HOH A . 
C 2 HOH 45 143 94  HOH HOH A . 
C 2 HOH 46 144 96  HOH HOH A . 
C 2 HOH 47 145 97  HOH HOH A . 
C 2 HOH 48 146 98  HOH HOH A . 
C 2 HOH 49 147 102 HOH HOH A . 
C 2 HOH 50 148 103 HOH HOH A . 
C 2 HOH 51 149 106 HOH HOH A . 
C 2 HOH 52 150 107 HOH HOH A . 
C 2 HOH 53 151 109 HOH HOH A . 
C 2 HOH 54 152 111 HOH HOH A . 
C 2 HOH 55 153 112 HOH HOH A . 
C 2 HOH 56 154 113 HOH HOH A . 
C 2 HOH 57 155 115 HOH HOH A . 
C 2 HOH 58 156 116 HOH HOH A . 
C 2 HOH 59 157 119 HOH HOH A . 
C 2 HOH 60 158 120 HOH HOH A . 
C 2 HOH 61 159 122 HOH HOH A . 
C 2 HOH 62 160 124 HOH HOH A . 
C 2 HOH 63 161 127 HOH HOH A . 
C 2 HOH 64 162 128 HOH HOH A . 
C 2 HOH 65 163 130 HOH HOH A . 
C 2 HOH 66 164 131 HOH HOH A . 
C 2 HOH 67 165 136 HOH HOH A . 
C 2 HOH 68 166 137 HOH HOH A . 
C 2 HOH 69 167 138 HOH HOH A . 
C 2 HOH 70 168 139 HOH HOH A . 
C 2 HOH 71 169 140 HOH HOH A . 
C 2 HOH 72 170 141 HOH HOH A . 
C 2 HOH 73 171 145 HOH HOH A . 
C 2 HOH 74 172 148 HOH HOH A . 
C 2 HOH 75 173 149 HOH HOH A . 
C 2 HOH 76 174 150 HOH HOH A . 
C 2 HOH 77 175 152 HOH HOH A . 
C 2 HOH 78 176 153 HOH HOH A . 
C 2 HOH 79 177 156 HOH HOH A . 
C 2 HOH 80 178 158 HOH HOH A . 
C 2 HOH 81 179 161 HOH HOH A . 
C 2 HOH 82 180 163 HOH HOH A . 
C 2 HOH 83 181 164 HOH HOH A . 
C 2 HOH 84 182 167 HOH HOH A . 
C 2 HOH 85 183 170 HOH HOH A . 
C 2 HOH 86 184 171 HOH HOH A . 
D 2 HOH 1  99  1   HOH HOH B . 
D 2 HOH 2  100 3   HOH HOH B . 
D 2 HOH 3  101 4   HOH HOH B . 
D 2 HOH 4  102 5   HOH HOH B . 
D 2 HOH 5  103 6   HOH HOH B . 
D 2 HOH 6  104 8   HOH HOH B . 
D 2 HOH 7  105 9   HOH HOH B . 
D 2 HOH 8  106 14  HOH HOH B . 
D 2 HOH 9  107 16  HOH HOH B . 
D 2 HOH 10 108 18  HOH HOH B . 
D 2 HOH 11 109 20  HOH HOH B . 
D 2 HOH 12 110 24  HOH HOH B . 
D 2 HOH 13 111 26  HOH HOH B . 
D 2 HOH 14 112 28  HOH HOH B . 
D 2 HOH 15 113 30  HOH HOH B . 
D 2 HOH 16 114 32  HOH HOH B . 
D 2 HOH 17 115 33  HOH HOH B . 
D 2 HOH 18 116 35  HOH HOH B . 
D 2 HOH 19 117 39  HOH HOH B . 
D 2 HOH 20 118 45  HOH HOH B . 
D 2 HOH 21 119 46  HOH HOH B . 
D 2 HOH 22 120 47  HOH HOH B . 
D 2 HOH 23 121 48  HOH HOH B . 
D 2 HOH 24 122 49  HOH HOH B . 
D 2 HOH 25 123 51  HOH HOH B . 
D 2 HOH 26 124 52  HOH HOH B . 
D 2 HOH 27 125 54  HOH HOH B . 
D 2 HOH 28 126 56  HOH HOH B . 
D 2 HOH 29 127 57  HOH HOH B . 
D 2 HOH 30 128 58  HOH HOH B . 
D 2 HOH 31 129 60  HOH HOH B . 
D 2 HOH 32 130 61  HOH HOH B . 
D 2 HOH 33 131 62  HOH HOH B . 
D 2 HOH 34 132 63  HOH HOH B . 
D 2 HOH 35 133 66  HOH HOH B . 
D 2 HOH 36 134 67  HOH HOH B . 
D 2 HOH 37 135 71  HOH HOH B . 
D 2 HOH 38 136 73  HOH HOH B . 
D 2 HOH 39 137 74  HOH HOH B . 
D 2 HOH 40 138 78  HOH HOH B . 
D 2 HOH 41 139 80  HOH HOH B . 
D 2 HOH 42 140 81  HOH HOH B . 
D 2 HOH 43 141 82  HOH HOH B . 
D 2 HOH 44 142 83  HOH HOH B . 
D 2 HOH 45 143 86  HOH HOH B . 
D 2 HOH 46 144 87  HOH HOH B . 
D 2 HOH 47 145 88  HOH HOH B . 
D 2 HOH 48 146 90  HOH HOH B . 
D 2 HOH 49 147 92  HOH HOH B . 
D 2 HOH 50 148 95  HOH HOH B . 
D 2 HOH 51 149 99  HOH HOH B . 
D 2 HOH 52 150 100 HOH HOH B . 
D 2 HOH 53 151 101 HOH HOH B . 
D 2 HOH 54 152 104 HOH HOH B . 
D 2 HOH 55 153 105 HOH HOH B . 
D 2 HOH 56 154 108 HOH HOH B . 
D 2 HOH 57 155 110 HOH HOH B . 
D 2 HOH 58 156 114 HOH HOH B . 
D 2 HOH 59 157 117 HOH HOH B . 
D 2 HOH 60 158 118 HOH HOH B . 
D 2 HOH 61 159 121 HOH HOH B . 
D 2 HOH 62 160 123 HOH HOH B . 
D 2 HOH 63 161 125 HOH HOH B . 
D 2 HOH 64 162 126 HOH HOH B . 
D 2 HOH 65 163 129 HOH HOH B . 
D 2 HOH 66 164 132 HOH HOH B . 
D 2 HOH 67 165 133 HOH HOH B . 
D 2 HOH 68 166 134 HOH HOH B . 
D 2 HOH 69 167 135 HOH HOH B . 
D 2 HOH 70 168 142 HOH HOH B . 
D 2 HOH 71 169 143 HOH HOH B . 
D 2 HOH 72 170 144 HOH HOH B . 
D 2 HOH 73 171 146 HOH HOH B . 
D 2 HOH 74 172 147 HOH HOH B . 
D 2 HOH 75 173 151 HOH HOH B . 
D 2 HOH 76 174 154 HOH HOH B . 
D 2 HOH 77 175 155 HOH HOH B . 
D 2 HOH 78 176 157 HOH HOH B . 
D 2 HOH 79 177 159 HOH HOH B . 
D 2 HOH 80 178 160 HOH HOH B . 
D 2 HOH 81 179 162 HOH HOH B . 
D 2 HOH 82 180 165 HOH HOH B . 
D 2 HOH 83 181 166 HOH HOH B . 
D 2 HOH 84 182 168 HOH HOH B . 
D 2 HOH 85 183 169 HOH HOH B . 
D 2 HOH 86 184 172 HOH HOH B . 
# 
_pdbx_struct_assembly.id                   1 
_pdbx_struct_assembly.details              author_and_software_defined_assembly 
_pdbx_struct_assembly.method_details       PISA,PQS 
_pdbx_struct_assembly.oligomeric_details   tetrameric 
_pdbx_struct_assembly.oligomeric_count     4 
# 
_pdbx_struct_assembly_gen.assembly_id       1 
_pdbx_struct_assembly_gen.oper_expression   1,2 
_pdbx_struct_assembly_gen.asym_id_list      A,B,C,D 
# 
loop_
_pdbx_struct_assembly_prop.biol_id 
_pdbx_struct_assembly_prop.type 
_pdbx_struct_assembly_prop.value 
_pdbx_struct_assembly_prop.details 
1 'ABSA (A^2)' 11350 ? 
1 MORE         -84   ? 
1 'SSA (A^2)'  19870 ? 
# 
loop_
_pdbx_struct_oper_list.id 
_pdbx_struct_oper_list.type 
_pdbx_struct_oper_list.name 
_pdbx_struct_oper_list.symmetry_operation 
_pdbx_struct_oper_list.matrix[1][1] 
_pdbx_struct_oper_list.matrix[1][2] 
_pdbx_struct_oper_list.matrix[1][3] 
_pdbx_struct_oper_list.vector[1] 
_pdbx_struct_oper_list.matrix[2][1] 
_pdbx_struct_oper_list.matrix[2][2] 
_pdbx_struct_oper_list.matrix[2][3] 
_pdbx_struct_oper_list.vector[2] 
_pdbx_struct_oper_list.matrix[3][1] 
_pdbx_struct_oper_list.matrix[3][2] 
_pdbx_struct_oper_list.matrix[3][3] 
_pdbx_struct_oper_list.vector[3] 
1 'identity operation'         1_555 x,y,z     1.0000000000  0.0000000000  0.0000000000 0.0000000000  0.0000000000  1.0000000000  0.0000000000  0.0000000000  0.0000000000 0.0000000000  1.0000000000 0.0000000000   
2 'crystal symmetry operation' 2_556 -x,y,-z+1 -0.7827067317 -0.2871757837 0.5521777262 26.8727100876 -0.2871757837 -0.6204671621 -0.7297606251 -5.9342330818 0.5521777262 -0.7297606251 0.4031738938 -13.6612302167 
# 
loop_
_pdbx_audit_revision_history.ordinal 
_pdbx_audit_revision_history.data_content_type 
_pdbx_audit_revision_history.major_revision 
_pdbx_audit_revision_history.minor_revision 
_pdbx_audit_revision_history.revision_date 
1 'Structure model' 1 0 2007-04-03 
2 'Structure model' 1 1 2008-05-01 
3 'Structure model' 1 2 2011-07-13 
4 'Structure model' 1 3 2021-10-20 
5 'Structure model' 1 4 2023-08-30 
# 
_pdbx_audit_revision_details.ordinal             1 
_pdbx_audit_revision_details.revision_ordinal    1 
_pdbx_audit_revision_details.data_content_type   'Structure model' 
_pdbx_audit_revision_details.provider            repository 
_pdbx_audit_revision_details.type                'Initial release' 
_pdbx_audit_revision_details.description         ? 
_pdbx_audit_revision_details.details             ? 
# 
loop_
_pdbx_audit_revision_group.ordinal 
_pdbx_audit_revision_group.revision_ordinal 
_pdbx_audit_revision_group.data_content_type 
_pdbx_audit_revision_group.group 
1 2 'Structure model' 'Version format compliance' 
2 3 'Structure model' 'Derived calculations'      
3 3 'Structure model' 'Version format compliance' 
4 4 'Structure model' 'Database references'       
5 5 'Structure model' 'Data collection'           
6 5 'Structure model' 'Refinement description'    
# 
loop_
_pdbx_audit_revision_category.ordinal 
_pdbx_audit_revision_category.revision_ordinal 
_pdbx_audit_revision_category.data_content_type 
_pdbx_audit_revision_category.category 
1 4 'Structure model' database_2                    
2 4 'Structure model' struct_ref_seq_dif            
3 5 'Structure model' chem_comp_atom                
4 5 'Structure model' chem_comp_bond                
5 5 'Structure model' pdbx_initial_refinement_model 
# 
loop_
_pdbx_audit_revision_item.ordinal 
_pdbx_audit_revision_item.revision_ordinal 
_pdbx_audit_revision_item.data_content_type 
_pdbx_audit_revision_item.item 
1 4 'Structure model' '_database_2.pdbx_DOI'                
2 4 'Structure model' '_database_2.pdbx_database_accession' 
3 4 'Structure model' '_struct_ref_seq_dif.details'         
# 
loop_
_software.name 
_software.classification 
_software.version 
_software.citation_id 
_software.pdbx_ordinal 
HKL-2000  'data collection' . ? 1 
AMoRE     phasing           . ? 2 
SHELXL-97 refinement        . ? 3 
DENZO     'data reduction'  . ? 4 
SCALEPACK 'data scaling'    . ? 5 
# 
loop_
_pdbx_validate_close_contact.id 
_pdbx_validate_close_contact.PDB_model_num 
_pdbx_validate_close_contact.auth_atom_id_1 
_pdbx_validate_close_contact.auth_asym_id_1 
_pdbx_validate_close_contact.auth_comp_id_1 
_pdbx_validate_close_contact.auth_seq_id_1 
_pdbx_validate_close_contact.PDB_ins_code_1 
_pdbx_validate_close_contact.label_alt_id_1 
_pdbx_validate_close_contact.auth_atom_id_2 
_pdbx_validate_close_contact.auth_asym_id_2 
_pdbx_validate_close_contact.auth_comp_id_2 
_pdbx_validate_close_contact.auth_seq_id_2 
_pdbx_validate_close_contact.PDB_ins_code_2 
_pdbx_validate_close_contact.label_alt_id_2 
_pdbx_validate_close_contact.dist 
1 1 OE2 B GLU 29 ? ? O B HOH 175 ? ? 1.69 
2 1 OE1 B GLU 29 ? ? O B HOH 163 ? ? 1.96 
3 1 OE1 B GLU 29 ? ? O B HOH 171 ? ? 2.19 
# 
loop_
_pdbx_validate_rmsd_bond.id 
_pdbx_validate_rmsd_bond.PDB_model_num 
_pdbx_validate_rmsd_bond.auth_atom_id_1 
_pdbx_validate_rmsd_bond.auth_asym_id_1 
_pdbx_validate_rmsd_bond.auth_comp_id_1 
_pdbx_validate_rmsd_bond.auth_seq_id_1 
_pdbx_validate_rmsd_bond.PDB_ins_code_1 
_pdbx_validate_rmsd_bond.label_alt_id_1 
_pdbx_validate_rmsd_bond.auth_atom_id_2 
_pdbx_validate_rmsd_bond.auth_asym_id_2 
_pdbx_validate_rmsd_bond.auth_comp_id_2 
_pdbx_validate_rmsd_bond.auth_seq_id_2 
_pdbx_validate_rmsd_bond.PDB_ins_code_2 
_pdbx_validate_rmsd_bond.label_alt_id_2 
_pdbx_validate_rmsd_bond.bond_value 
_pdbx_validate_rmsd_bond.bond_target_value 
_pdbx_validate_rmsd_bond.bond_deviation 
_pdbx_validate_rmsd_bond.bond_standard_deviation 
_pdbx_validate_rmsd_bond.linker_flag 
1 1 CB B GLU 15 ? ? CG B GLU 15 ? ? 1.147 1.517 -0.370 0.019 N 
2 1 C  B GLU 15 ? ? O  B GLU 15 ? ? 1.095 1.229 -0.134 0.019 N 
# 
loop_
_pdbx_validate_rmsd_angle.id 
_pdbx_validate_rmsd_angle.PDB_model_num 
_pdbx_validate_rmsd_angle.auth_atom_id_1 
_pdbx_validate_rmsd_angle.auth_asym_id_1 
_pdbx_validate_rmsd_angle.auth_comp_id_1 
_pdbx_validate_rmsd_angle.auth_seq_id_1 
_pdbx_validate_rmsd_angle.PDB_ins_code_1 
_pdbx_validate_rmsd_angle.label_alt_id_1 
_pdbx_validate_rmsd_angle.auth_atom_id_2 
_pdbx_validate_rmsd_angle.auth_asym_id_2 
_pdbx_validate_rmsd_angle.auth_comp_id_2 
_pdbx_validate_rmsd_angle.auth_seq_id_2 
_pdbx_validate_rmsd_angle.PDB_ins_code_2 
_pdbx_validate_rmsd_angle.label_alt_id_2 
_pdbx_validate_rmsd_angle.auth_atom_id_3 
_pdbx_validate_rmsd_angle.auth_asym_id_3 
_pdbx_validate_rmsd_angle.auth_comp_id_3 
_pdbx_validate_rmsd_angle.auth_seq_id_3 
_pdbx_validate_rmsd_angle.PDB_ins_code_3 
_pdbx_validate_rmsd_angle.label_alt_id_3 
_pdbx_validate_rmsd_angle.angle_value 
_pdbx_validate_rmsd_angle.angle_target_value 
_pdbx_validate_rmsd_angle.angle_deviation 
_pdbx_validate_rmsd_angle.angle_standard_deviation 
_pdbx_validate_rmsd_angle.linker_flag 
1 1 N  A SER 3  ? ? CA A SER 3  ? ? CB  A SER 3  ? ? 99.19  110.50 -11.31 1.50 N 
2 1 NE A ARG 68 ? ? CZ A ARG 68 ? ? NH2 A ARG 68 ? ? 117.30 120.30 -3.00  0.50 N 
3 1 CA B GLU 15 ? ? CB B GLU 15 ? ? CG  B GLU 15 ? ? 130.98 113.40 17.58  2.20 N 
4 1 CB B GLU 15 ? ? CG B GLU 15 ? ? CD  B GLU 15 ? ? 143.42 114.20 29.22  2.70 N 
5 1 N  B GLN 46 ? ? CA B GLN 46 ? ? CB  B GLN 46 ? B 122.27 110.60 11.67  1.80 N 
# 
loop_
_pdbx_validate_torsion.id 
_pdbx_validate_torsion.PDB_model_num 
_pdbx_validate_torsion.auth_comp_id 
_pdbx_validate_torsion.auth_asym_id 
_pdbx_validate_torsion.auth_seq_id 
_pdbx_validate_torsion.PDB_ins_code 
_pdbx_validate_torsion.label_alt_id 
_pdbx_validate_torsion.phi 
_pdbx_validate_torsion.psi 
1 1 SER A 3  ? ? 0.87    173.52  
2 1 SER A 7  ? ? -59.96  172.58  
3 1 PHE A 38 ? ? -161.98 68.60   
4 1 ASP A 61 ? ? 48.15   -125.92 
5 1 SER B 7  ? ? -61.24  -170.99 
6 1 PHE B 38 ? ? -152.53 73.04   
7 1 ASP B 61 ? ? 48.53   -120.65 
# 
_pdbx_validate_main_chain_plane.id                       1 
_pdbx_validate_main_chain_plane.PDB_model_num            1 
_pdbx_validate_main_chain_plane.auth_comp_id             GLU 
_pdbx_validate_main_chain_plane.auth_asym_id             B 
_pdbx_validate_main_chain_plane.auth_seq_id              15 
_pdbx_validate_main_chain_plane.PDB_ins_code             ? 
_pdbx_validate_main_chain_plane.label_alt_id             ? 
_pdbx_validate_main_chain_plane.improper_torsion_angle   16.02 
# 
loop_
_pdbx_unobs_or_zero_occ_atoms.id 
_pdbx_unobs_or_zero_occ_atoms.PDB_model_num 
_pdbx_unobs_or_zero_occ_atoms.polymer_flag 
_pdbx_unobs_or_zero_occ_atoms.occupancy_flag 
_pdbx_unobs_or_zero_occ_atoms.auth_asym_id 
_pdbx_unobs_or_zero_occ_atoms.auth_comp_id 
_pdbx_unobs_or_zero_occ_atoms.auth_seq_id 
_pdbx_unobs_or_zero_occ_atoms.PDB_ins_code 
_pdbx_unobs_or_zero_occ_atoms.auth_atom_id 
_pdbx_unobs_or_zero_occ_atoms.label_alt_id 
_pdbx_unobs_or_zero_occ_atoms.label_asym_id 
_pdbx_unobs_or_zero_occ_atoms.label_comp_id 
_pdbx_unobs_or_zero_occ_atoms.label_seq_id 
_pdbx_unobs_or_zero_occ_atoms.label_atom_id 
1  1 Y 0 A SER 3  ? CB  ? A SER 3  CB  
2  1 Y 0 A SER 3  ? OG  ? A SER 3  OG  
3  1 Y 0 B GLU 29 ? CD  ? B GLU 29 CD  
4  1 Y 0 B GLU 29 ? OE1 ? B GLU 29 OE1 
5  1 Y 0 B GLU 29 ? OE2 ? B GLU 29 OE2 
6  1 Y 0 B LYS 30 ? CB  ? B LYS 30 CB  
7  1 Y 0 B LYS 30 ? CG  ? B LYS 30 CG  
8  1 Y 0 B LYS 30 ? CD  ? B LYS 30 CD  
9  1 Y 0 B LYS 30 ? CE  ? B LYS 30 CE  
10 1 Y 0 B LYS 30 ? NZ  ? B LYS 30 NZ  
# 
loop_
_pdbx_unobs_or_zero_occ_residues.id 
_pdbx_unobs_or_zero_occ_residues.PDB_model_num 
_pdbx_unobs_or_zero_occ_residues.polymer_flag 
_pdbx_unobs_or_zero_occ_residues.occupancy_flag 
_pdbx_unobs_or_zero_occ_residues.auth_asym_id 
_pdbx_unobs_or_zero_occ_residues.auth_comp_id 
_pdbx_unobs_or_zero_occ_residues.auth_seq_id 
_pdbx_unobs_or_zero_occ_residues.PDB_ins_code 
_pdbx_unobs_or_zero_occ_residues.label_asym_id 
_pdbx_unobs_or_zero_occ_residues.label_comp_id 
_pdbx_unobs_or_zero_occ_residues.label_seq_id 
1 1 Y 1 A MET 1 ? A MET 1 
2 1 Y 1 B MET 1 ? B MET 1 
3 1 Y 1 B MET 2 ? B MET 2 
4 1 Y 1 B SER 3 ? B SER 3 
5 1 Y 0 B GLY 4 ? B GLY 4 
6 1 Y 0 B ALA 5 ? B ALA 5 
7 1 Y 0 B PRO 6 ? B PRO 6 
8 1 Y 0 B SER 7 ? B SER 7 
# 
loop_
_chem_comp_atom.comp_id 
_chem_comp_atom.atom_id 
_chem_comp_atom.type_symbol 
_chem_comp_atom.pdbx_aromatic_flag 
_chem_comp_atom.pdbx_stereo_config 
_chem_comp_atom.pdbx_ordinal 
ALA N    N N N 1   
ALA CA   C N S 2   
ALA C    C N N 3   
ALA O    O N N 4   
ALA CB   C N N 5   
ALA OXT  O N N 6   
ALA H    H N N 7   
ALA H2   H N N 8   
ALA HA   H N N 9   
ALA HB1  H N N 10  
ALA HB2  H N N 11  
ALA HB3  H N N 12  
ALA HXT  H N N 13  
ARG N    N N N 14  
ARG CA   C N S 15  
ARG C    C N N 16  
ARG O    O N N 17  
ARG CB   C N N 18  
ARG CG   C N N 19  
ARG CD   C N N 20  
ARG NE   N N N 21  
ARG CZ   C N N 22  
ARG NH1  N N N 23  
ARG NH2  N N N 24  
ARG OXT  O N N 25  
ARG H    H N N 26  
ARG H2   H N N 27  
ARG HA   H N N 28  
ARG HB2  H N N 29  
ARG HB3  H N N 30  
ARG HG2  H N N 31  
ARG HG3  H N N 32  
ARG HD2  H N N 33  
ARG HD3  H N N 34  
ARG HE   H N N 35  
ARG HH11 H N N 36  
ARG HH12 H N N 37  
ARG HH21 H N N 38  
ARG HH22 H N N 39  
ARG HXT  H N N 40  
ASN N    N N N 41  
ASN CA   C N S 42  
ASN C    C N N 43  
ASN O    O N N 44  
ASN CB   C N N 45  
ASN CG   C N N 46  
ASN OD1  O N N 47  
ASN ND2  N N N 48  
ASN OXT  O N N 49  
ASN H    H N N 50  
ASN H2   H N N 51  
ASN HA   H N N 52  
ASN HB2  H N N 53  
ASN HB3  H N N 54  
ASN HD21 H N N 55  
ASN HD22 H N N 56  
ASN HXT  H N N 57  
ASP N    N N N 58  
ASP CA   C N S 59  
ASP C    C N N 60  
ASP O    O N N 61  
ASP CB   C N N 62  
ASP CG   C N N 63  
ASP OD1  O N N 64  
ASP OD2  O N N 65  
ASP OXT  O N N 66  
ASP H    H N N 67  
ASP H2   H N N 68  
ASP HA   H N N 69  
ASP HB2  H N N 70  
ASP HB3  H N N 71  
ASP HD2  H N N 72  
ASP HXT  H N N 73  
CYS N    N N N 74  
CYS CA   C N R 75  
CYS C    C N N 76  
CYS O    O N N 77  
CYS CB   C N N 78  
CYS SG   S N N 79  
CYS OXT  O N N 80  
CYS H    H N N 81  
CYS H2   H N N 82  
CYS HA   H N N 83  
CYS HB2  H N N 84  
CYS HB3  H N N 85  
CYS HG   H N N 86  
CYS HXT  H N N 87  
GLN N    N N N 88  
GLN CA   C N S 89  
GLN C    C N N 90  
GLN O    O N N 91  
GLN CB   C N N 92  
GLN CG   C N N 93  
GLN CD   C N N 94  
GLN OE1  O N N 95  
GLN NE2  N N N 96  
GLN OXT  O N N 97  
GLN H    H N N 98  
GLN H2   H N N 99  
GLN HA   H N N 100 
GLN HB2  H N N 101 
GLN HB3  H N N 102 
GLN HG2  H N N 103 
GLN HG3  H N N 104 
GLN HE21 H N N 105 
GLN HE22 H N N 106 
GLN HXT  H N N 107 
GLU N    N N N 108 
GLU CA   C N S 109 
GLU C    C N N 110 
GLU O    O N N 111 
GLU CB   C N N 112 
GLU CG   C N N 113 
GLU CD   C N N 114 
GLU OE1  O N N 115 
GLU OE2  O N N 116 
GLU OXT  O N N 117 
GLU H    H N N 118 
GLU H2   H N N 119 
GLU HA   H N N 120 
GLU HB2  H N N 121 
GLU HB3  H N N 122 
GLU HG2  H N N 123 
GLU HG3  H N N 124 
GLU HE2  H N N 125 
GLU HXT  H N N 126 
GLY N    N N N 127 
GLY CA   C N N 128 
GLY C    C N N 129 
GLY O    O N N 130 
GLY OXT  O N N 131 
GLY H    H N N 132 
GLY H2   H N N 133 
GLY HA2  H N N 134 
GLY HA3  H N N 135 
GLY HXT  H N N 136 
HIS N    N N N 137 
HIS CA   C N S 138 
HIS C    C N N 139 
HIS O    O N N 140 
HIS CB   C N N 141 
HIS CG   C Y N 142 
HIS ND1  N Y N 143 
HIS CD2  C Y N 144 
HIS CE1  C Y N 145 
HIS NE2  N Y N 146 
HIS OXT  O N N 147 
HIS H    H N N 148 
HIS H2   H N N 149 
HIS HA   H N N 150 
HIS HB2  H N N 151 
HIS HB3  H N N 152 
HIS HD1  H N N 153 
HIS HD2  H N N 154 
HIS HE1  H N N 155 
HIS HE2  H N N 156 
HIS HXT  H N N 157 
HOH O    O N N 158 
HOH H1   H N N 159 
HOH H2   H N N 160 
ILE N    N N N 161 
ILE CA   C N S 162 
ILE C    C N N 163 
ILE O    O N N 164 
ILE CB   C N S 165 
ILE CG1  C N N 166 
ILE CG2  C N N 167 
ILE CD1  C N N 168 
ILE OXT  O N N 169 
ILE H    H N N 170 
ILE H2   H N N 171 
ILE HA   H N N 172 
ILE HB   H N N 173 
ILE HG12 H N N 174 
ILE HG13 H N N 175 
ILE HG21 H N N 176 
ILE HG22 H N N 177 
ILE HG23 H N N 178 
ILE HD11 H N N 179 
ILE HD12 H N N 180 
ILE HD13 H N N 181 
ILE HXT  H N N 182 
LEU N    N N N 183 
LEU CA   C N S 184 
LEU C    C N N 185 
LEU O    O N N 186 
LEU CB   C N N 187 
LEU CG   C N N 188 
LEU CD1  C N N 189 
LEU CD2  C N N 190 
LEU OXT  O N N 191 
LEU H    H N N 192 
LEU H2   H N N 193 
LEU HA   H N N 194 
LEU HB2  H N N 195 
LEU HB3  H N N 196 
LEU HG   H N N 197 
LEU HD11 H N N 198 
LEU HD12 H N N 199 
LEU HD13 H N N 200 
LEU HD21 H N N 201 
LEU HD22 H N N 202 
LEU HD23 H N N 203 
LEU HXT  H N N 204 
LYS N    N N N 205 
LYS CA   C N S 206 
LYS C    C N N 207 
LYS O    O N N 208 
LYS CB   C N N 209 
LYS CG   C N N 210 
LYS CD   C N N 211 
LYS CE   C N N 212 
LYS NZ   N N N 213 
LYS OXT  O N N 214 
LYS H    H N N 215 
LYS H2   H N N 216 
LYS HA   H N N 217 
LYS HB2  H N N 218 
LYS HB3  H N N 219 
LYS HG2  H N N 220 
LYS HG3  H N N 221 
LYS HD2  H N N 222 
LYS HD3  H N N 223 
LYS HE2  H N N 224 
LYS HE3  H N N 225 
LYS HZ1  H N N 226 
LYS HZ2  H N N 227 
LYS HZ3  H N N 228 
LYS HXT  H N N 229 
MET N    N N N 230 
MET CA   C N S 231 
MET C    C N N 232 
MET O    O N N 233 
MET CB   C N N 234 
MET CG   C N N 235 
MET SD   S N N 236 
MET CE   C N N 237 
MET OXT  O N N 238 
MET H    H N N 239 
MET H2   H N N 240 
MET HA   H N N 241 
MET HB2  H N N 242 
MET HB3  H N N 243 
MET HG2  H N N 244 
MET HG3  H N N 245 
MET HE1  H N N 246 
MET HE2  H N N 247 
MET HE3  H N N 248 
MET HXT  H N N 249 
PHE N    N N N 250 
PHE CA   C N S 251 
PHE C    C N N 252 
PHE O    O N N 253 
PHE CB   C N N 254 
PHE CG   C Y N 255 
PHE CD1  C Y N 256 
PHE CD2  C Y N 257 
PHE CE1  C Y N 258 
PHE CE2  C Y N 259 
PHE CZ   C Y N 260 
PHE OXT  O N N 261 
PHE H    H N N 262 
PHE H2   H N N 263 
PHE HA   H N N 264 
PHE HB2  H N N 265 
PHE HB3  H N N 266 
PHE HD1  H N N 267 
PHE HD2  H N N 268 
PHE HE1  H N N 269 
PHE HE2  H N N 270 
PHE HZ   H N N 271 
PHE HXT  H N N 272 
PRO N    N N N 273 
PRO CA   C N S 274 
PRO C    C N N 275 
PRO O    O N N 276 
PRO CB   C N N 277 
PRO CG   C N N 278 
PRO CD   C N N 279 
PRO OXT  O N N 280 
PRO H    H N N 281 
PRO HA   H N N 282 
PRO HB2  H N N 283 
PRO HB3  H N N 284 
PRO HG2  H N N 285 
PRO HG3  H N N 286 
PRO HD2  H N N 287 
PRO HD3  H N N 288 
PRO HXT  H N N 289 
SER N    N N N 290 
SER CA   C N S 291 
SER C    C N N 292 
SER O    O N N 293 
SER CB   C N N 294 
SER OG   O N N 295 
SER OXT  O N N 296 
SER H    H N N 297 
SER H2   H N N 298 
SER HA   H N N 299 
SER HB2  H N N 300 
SER HB3  H N N 301 
SER HG   H N N 302 
SER HXT  H N N 303 
THR N    N N N 304 
THR CA   C N S 305 
THR C    C N N 306 
THR O    O N N 307 
THR CB   C N R 308 
THR OG1  O N N 309 
THR CG2  C N N 310 
THR OXT  O N N 311 
THR H    H N N 312 
THR H2   H N N 313 
THR HA   H N N 314 
THR HB   H N N 315 
THR HG1  H N N 316 
THR HG21 H N N 317 
THR HG22 H N N 318 
THR HG23 H N N 319 
THR HXT  H N N 320 
TYR N    N N N 321 
TYR CA   C N S 322 
TYR C    C N N 323 
TYR O    O N N 324 
TYR CB   C N N 325 
TYR CG   C Y N 326 
TYR CD1  C Y N 327 
TYR CD2  C Y N 328 
TYR CE1  C Y N 329 
TYR CE2  C Y N 330 
TYR CZ   C Y N 331 
TYR OH   O N N 332 
TYR OXT  O N N 333 
TYR H    H N N 334 
TYR H2   H N N 335 
TYR HA   H N N 336 
TYR HB2  H N N 337 
TYR HB3  H N N 338 
TYR HD1  H N N 339 
TYR HD2  H N N 340 
TYR HE1  H N N 341 
TYR HE2  H N N 342 
TYR HH   H N N 343 
TYR HXT  H N N 344 
VAL N    N N N 345 
VAL CA   C N S 346 
VAL C    C N N 347 
VAL O    O N N 348 
VAL CB   C N N 349 
VAL CG1  C N N 350 
VAL CG2  C N N 351 
VAL OXT  O N N 352 
VAL H    H N N 353 
VAL H2   H N N 354 
VAL HA   H N N 355 
VAL HB   H N N 356 
VAL HG11 H N N 357 
VAL HG12 H N N 358 
VAL HG13 H N N 359 
VAL HG21 H N N 360 
VAL HG22 H N N 361 
VAL HG23 H N N 362 
VAL HXT  H N N 363 
# 
loop_
_chem_comp_bond.comp_id 
_chem_comp_bond.atom_id_1 
_chem_comp_bond.atom_id_2 
_chem_comp_bond.value_order 
_chem_comp_bond.pdbx_aromatic_flag 
_chem_comp_bond.pdbx_stereo_config 
_chem_comp_bond.pdbx_ordinal 
ALA N   CA   sing N N 1   
ALA N   H    sing N N 2   
ALA N   H2   sing N N 3   
ALA CA  C    sing N N 4   
ALA CA  CB   sing N N 5   
ALA CA  HA   sing N N 6   
ALA C   O    doub N N 7   
ALA C   OXT  sing N N 8   
ALA CB  HB1  sing N N 9   
ALA CB  HB2  sing N N 10  
ALA CB  HB3  sing N N 11  
ALA OXT HXT  sing N N 12  
ARG N   CA   sing N N 13  
ARG N   H    sing N N 14  
ARG N   H2   sing N N 15  
ARG CA  C    sing N N 16  
ARG CA  CB   sing N N 17  
ARG CA  HA   sing N N 18  
ARG C   O    doub N N 19  
ARG C   OXT  sing N N 20  
ARG CB  CG   sing N N 21  
ARG CB  HB2  sing N N 22  
ARG CB  HB3  sing N N 23  
ARG CG  CD   sing N N 24  
ARG CG  HG2  sing N N 25  
ARG CG  HG3  sing N N 26  
ARG CD  NE   sing N N 27  
ARG CD  HD2  sing N N 28  
ARG CD  HD3  sing N N 29  
ARG NE  CZ   sing N N 30  
ARG NE  HE   sing N N 31  
ARG CZ  NH1  sing N N 32  
ARG CZ  NH2  doub N N 33  
ARG NH1 HH11 sing N N 34  
ARG NH1 HH12 sing N N 35  
ARG NH2 HH21 sing N N 36  
ARG NH2 HH22 sing N N 37  
ARG OXT HXT  sing N N 38  
ASN N   CA   sing N N 39  
ASN N   H    sing N N 40  
ASN N   H2   sing N N 41  
ASN CA  C    sing N N 42  
ASN CA  CB   sing N N 43  
ASN CA  HA   sing N N 44  
ASN C   O    doub N N 45  
ASN C   OXT  sing N N 46  
ASN CB  CG   sing N N 47  
ASN CB  HB2  sing N N 48  
ASN CB  HB3  sing N N 49  
ASN CG  OD1  doub N N 50  
ASN CG  ND2  sing N N 51  
ASN ND2 HD21 sing N N 52  
ASN ND2 HD22 sing N N 53  
ASN OXT HXT  sing N N 54  
ASP N   CA   sing N N 55  
ASP N   H    sing N N 56  
ASP N   H2   sing N N 57  
ASP CA  C    sing N N 58  
ASP CA  CB   sing N N 59  
ASP CA  HA   sing N N 60  
ASP C   O    doub N N 61  
ASP C   OXT  sing N N 62  
ASP CB  CG   sing N N 63  
ASP CB  HB2  sing N N 64  
ASP CB  HB3  sing N N 65  
ASP CG  OD1  doub N N 66  
ASP CG  OD2  sing N N 67  
ASP OD2 HD2  sing N N 68  
ASP OXT HXT  sing N N 69  
CYS N   CA   sing N N 70  
CYS N   H    sing N N 71  
CYS N   H2   sing N N 72  
CYS CA  C    sing N N 73  
CYS CA  CB   sing N N 74  
CYS CA  HA   sing N N 75  
CYS C   O    doub N N 76  
CYS C   OXT  sing N N 77  
CYS CB  SG   sing N N 78  
CYS CB  HB2  sing N N 79  
CYS CB  HB3  sing N N 80  
CYS SG  HG   sing N N 81  
CYS OXT HXT  sing N N 82  
GLN N   CA   sing N N 83  
GLN N   H    sing N N 84  
GLN N   H2   sing N N 85  
GLN CA  C    sing N N 86  
GLN CA  CB   sing N N 87  
GLN CA  HA   sing N N 88  
GLN C   O    doub N N 89  
GLN C   OXT  sing N N 90  
GLN CB  CG   sing N N 91  
GLN CB  HB2  sing N N 92  
GLN CB  HB3  sing N N 93  
GLN CG  CD   sing N N 94  
GLN CG  HG2  sing N N 95  
GLN CG  HG3  sing N N 96  
GLN CD  OE1  doub N N 97  
GLN CD  NE2  sing N N 98  
GLN NE2 HE21 sing N N 99  
GLN NE2 HE22 sing N N 100 
GLN OXT HXT  sing N N 101 
GLU N   CA   sing N N 102 
GLU N   H    sing N N 103 
GLU N   H2   sing N N 104 
GLU CA  C    sing N N 105 
GLU CA  CB   sing N N 106 
GLU CA  HA   sing N N 107 
GLU C   O    doub N N 108 
GLU C   OXT  sing N N 109 
GLU CB  CG   sing N N 110 
GLU CB  HB2  sing N N 111 
GLU CB  HB3  sing N N 112 
GLU CG  CD   sing N N 113 
GLU CG  HG2  sing N N 114 
GLU CG  HG3  sing N N 115 
GLU CD  OE1  doub N N 116 
GLU CD  OE2  sing N N 117 
GLU OE2 HE2  sing N N 118 
GLU OXT HXT  sing N N 119 
GLY N   CA   sing N N 120 
GLY N   H    sing N N 121 
GLY N   H2   sing N N 122 
GLY CA  C    sing N N 123 
GLY CA  HA2  sing N N 124 
GLY CA  HA3  sing N N 125 
GLY C   O    doub N N 126 
GLY C   OXT  sing N N 127 
GLY OXT HXT  sing N N 128 
HIS N   CA   sing N N 129 
HIS N   H    sing N N 130 
HIS N   H2   sing N N 131 
HIS CA  C    sing N N 132 
HIS CA  CB   sing N N 133 
HIS CA  HA   sing N N 134 
HIS C   O    doub N N 135 
HIS C   OXT  sing N N 136 
HIS CB  CG   sing N N 137 
HIS CB  HB2  sing N N 138 
HIS CB  HB3  sing N N 139 
HIS CG  ND1  sing Y N 140 
HIS CG  CD2  doub Y N 141 
HIS ND1 CE1  doub Y N 142 
HIS ND1 HD1  sing N N 143 
HIS CD2 NE2  sing Y N 144 
HIS CD2 HD2  sing N N 145 
HIS CE1 NE2  sing Y N 146 
HIS CE1 HE1  sing N N 147 
HIS NE2 HE2  sing N N 148 
HIS OXT HXT  sing N N 149 
HOH O   H1   sing N N 150 
HOH O   H2   sing N N 151 
ILE N   CA   sing N N 152 
ILE N   H    sing N N 153 
ILE N   H2   sing N N 154 
ILE CA  C    sing N N 155 
ILE CA  CB   sing N N 156 
ILE CA  HA   sing N N 157 
ILE C   O    doub N N 158 
ILE C   OXT  sing N N 159 
ILE CB  CG1  sing N N 160 
ILE CB  CG2  sing N N 161 
ILE CB  HB   sing N N 162 
ILE CG1 CD1  sing N N 163 
ILE CG1 HG12 sing N N 164 
ILE CG1 HG13 sing N N 165 
ILE CG2 HG21 sing N N 166 
ILE CG2 HG22 sing N N 167 
ILE CG2 HG23 sing N N 168 
ILE CD1 HD11 sing N N 169 
ILE CD1 HD12 sing N N 170 
ILE CD1 HD13 sing N N 171 
ILE OXT HXT  sing N N 172 
LEU N   CA   sing N N 173 
LEU N   H    sing N N 174 
LEU N   H2   sing N N 175 
LEU CA  C    sing N N 176 
LEU CA  CB   sing N N 177 
LEU CA  HA   sing N N 178 
LEU C   O    doub N N 179 
LEU C   OXT  sing N N 180 
LEU CB  CG   sing N N 181 
LEU CB  HB2  sing N N 182 
LEU CB  HB3  sing N N 183 
LEU CG  CD1  sing N N 184 
LEU CG  CD2  sing N N 185 
LEU CG  HG   sing N N 186 
LEU CD1 HD11 sing N N 187 
LEU CD1 HD12 sing N N 188 
LEU CD1 HD13 sing N N 189 
LEU CD2 HD21 sing N N 190 
LEU CD2 HD22 sing N N 191 
LEU CD2 HD23 sing N N 192 
LEU OXT HXT  sing N N 193 
LYS N   CA   sing N N 194 
LYS N   H    sing N N 195 
LYS N   H2   sing N N 196 
LYS CA  C    sing N N 197 
LYS CA  CB   sing N N 198 
LYS CA  HA   sing N N 199 
LYS C   O    doub N N 200 
LYS C   OXT  sing N N 201 
LYS CB  CG   sing N N 202 
LYS CB  HB2  sing N N 203 
LYS CB  HB3  sing N N 204 
LYS CG  CD   sing N N 205 
LYS CG  HG2  sing N N 206 
LYS CG  HG3  sing N N 207 
LYS CD  CE   sing N N 208 
LYS CD  HD2  sing N N 209 
LYS CD  HD3  sing N N 210 
LYS CE  NZ   sing N N 211 
LYS CE  HE2  sing N N 212 
LYS CE  HE3  sing N N 213 
LYS NZ  HZ1  sing N N 214 
LYS NZ  HZ2  sing N N 215 
LYS NZ  HZ3  sing N N 216 
LYS OXT HXT  sing N N 217 
MET N   CA   sing N N 218 
MET N   H    sing N N 219 
MET N   H2   sing N N 220 
MET CA  C    sing N N 221 
MET CA  CB   sing N N 222 
MET CA  HA   sing N N 223 
MET C   O    doub N N 224 
MET C   OXT  sing N N 225 
MET CB  CG   sing N N 226 
MET CB  HB2  sing N N 227 
MET CB  HB3  sing N N 228 
MET CG  SD   sing N N 229 
MET CG  HG2  sing N N 230 
MET CG  HG3  sing N N 231 
MET SD  CE   sing N N 232 
MET CE  HE1  sing N N 233 
MET CE  HE2  sing N N 234 
MET CE  HE3  sing N N 235 
MET OXT HXT  sing N N 236 
PHE N   CA   sing N N 237 
PHE N   H    sing N N 238 
PHE N   H2   sing N N 239 
PHE CA  C    sing N N 240 
PHE CA  CB   sing N N 241 
PHE CA  HA   sing N N 242 
PHE C   O    doub N N 243 
PHE C   OXT  sing N N 244 
PHE CB  CG   sing N N 245 
PHE CB  HB2  sing N N 246 
PHE CB  HB3  sing N N 247 
PHE CG  CD1  doub Y N 248 
PHE CG  CD2  sing Y N 249 
PHE CD1 CE1  sing Y N 250 
PHE CD1 HD1  sing N N 251 
PHE CD2 CE2  doub Y N 252 
PHE CD2 HD2  sing N N 253 
PHE CE1 CZ   doub Y N 254 
PHE CE1 HE1  sing N N 255 
PHE CE2 CZ   sing Y N 256 
PHE CE2 HE2  sing N N 257 
PHE CZ  HZ   sing N N 258 
PHE OXT HXT  sing N N 259 
PRO N   CA   sing N N 260 
PRO N   CD   sing N N 261 
PRO N   H    sing N N 262 
PRO CA  C    sing N N 263 
PRO CA  CB   sing N N 264 
PRO CA  HA   sing N N 265 
PRO C   O    doub N N 266 
PRO C   OXT  sing N N 267 
PRO CB  CG   sing N N 268 
PRO CB  HB2  sing N N 269 
PRO CB  HB3  sing N N 270 
PRO CG  CD   sing N N 271 
PRO CG  HG2  sing N N 272 
PRO CG  HG3  sing N N 273 
PRO CD  HD2  sing N N 274 
PRO CD  HD3  sing N N 275 
PRO OXT HXT  sing N N 276 
SER N   CA   sing N N 277 
SER N   H    sing N N 278 
SER N   H2   sing N N 279 
SER CA  C    sing N N 280 
SER CA  CB   sing N N 281 
SER CA  HA   sing N N 282 
SER C   O    doub N N 283 
SER C   OXT  sing N N 284 
SER CB  OG   sing N N 285 
SER CB  HB2  sing N N 286 
SER CB  HB3  sing N N 287 
SER OG  HG   sing N N 288 
SER OXT HXT  sing N N 289 
THR N   CA   sing N N 290 
THR N   H    sing N N 291 
THR N   H2   sing N N 292 
THR CA  C    sing N N 293 
THR CA  CB   sing N N 294 
THR CA  HA   sing N N 295 
THR C   O    doub N N 296 
THR C   OXT  sing N N 297 
THR CB  OG1  sing N N 298 
THR CB  CG2  sing N N 299 
THR CB  HB   sing N N 300 
THR OG1 HG1  sing N N 301 
THR CG2 HG21 sing N N 302 
THR CG2 HG22 sing N N 303 
THR CG2 HG23 sing N N 304 
THR OXT HXT  sing N N 305 
TYR N   CA   sing N N 306 
TYR N   H    sing N N 307 
TYR N   H2   sing N N 308 
TYR CA  C    sing N N 309 
TYR CA  CB   sing N N 310 
TYR CA  HA   sing N N 311 
TYR C   O    doub N N 312 
TYR C   OXT  sing N N 313 
TYR CB  CG   sing N N 314 
TYR CB  HB2  sing N N 315 
TYR CB  HB3  sing N N 316 
TYR CG  CD1  doub Y N 317 
TYR CG  CD2  sing Y N 318 
TYR CD1 CE1  sing Y N 319 
TYR CD1 HD1  sing N N 320 
TYR CD2 CE2  doub Y N 321 
TYR CD2 HD2  sing N N 322 
TYR CE1 CZ   doub Y N 323 
TYR CE1 HE1  sing N N 324 
TYR CE2 CZ   sing Y N 325 
TYR CE2 HE2  sing N N 326 
TYR CZ  OH   sing N N 327 
TYR OH  HH   sing N N 328 
TYR OXT HXT  sing N N 329 
VAL N   CA   sing N N 330 
VAL N   H    sing N N 331 
VAL N   H2   sing N N 332 
VAL CA  C    sing N N 333 
VAL CA  CB   sing N N 334 
VAL CA  HA   sing N N 335 
VAL C   O    doub N N 336 
VAL C   OXT  sing N N 337 
VAL CB  CG1  sing N N 338 
VAL CB  CG2  sing N N 339 
VAL CB  HB   sing N N 340 
VAL CG1 HG11 sing N N 341 
VAL CG1 HG12 sing N N 342 
VAL CG1 HG13 sing N N 343 
VAL CG2 HG21 sing N N 344 
VAL CG2 HG22 sing N N 345 
VAL CG2 HG23 sing N N 346 
VAL OXT HXT  sing N N 347 
# 
_pdbx_entity_nonpoly.entity_id   2 
_pdbx_entity_nonpoly.name        water 
_pdbx_entity_nonpoly.comp_id     HOH 
# 
_pdbx_initial_refinement_model.id               1 
_pdbx_initial_refinement_model.entity_id_list   ? 
_pdbx_initial_refinement_model.type             'experimental model' 
_pdbx_initial_refinement_model.source_name      PDB 
_pdbx_initial_refinement_model.accession_code   1STF 
_pdbx_initial_refinement_model.details          'PDB ENTRY 1STF' 
# 
